data_9EKX
#
_entry.id   9EKX
#
_cell.length_a   1.00
_cell.length_b   1.00
_cell.length_c   1.00
_cell.angle_alpha   90.00
_cell.angle_beta   90.00
_cell.angle_gamma   90.00
#
_symmetry.space_group_name_H-M   'P 1'
#
loop_
_entity.id
_entity.type
_entity.pdbx_description
1 polymer Mucolipin-2
2 non-polymer N-[(1R,2R)-2-[4-(2-methoxyphenyl)piperazin-1-yl]cyclohexyl]benzenesulfonamide
#
_entity_poly.entity_id   1
_entity_poly.type   'polypeptide(L)'
_entity_poly.pdbx_seq_one_letter_code
;MARQPYRFPQARIPERGSGVFRLTVRNAMAHRDSEMKEECLREDLKFYFMSPCEKYRARRQIPWKLGLQILKIVMVTTQL
VRFGLSNQLVVAFKEDNTVAFKHLFLKGYSGTDEDDYSCSVYTQEDAYESIFFAINQYHQLKDITLGTLGYGENEDNRIG
LKVCKQHYKKGTMFPSNETLNIDNDVELDCVQLDLQDLSKKPPDWKNSSFFRLEFYRLLQVEISFHLKGIDLQTIHSREL
PDCYVFQNTIIFDNKAHSGKIKIYFDSDAKIEECKDLNIFGSTQKNAQYVLVFDAFVIVICLASLILCTRSIVLALRLRK
RFLNFFLEKYKRPVCDTDQWEFINGWYVLVIISDLMTIIGSILKMEIKAKNLTNYDLCSIFLGTSTLLVWVGVIRYLGYF
QAYNVLILTMQASLPKVLRFCACAGMIYLGYTFCGWIVLGPYHDKFENLNTVAECLFSLVNGDDMFATFAQIQQKSILVW
LFSRLYLYSFISLFIYMILSLFIALITDSYDTIKKFQQNGFPETDLQEFLKECSSKEEYQKESSAFLSCICCRRRKRSDD
HLIPIS
;
_entity_poly.pdbx_strand_id   A,B,C,D
#
loop_
_chem_comp.id
_chem_comp.type
_chem_comp.name
_chem_comp.formula
A1IV3 non-polymer N-[(1R,2R)-2-[4-(2-methoxyphenyl)piperazin-1-yl]cyclohexyl]benzenesulfonamide 'C23 H31 N3 O3 S'
#
# COMPACT_ATOMS: atom_id res chain seq x y z
N LEU A 41 53.10 -31.60 -14.35
CA LEU A 41 53.17 -31.66 -15.81
C LEU A 41 52.36 -30.53 -16.44
N ARG A 42 53.06 -29.49 -16.87
CA ARG A 42 52.40 -28.29 -17.38
C ARG A 42 51.55 -28.59 -18.61
N GLU A 43 52.00 -29.49 -19.48
CA GLU A 43 51.30 -29.74 -20.73
C GLU A 43 49.88 -30.24 -20.51
N ASP A 44 49.58 -30.73 -19.31
CA ASP A 44 48.22 -31.25 -19.01
C ASP A 44 47.48 -30.28 -18.07
N LEU A 45 48.18 -29.70 -17.09
CA LEU A 45 47.50 -28.82 -16.09
C LEU A 45 46.85 -27.62 -16.80
N LYS A 46 47.56 -27.02 -17.75
CA LYS A 46 47.03 -25.83 -18.47
C LYS A 46 45.78 -26.23 -19.25
N PHE A 47 45.85 -27.38 -19.93
CA PHE A 47 44.68 -27.87 -20.70
C PHE A 47 43.50 -28.03 -19.73
N TYR A 48 43.77 -28.60 -18.55
CA TYR A 48 42.70 -28.81 -17.54
C TYR A 48 42.09 -27.48 -17.12
N PHE A 49 42.92 -26.48 -16.82
CA PHE A 49 42.40 -25.18 -16.31
C PHE A 49 41.72 -24.38 -17.44
N MET A 50 41.92 -24.79 -18.70
CA MET A 50 41.37 -24.00 -19.83
C MET A 50 39.83 -23.91 -19.91
N SER A 51 39.31 -23.29 -20.98
CA SER A 51 37.89 -23.25 -21.27
C SER A 51 37.55 -24.17 -22.45
N PRO A 52 36.29 -24.62 -22.54
CA PRO A 52 35.92 -25.50 -23.67
C PRO A 52 36.05 -24.83 -25.02
N CYS A 53 35.86 -23.51 -25.10
CA CYS A 53 35.98 -22.82 -26.39
C CYS A 53 37.40 -22.94 -26.94
N GLU A 54 38.39 -22.93 -26.07
CA GLU A 54 39.79 -23.03 -26.50
C GLU A 54 40.24 -24.47 -26.69
N LYS A 55 39.72 -25.40 -25.89
CA LYS A 55 40.09 -26.80 -26.05
C LYS A 55 39.73 -27.34 -27.42
N TYR A 56 38.70 -26.77 -28.06
CA TYR A 56 38.30 -27.19 -29.39
C TYR A 56 39.35 -26.90 -30.45
N ARG A 57 40.35 -26.07 -30.14
CA ARG A 57 41.43 -25.78 -31.06
C ARG A 57 42.81 -26.07 -30.49
N ALA A 58 42.97 -26.14 -29.17
CA ALA A 58 44.24 -26.58 -28.59
C ALA A 58 44.41 -28.09 -28.75
N ARG A 59 43.33 -28.85 -28.61
CA ARG A 59 43.38 -30.29 -28.79
C ARG A 59 42.23 -30.82 -29.65
N ARG A 60 41.37 -29.95 -30.17
CA ARG A 60 40.27 -30.31 -31.06
C ARG A 60 39.30 -31.32 -30.43
N GLN A 61 39.17 -31.30 -29.11
CA GLN A 61 38.20 -32.14 -28.43
C GLN A 61 36.82 -31.49 -28.48
N ILE A 62 35.82 -32.26 -28.91
CA ILE A 62 34.44 -31.73 -28.96
C ILE A 62 33.90 -31.63 -27.54
N PRO A 63 33.12 -30.58 -27.21
CA PRO A 63 32.61 -30.36 -25.85
C PRO A 63 31.28 -31.05 -25.56
N TRP A 64 31.26 -32.38 -25.64
CA TRP A 64 29.99 -33.11 -25.51
C TRP A 64 29.41 -33.02 -24.10
N LYS A 65 30.24 -32.83 -23.09
CA LYS A 65 29.71 -32.67 -21.73
C LYS A 65 28.95 -31.35 -21.58
N LEU A 66 29.40 -30.30 -22.26
CA LEU A 66 28.64 -29.05 -22.27
C LEU A 66 27.30 -29.23 -22.96
N GLY A 67 27.27 -30.01 -24.04
CA GLY A 67 26.00 -30.35 -24.66
C GLY A 67 25.09 -31.13 -23.72
N LEU A 68 25.67 -32.04 -22.94
CA LEU A 68 24.88 -32.77 -21.95
C LEU A 68 24.28 -31.83 -20.93
N GLN A 69 25.08 -30.86 -20.47
CA GLN A 69 24.56 -29.89 -19.50
C GLN A 69 23.46 -29.02 -20.09
N ILE A 70 23.60 -28.60 -21.36
CA ILE A 70 22.56 -27.81 -22.00
C ILE A 70 21.28 -28.62 -22.14
N LEU A 71 21.41 -29.88 -22.54
CA LEU A 71 20.25 -30.77 -22.64
C LEU A 71 19.58 -30.93 -21.27
N LYS A 72 20.38 -31.07 -20.21
CA LYS A 72 19.83 -31.17 -18.88
C LYS A 72 19.06 -29.91 -18.50
N ILE A 73 19.60 -28.74 -18.82
CA ILE A 73 18.87 -27.50 -18.53
C ILE A 73 17.51 -27.51 -19.23
N VAL A 74 17.51 -27.84 -20.51
CA VAL A 74 16.26 -27.82 -21.28
C VAL A 74 15.25 -28.79 -20.69
N MET A 75 15.69 -30.02 -20.40
CA MET A 75 14.77 -31.05 -19.95
C MET A 75 14.24 -30.77 -18.55
N VAL A 76 15.10 -30.28 -17.66
CA VAL A 76 14.65 -29.95 -16.31
C VAL A 76 13.63 -28.81 -16.35
N THR A 77 13.90 -27.77 -17.15
CA THR A 77 12.97 -26.66 -17.21
C THR A 77 11.62 -27.09 -17.79
N THR A 78 11.64 -27.92 -18.84
CA THR A 78 10.37 -28.34 -19.44
C THR A 78 9.59 -29.28 -18.52
N GLN A 79 10.30 -30.14 -17.77
CA GLN A 79 9.64 -30.98 -16.79
C GLN A 79 8.96 -30.13 -15.72
N LEU A 80 9.65 -29.11 -15.22
CA LEU A 80 9.06 -28.25 -14.20
C LEU A 80 7.84 -27.51 -14.76
N VAL A 81 7.93 -27.04 -16.00
CA VAL A 81 6.80 -26.30 -16.58
C VAL A 81 5.58 -27.21 -16.75
N ARG A 82 5.79 -28.41 -17.28
CA ARG A 82 4.66 -29.34 -17.44
C ARG A 82 4.06 -29.70 -16.09
N PHE A 83 4.90 -29.94 -15.08
CA PHE A 83 4.42 -30.28 -13.76
C PHE A 83 3.57 -29.16 -13.17
N GLY A 84 4.04 -27.92 -13.26
CA GLY A 84 3.27 -26.80 -12.73
C GLY A 84 1.97 -26.59 -13.47
N LEU A 85 2.00 -26.72 -14.80
CA LEU A 85 0.78 -26.52 -15.58
C LEU A 85 -0.25 -27.59 -15.27
N SER A 86 0.19 -28.82 -15.01
CA SER A 86 -0.75 -29.86 -14.64
C SER A 86 -1.28 -29.68 -13.21
N ASN A 87 -0.44 -29.19 -12.31
CA ASN A 87 -0.87 -28.99 -10.92
C ASN A 87 -1.90 -27.86 -10.82
N GLN A 88 -1.74 -26.82 -11.64
CA GLN A 88 -2.65 -25.68 -11.58
C GLN A 88 -4.11 -26.12 -11.71
N LEU A 89 -4.40 -27.05 -12.61
CA LEU A 89 -5.77 -27.44 -12.87
C LEU A 89 -6.40 -28.14 -11.66
N VAL A 90 -5.67 -29.09 -11.07
CA VAL A 90 -6.20 -29.82 -9.91
C VAL A 90 -6.39 -28.86 -8.74
N VAL A 91 -5.40 -27.99 -8.49
CA VAL A 91 -5.52 -27.05 -7.39
C VAL A 91 -6.71 -26.12 -7.60
N ALA A 92 -6.88 -25.61 -8.82
CA ALA A 92 -7.98 -24.71 -9.12
C ALA A 92 -9.33 -25.41 -8.92
N PHE A 93 -9.46 -26.65 -9.39
CA PHE A 93 -10.73 -27.36 -9.23
C PHE A 93 -11.05 -27.55 -7.75
N LYS A 94 -10.07 -27.99 -6.96
CA LYS A 94 -10.32 -28.22 -5.54
C LYS A 94 -10.69 -26.92 -4.82
N GLU A 95 -9.96 -25.83 -5.11
CA GLU A 95 -10.23 -24.58 -4.41
C GLU A 95 -11.57 -23.98 -4.82
N ASP A 96 -11.92 -24.05 -6.10
CA ASP A 96 -13.22 -23.54 -6.54
C ASP A 96 -14.36 -24.33 -5.92
N ASN A 97 -14.21 -25.67 -5.84
CA ASN A 97 -15.23 -26.46 -5.17
C ASN A 97 -15.33 -26.11 -3.69
N THR A 98 -14.19 -25.82 -3.05
CA THR A 98 -14.22 -25.40 -1.65
C THR A 98 -14.96 -24.08 -1.48
N VAL A 99 -14.73 -23.12 -2.37
CA VAL A 99 -15.44 -21.84 -2.30
C VAL A 99 -16.94 -22.03 -2.49
N ALA A 100 -17.32 -22.86 -3.46
CA ALA A 100 -18.74 -23.15 -3.66
C ALA A 100 -19.33 -23.81 -2.44
N PHE A 101 -18.58 -24.71 -1.78
CA PHE A 101 -19.07 -25.35 -0.56
C PHE A 101 -19.27 -24.33 0.56
N LYS A 102 -18.32 -23.40 0.71
CA LYS A 102 -18.47 -22.37 1.73
C LYS A 102 -19.71 -21.53 1.49
N HIS A 103 -19.97 -21.16 0.24
CA HIS A 103 -21.18 -20.40 -0.06
C HIS A 103 -22.44 -21.23 0.16
N LEU A 104 -22.36 -22.54 -0.09
CA LEU A 104 -23.55 -23.38 0.04
C LEU A 104 -23.91 -23.65 1.49
N PHE A 105 -22.91 -23.88 2.34
CA PHE A 105 -23.17 -24.44 3.67
C PHE A 105 -22.98 -23.47 4.83
N LEU A 106 -22.34 -22.34 4.61
CA LEU A 106 -22.10 -21.37 5.68
C LEU A 106 -23.09 -20.22 5.55
N LYS A 107 -23.84 -19.97 6.62
CA LYS A 107 -24.88 -18.94 6.60
C LYS A 107 -24.25 -17.55 6.59
N GLY A 108 -24.70 -16.71 5.67
CA GLY A 108 -24.22 -15.34 5.61
C GLY A 108 -22.77 -15.19 5.25
N TYR A 109 -22.18 -16.20 4.60
CA TYR A 109 -20.77 -16.11 4.22
C TYR A 109 -20.57 -15.03 3.16
N SER A 110 -19.61 -14.15 3.41
CA SER A 110 -19.38 -12.98 2.57
C SER A 110 -18.47 -13.25 1.37
N GLY A 111 -17.94 -14.46 1.24
CA GLY A 111 -17.02 -14.77 0.17
C GLY A 111 -15.56 -14.56 0.49
N THR A 112 -15.24 -14.15 1.72
CA THR A 112 -13.86 -13.98 2.16
C THR A 112 -13.74 -14.44 3.60
N ASP A 113 -12.68 -15.17 3.90
CA ASP A 113 -12.49 -15.74 5.23
C ASP A 113 -12.05 -14.69 6.24
N GLU A 114 -12.43 -14.92 7.50
CA GLU A 114 -11.95 -14.11 8.61
C GLU A 114 -10.71 -14.80 9.19
N ASP A 115 -9.56 -14.44 8.64
CA ASP A 115 -8.26 -14.97 9.06
C ASP A 115 -8.25 -16.47 8.77
N ASP A 116 -7.95 -17.33 9.75
CA ASP A 116 -7.84 -18.77 9.49
C ASP A 116 -9.19 -19.48 9.54
N TYR A 117 -10.26 -18.80 9.89
CA TYR A 117 -11.60 -19.36 9.93
C TYR A 117 -12.50 -18.60 8.98
N SER A 118 -13.53 -19.28 8.48
CA SER A 118 -14.38 -18.68 7.46
C SER A 118 -15.22 -17.54 8.03
N CYS A 119 -15.88 -17.77 9.15
CA CYS A 119 -16.77 -16.77 9.74
C CYS A 119 -16.92 -17.05 11.22
N SER A 120 -17.65 -16.17 11.90
CA SER A 120 -17.82 -16.28 13.34
C SER A 120 -19.21 -15.78 13.73
N VAL A 121 -19.65 -16.22 14.91
CA VAL A 121 -20.92 -15.80 15.50
C VAL A 121 -20.66 -15.40 16.94
N TYR A 122 -21.40 -14.41 17.43
CA TYR A 122 -21.25 -13.92 18.79
C TYR A 122 -22.50 -14.09 19.65
N THR A 123 -23.59 -14.60 19.10
CA THR A 123 -24.87 -14.66 19.79
C THR A 123 -25.33 -16.11 19.87
N GLN A 124 -26.02 -16.44 20.96
CA GLN A 124 -26.52 -17.79 21.17
C GLN A 124 -27.45 -18.24 20.06
N GLU A 125 -28.20 -17.31 19.46
CA GLU A 125 -29.12 -17.67 18.39
C GLU A 125 -28.44 -17.77 17.03
N ASP A 126 -27.39 -16.96 16.79
CA ASP A 126 -26.67 -17.03 15.54
C ASP A 126 -26.03 -18.41 15.34
N ALA A 127 -25.52 -19.00 16.42
CA ALA A 127 -24.90 -20.33 16.31
C ALA A 127 -25.93 -21.38 15.93
N TYR A 128 -27.10 -21.34 16.56
CA TYR A 128 -28.16 -22.28 16.20
C TYR A 128 -28.59 -22.09 14.75
N GLU A 129 -28.72 -20.83 14.32
CA GLU A 129 -29.11 -20.58 12.93
C GLU A 129 -28.07 -21.11 11.96
N SER A 130 -26.78 -20.93 12.28
CA SER A 130 -25.74 -21.43 11.39
C SER A 130 -25.72 -22.96 11.32
N ILE A 131 -25.88 -23.62 12.47
CA ILE A 131 -25.86 -25.09 12.49
C ILE A 131 -27.06 -25.65 11.71
N PHE A 132 -28.26 -25.13 11.99
CA PHE A 132 -29.44 -25.62 11.31
C PHE A 132 -29.40 -25.28 9.83
N PHE A 133 -28.79 -24.14 9.46
CA PHE A 133 -28.62 -23.81 8.05
C PHE A 133 -27.71 -24.82 7.37
N ALA A 134 -26.60 -25.19 8.01
CA ALA A 134 -25.72 -26.18 7.42
C ALA A 134 -26.44 -27.49 7.19
N ILE A 135 -27.20 -27.95 8.20
CA ILE A 135 -27.90 -29.23 8.05
C ILE A 135 -28.97 -29.15 6.97
N ASN A 136 -29.75 -28.07 6.96
CA ASN A 136 -30.83 -27.94 5.97
C ASN A 136 -30.29 -27.81 4.56
N GLN A 137 -29.19 -27.08 4.39
CA GLN A 137 -28.56 -27.00 3.08
C GLN A 137 -28.03 -28.35 2.63
N TYR A 138 -27.52 -29.16 3.56
CA TYR A 138 -27.15 -30.53 3.19
C TYR A 138 -28.37 -31.31 2.71
N HIS A 139 -29.52 -31.13 3.39
CA HIS A 139 -30.71 -31.89 3.01
C HIS A 139 -31.18 -31.55 1.59
N GLN A 140 -31.06 -30.30 1.18
CA GLN A 140 -31.58 -29.81 -0.09
C GLN A 140 -30.53 -29.75 -1.20
N LEU A 141 -29.40 -30.42 -1.05
CA LEU A 141 -28.25 -30.21 -1.93
C LEU A 141 -28.59 -30.32 -3.40
N LYS A 142 -29.39 -31.33 -3.78
CA LYS A 142 -29.65 -31.57 -5.20
C LYS A 142 -30.38 -30.41 -5.86
N ASP A 143 -31.12 -29.62 -5.08
CA ASP A 143 -31.90 -28.51 -5.62
C ASP A 143 -31.17 -27.18 -5.61
N ILE A 144 -29.97 -27.10 -5.03
CA ILE A 144 -29.32 -25.81 -4.84
C ILE A 144 -27.99 -25.73 -5.58
N THR A 145 -27.33 -26.86 -5.77
CA THR A 145 -25.97 -26.86 -6.30
C THR A 145 -25.95 -26.65 -7.80
N LEU A 146 -24.95 -25.90 -8.28
CA LEU A 146 -24.74 -25.68 -9.70
C LEU A 146 -23.75 -26.66 -10.31
N GLY A 147 -23.03 -27.42 -9.49
CA GLY A 147 -22.00 -28.31 -9.99
C GLY A 147 -22.49 -29.72 -10.27
N THR A 148 -21.58 -30.54 -10.80
CA THR A 148 -21.83 -31.97 -10.98
C THR A 148 -21.42 -32.67 -9.68
N LEU A 149 -22.36 -32.68 -8.73
CA LEU A 149 -22.06 -32.98 -7.35
C LEU A 149 -23.15 -33.88 -6.78
N GLY A 150 -22.78 -34.73 -5.82
CA GLY A 150 -23.73 -35.65 -5.23
C GLY A 150 -23.24 -36.17 -3.90
N TYR A 151 -24.09 -36.99 -3.28
CA TYR A 151 -23.78 -37.53 -1.97
C TYR A 151 -22.80 -38.70 -2.07
N GLY A 152 -21.92 -38.81 -1.07
CA GLY A 152 -20.99 -39.92 -0.98
C GLY A 152 -21.25 -40.79 0.24
N GLU A 153 -20.88 -42.07 0.13
CA GLU A 153 -20.99 -42.98 1.26
C GLU A 153 -19.90 -42.70 2.30
N ASN A 154 -20.26 -42.77 3.58
CA ASN A 154 -19.32 -42.58 4.66
C ASN A 154 -18.62 -43.89 5.00
N GLU A 155 -17.79 -43.85 6.05
CA GLU A 155 -17.04 -45.04 6.45
C GLU A 155 -17.97 -46.18 6.86
N ASP A 156 -19.12 -45.87 7.46
CA ASP A 156 -20.10 -46.88 7.83
C ASP A 156 -20.94 -47.35 6.65
N ASN A 157 -20.60 -46.93 5.43
CA ASN A 157 -21.31 -47.23 4.19
C ASN A 157 -22.70 -46.61 4.14
N ARG A 158 -23.06 -45.82 5.15
CA ARG A 158 -24.31 -45.05 5.12
C ARG A 158 -24.12 -43.76 4.36
N ILE A 159 -25.20 -43.29 3.74
CA ILE A 159 -25.27 -41.95 3.15
C ILE A 159 -26.04 -41.08 4.13
N GLY A 160 -25.37 -40.09 4.70
CA GLY A 160 -25.99 -39.28 5.73
C GLY A 160 -25.02 -38.30 6.35
N LEU A 161 -25.49 -37.65 7.40
CA LEU A 161 -24.79 -36.55 8.06
C LEU A 161 -24.48 -36.92 9.50
N LYS A 162 -23.23 -36.73 9.91
CA LYS A 162 -22.81 -36.95 11.30
C LYS A 162 -22.45 -35.63 11.95
N VAL A 163 -23.01 -35.38 13.12
CA VAL A 163 -22.72 -34.19 13.91
C VAL A 163 -22.37 -34.61 15.33
N CYS A 164 -21.31 -34.02 15.89
CA CYS A 164 -20.78 -34.40 17.20
C CYS A 164 -20.66 -33.18 18.10
N LYS A 165 -20.85 -33.40 19.41
CA LYS A 165 -20.70 -32.36 20.42
C LYS A 165 -19.58 -32.73 21.38
N GLN A 166 -18.93 -31.71 21.94
CA GLN A 166 -17.89 -31.95 22.97
C GLN A 166 -18.14 -30.96 24.13
N HIS A 167 -18.65 -31.45 25.26
CA HIS A 167 -18.96 -30.59 26.43
C HIS A 167 -18.09 -31.00 27.62
N TYR A 168 -18.02 -30.17 28.66
CA TYR A 168 -17.30 -30.57 29.90
C TYR A 168 -18.12 -31.68 30.56
N LYS A 169 -17.51 -32.50 31.41
CA LYS A 169 -18.21 -33.72 31.90
C LYS A 169 -19.31 -33.49 32.96
N LYS A 170 -19.49 -32.27 33.46
CA LYS A 170 -20.48 -32.12 34.56
C LYS A 170 -21.34 -30.87 34.36
N GLY A 171 -22.67 -31.04 34.33
CA GLY A 171 -23.58 -29.90 34.14
C GLY A 171 -24.93 -30.35 33.61
N PRO A 175 -27.32 -24.09 37.50
CA PRO A 175 -26.31 -23.19 38.06
C PRO A 175 -25.21 -22.90 37.04
N SER A 176 -24.77 -21.64 36.95
CA SER A 176 -23.68 -21.27 36.00
C SER A 176 -22.98 -19.99 36.46
N ASN A 177 -21.65 -19.91 36.26
CA ASN A 177 -20.89 -18.68 36.57
C ASN A 177 -20.68 -18.48 38.08
N GLU A 178 -21.62 -18.90 38.94
CA GLU A 178 -21.43 -18.61 40.36
C GLU A 178 -20.87 -19.82 41.11
N THR A 179 -21.32 -21.02 40.75
CA THR A 179 -20.98 -22.23 41.50
C THR A 179 -20.64 -23.41 40.59
N LEU A 180 -20.00 -23.15 39.45
CA LEU A 180 -19.76 -24.15 38.41
C LEU A 180 -19.25 -25.48 38.98
N ASN A 181 -19.82 -26.58 38.46
CA ASN A 181 -19.39 -27.93 38.77
C ASN A 181 -18.53 -28.55 37.67
N ILE A 182 -17.95 -27.73 36.80
CA ILE A 182 -17.31 -28.19 35.58
C ILE A 182 -16.08 -29.03 35.92
N ASP A 183 -16.05 -30.27 35.42
CA ASP A 183 -14.90 -31.16 35.59
C ASP A 183 -13.86 -30.92 34.49
N ASN A 184 -12.70 -31.55 34.68
CA ASN A 184 -11.57 -31.34 33.78
C ASN A 184 -11.79 -31.98 32.41
N ASP A 185 -12.25 -33.23 32.38
CA ASP A 185 -12.32 -33.98 31.14
C ASP A 185 -13.65 -33.74 30.41
N VAL A 186 -13.70 -34.19 29.16
CA VAL A 186 -14.80 -33.86 28.24
C VAL A 186 -15.65 -35.10 27.98
N GLU A 187 -16.91 -34.85 27.63
CA GLU A 187 -17.83 -35.88 27.16
C GLU A 187 -18.15 -35.64 25.69
N LEU A 188 -18.04 -36.69 24.88
CA LEU A 188 -18.23 -36.62 23.44
C LEU A 188 -19.51 -37.36 23.05
N ASP A 189 -20.38 -36.68 22.33
CA ASP A 189 -21.67 -37.24 21.91
C ASP A 189 -21.88 -36.98 20.42
N CYS A 190 -22.29 -38.01 19.70
CA CYS A 190 -22.51 -37.93 18.26
C CYS A 190 -23.85 -38.55 17.89
N VAL A 191 -24.43 -38.05 16.80
CA VAL A 191 -25.66 -38.61 16.22
C VAL A 191 -25.51 -38.66 14.71
N GLN A 192 -26.06 -39.71 14.10
CA GLN A 192 -26.03 -39.88 12.64
C GLN A 192 -27.41 -39.58 12.08
N LEU A 193 -27.48 -38.69 11.10
CA LEU A 193 -28.73 -38.29 10.46
C LEU A 193 -28.67 -38.69 8.99
N ASP A 194 -29.49 -39.68 8.62
CA ASP A 194 -29.56 -40.13 7.23
C ASP A 194 -30.55 -39.28 6.44
N LEU A 195 -30.50 -39.44 5.12
CA LEU A 195 -31.35 -38.64 4.24
C LEU A 195 -32.83 -38.87 4.50
N GLN A 196 -33.21 -40.12 4.77
CA GLN A 196 -34.61 -40.40 5.08
C GLN A 196 -35.02 -39.86 6.45
N ASP A 197 -34.06 -39.58 7.33
CA ASP A 197 -34.39 -38.95 8.60
C ASP A 197 -34.62 -37.46 8.42
N LEU A 198 -33.74 -36.79 7.66
CA LEU A 198 -33.92 -35.37 7.39
C LEU A 198 -35.17 -35.09 6.58
N SER A 199 -35.63 -36.09 5.83
CA SER A 199 -36.80 -35.88 4.92
C SER A 199 -38.13 -35.84 5.68
N LYS A 200 -38.20 -36.49 6.84
CA LYS A 200 -39.49 -36.57 7.59
C LYS A 200 -40.24 -35.25 7.50
N LYS A 201 -41.50 -35.29 7.02
CA LYS A 201 -42.32 -34.06 6.87
C LYS A 201 -41.99 -33.09 8.01
N PRO A 202 -42.19 -33.45 9.29
CA PRO A 202 -41.79 -32.59 10.40
C PRO A 202 -40.38 -33.02 10.82
N PRO A 203 -39.32 -32.25 10.49
CA PRO A 203 -37.94 -32.66 10.80
C PRO A 203 -37.70 -32.76 12.31
N ASP A 204 -38.33 -33.73 12.97
CA ASP A 204 -38.17 -33.91 14.44
C ASP A 204 -36.74 -33.62 14.89
N TRP A 205 -35.75 -34.09 14.14
CA TRP A 205 -34.35 -33.94 14.55
C TRP A 205 -34.08 -32.53 15.07
N LYS A 206 -34.74 -31.53 14.49
CA LYS A 206 -34.53 -30.15 14.93
C LYS A 206 -35.05 -29.91 16.35
N ASN A 207 -36.01 -30.69 16.80
CA ASN A 207 -36.55 -30.60 18.15
C ASN A 207 -35.90 -31.58 19.11
N SER A 208 -34.92 -32.35 18.65
CA SER A 208 -34.34 -33.40 19.48
C SER A 208 -33.59 -32.82 20.67
N SER A 209 -33.48 -33.63 21.72
CA SER A 209 -32.71 -33.26 22.91
C SER A 209 -31.23 -33.08 22.59
N PHE A 210 -30.75 -33.63 21.47
CA PHE A 210 -29.34 -33.53 21.12
C PHE A 210 -28.89 -32.08 20.96
N PHE A 211 -29.78 -31.22 20.45
CA PHE A 211 -29.36 -29.84 20.09
C PHE A 211 -29.47 -28.86 21.26
N ARG A 212 -29.41 -29.34 22.51
CA ARG A 212 -29.32 -28.39 23.66
C ARG A 212 -27.82 -28.17 23.82
N LEU A 213 -27.30 -27.00 23.45
CA LEU A 213 -25.82 -26.82 23.40
C LEU A 213 -25.19 -26.24 24.69
N GLU A 214 -25.96 -25.88 25.71
CA GLU A 214 -25.33 -25.45 26.97
C GLU A 214 -23.96 -24.83 26.73
N PHE A 215 -23.97 -23.66 26.09
CA PHE A 215 -22.77 -23.06 25.52
C PHE A 215 -21.69 -22.76 26.56
N TYR A 216 -22.03 -22.71 27.85
CA TYR A 216 -21.00 -22.45 28.85
C TYR A 216 -20.10 -23.66 29.09
N ARG A 217 -20.56 -24.87 28.74
CA ARG A 217 -19.74 -26.08 28.79
C ARG A 217 -19.19 -26.47 27.43
N LEU A 218 -19.67 -25.86 26.35
CA LEU A 218 -19.41 -26.34 25.01
C LEU A 218 -17.96 -26.09 24.61
N LEU A 219 -17.30 -27.11 24.08
CA LEU A 219 -16.01 -26.94 23.43
C LEU A 219 -16.15 -26.71 21.94
N GLN A 220 -16.90 -27.58 21.26
CA GLN A 220 -17.07 -27.46 19.82
C GLN A 220 -18.25 -28.30 19.37
N VAL A 221 -18.75 -27.98 18.17
CA VAL A 221 -19.69 -28.82 17.44
C VAL A 221 -19.11 -29.07 16.05
N GLU A 222 -19.11 -30.33 15.62
CA GLU A 222 -18.54 -30.72 14.34
C GLU A 222 -19.61 -31.36 13.45
N ILE A 223 -19.73 -30.87 12.22
CA ILE A 223 -20.60 -31.46 11.21
C ILE A 223 -19.72 -31.98 10.07
N SER A 224 -19.92 -33.24 9.71
CA SER A 224 -19.08 -33.91 8.73
C SER A 224 -19.92 -34.71 7.75
N PHE A 225 -19.52 -34.70 6.48
CA PHE A 225 -20.22 -35.41 5.43
C PHE A 225 -19.31 -35.59 4.23
N HIS A 226 -19.71 -36.50 3.33
CA HIS A 226 -18.95 -36.81 2.12
C HIS A 226 -19.75 -36.44 0.88
N LEU A 227 -19.05 -35.91 -0.12
CA LEU A 227 -19.66 -35.54 -1.40
C LEU A 227 -18.85 -36.10 -2.56
N LYS A 228 -19.54 -36.63 -3.57
CA LYS A 228 -18.92 -37.05 -4.81
C LYS A 228 -18.92 -35.90 -5.81
N GLY A 229 -17.88 -35.84 -6.63
CA GLY A 229 -17.78 -34.82 -7.66
C GLY A 229 -17.10 -35.36 -8.90
N ILE A 230 -17.23 -34.59 -9.99
CA ILE A 230 -16.61 -34.92 -11.27
C ILE A 230 -16.01 -33.66 -11.85
N ASP A 231 -14.76 -33.74 -12.31
CA ASP A 231 -14.12 -32.65 -13.05
C ASP A 231 -14.51 -32.75 -14.52
N LEU A 232 -15.76 -32.35 -14.79
CA LEU A 232 -16.33 -32.51 -16.13
C LEU A 232 -15.66 -31.63 -17.18
N GLN A 233 -14.93 -30.60 -16.77
CA GLN A 233 -14.27 -29.72 -17.73
C GLN A 233 -13.26 -30.47 -18.59
N THR A 234 -12.70 -31.57 -18.06
CA THR A 234 -11.71 -32.35 -18.79
C THR A 234 -12.30 -33.15 -19.94
N ILE A 235 -13.63 -33.20 -20.07
CA ILE A 235 -14.26 -34.08 -21.05
C ILE A 235 -13.86 -33.72 -22.47
N HIS A 236 -13.47 -32.46 -22.71
CA HIS A 236 -13.15 -32.05 -24.08
C HIS A 236 -11.92 -32.76 -24.63
N SER A 237 -11.09 -33.34 -23.77
CA SER A 237 -9.91 -34.07 -24.22
C SER A 237 -10.23 -35.48 -24.70
N ARG A 238 -11.49 -35.92 -24.58
CA ARG A 238 -11.91 -37.28 -24.91
C ARG A 238 -11.29 -38.29 -23.95
N GLU A 239 -10.61 -37.80 -22.91
CA GLU A 239 -10.16 -38.65 -21.82
C GLU A 239 -11.30 -38.87 -20.84
N LEU A 240 -11.26 -39.99 -20.12
CA LEU A 240 -12.23 -40.24 -19.08
C LEU A 240 -12.07 -39.21 -17.96
N PRO A 241 -13.14 -38.54 -17.54
CA PRO A 241 -12.99 -37.45 -16.57
C PRO A 241 -12.62 -37.96 -15.18
N ASP A 242 -11.89 -37.12 -14.45
CA ASP A 242 -11.47 -37.43 -13.09
C ASP A 242 -12.62 -37.19 -12.11
N CYS A 243 -13.03 -38.24 -11.41
CA CYS A 243 -13.97 -38.10 -10.31
C CYS A 243 -13.25 -37.68 -9.02
N TYR A 244 -14.02 -37.17 -8.09
CA TYR A 244 -13.50 -36.72 -6.79
C TYR A 244 -14.43 -37.16 -5.68
N VAL A 245 -13.87 -37.30 -4.49
CA VAL A 245 -14.64 -37.46 -3.26
C VAL A 245 -14.17 -36.40 -2.27
N PHE A 246 -15.11 -35.61 -1.77
CA PHE A 246 -14.81 -34.53 -0.84
C PHE A 246 -15.23 -34.95 0.57
N GLN A 247 -14.29 -34.91 1.51
CA GLN A 247 -14.58 -35.11 2.92
C GLN A 247 -14.67 -33.73 3.57
N ASN A 248 -15.88 -33.32 3.95
CA ASN A 248 -16.15 -31.97 4.41
C ASN A 248 -16.46 -31.99 5.90
N THR A 249 -15.86 -31.07 6.64
CA THR A 249 -16.13 -30.89 8.06
C THR A 249 -16.38 -29.41 8.34
N ILE A 250 -17.39 -29.13 9.16
CA ILE A 250 -17.66 -27.79 9.67
C ILE A 250 -17.47 -27.83 11.17
N ILE A 251 -16.57 -26.99 11.68
CA ILE A 251 -16.25 -26.94 13.10
C ILE A 251 -16.76 -25.62 13.65
N PHE A 252 -17.64 -25.71 14.65
CA PHE A 252 -18.12 -24.55 15.39
C PHE A 252 -17.34 -24.49 16.69
N ASP A 253 -16.29 -23.67 16.70
CA ASP A 253 -15.23 -23.77 17.70
C ASP A 253 -15.29 -22.59 18.66
N ASN A 254 -15.36 -22.89 19.96
CA ASN A 254 -15.20 -21.89 21.01
C ASN A 254 -14.31 -22.43 22.12
N LYS A 255 -13.14 -22.95 21.74
CA LYS A 255 -12.16 -23.36 22.74
C LYS A 255 -11.77 -22.19 23.65
N ALA A 256 -11.73 -20.98 23.11
CA ALA A 256 -11.33 -19.82 23.88
C ALA A 256 -12.34 -19.44 24.96
N HIS A 257 -13.61 -19.80 24.78
CA HIS A 257 -14.68 -19.43 25.70
C HIS A 257 -14.76 -17.91 25.91
N SER A 258 -14.36 -17.13 24.90
CA SER A 258 -14.34 -15.68 24.99
C SER A 258 -15.61 -15.04 24.45
N GLY A 259 -16.66 -15.81 24.22
CA GLY A 259 -17.91 -15.29 23.70
C GLY A 259 -18.03 -15.26 22.20
N LYS A 260 -17.02 -15.74 21.47
CA LYS A 260 -17.10 -15.88 20.03
C LYS A 260 -16.90 -17.33 19.63
N ILE A 261 -17.72 -17.82 18.70
CA ILE A 261 -17.55 -19.13 18.09
C ILE A 261 -16.94 -18.93 16.71
N LYS A 262 -15.79 -19.55 16.47
CA LYS A 262 -15.15 -19.52 15.16
C LYS A 262 -15.64 -20.70 14.33
N ILE A 263 -15.97 -20.44 13.08
CA ILE A 263 -16.55 -21.45 12.19
C ILE A 263 -15.51 -21.80 11.13
N TYR A 264 -15.04 -23.05 11.16
CA TYR A 264 -14.05 -23.54 10.21
C TYR A 264 -14.73 -24.47 9.20
N PHE A 265 -14.41 -24.28 7.92
CA PHE A 265 -14.79 -25.21 6.88
C PHE A 265 -13.54 -25.80 6.24
N ASP A 266 -13.48 -27.12 6.18
CA ASP A 266 -12.35 -27.84 5.60
C ASP A 266 -12.86 -28.89 4.63
N SER A 267 -12.13 -29.08 3.53
CA SER A 267 -12.49 -30.06 2.51
C SER A 267 -11.24 -30.84 2.11
N ASP A 268 -11.32 -32.17 2.19
CA ASP A 268 -10.25 -33.07 1.79
C ASP A 268 -10.71 -33.87 0.57
N ALA A 269 -10.04 -33.68 -0.56
CA ALA A 269 -10.46 -34.25 -1.84
C ALA A 269 -9.53 -35.40 -2.24
N LYS A 270 -10.12 -36.54 -2.61
CA LYS A 270 -9.41 -37.68 -3.14
C LYS A 270 -9.96 -38.06 -4.50
N ILE A 271 -9.11 -38.63 -5.36
CA ILE A 271 -9.52 -38.94 -6.73
C ILE A 271 -10.46 -40.14 -6.78
N GLU A 272 -10.21 -41.16 -5.97
CA GLU A 272 -10.99 -42.42 -5.95
C GLU A 272 -11.02 -42.99 -7.38
N GLU A 273 -12.19 -43.32 -7.93
CA GLU A 273 -12.24 -43.98 -9.22
C GLU A 273 -13.55 -43.61 -9.94
N CYS A 274 -13.44 -43.41 -11.25
CA CYS A 274 -14.59 -43.15 -12.12
C CYS A 274 -15.25 -44.47 -12.54
N LYS A 275 -15.84 -45.13 -11.55
CA LYS A 275 -16.13 -46.56 -11.68
C LYS A 275 -17.39 -46.90 -12.44
N ASP A 276 -18.36 -45.96 -12.45
CA ASP A 276 -19.64 -46.16 -13.17
C ASP A 276 -20.05 -44.86 -13.86
N LEU A 277 -19.72 -44.70 -15.14
CA LEU A 277 -20.14 -43.50 -15.92
C LEU A 277 -20.31 -43.91 -17.39
N ASN A 278 -21.24 -43.28 -18.11
CA ASN A 278 -21.53 -43.69 -19.50
C ASN A 278 -21.01 -42.62 -20.48
N ILE A 279 -20.13 -41.74 -19.99
CA ILE A 279 -19.59 -40.63 -20.85
C ILE A 279 -18.71 -41.24 -21.95
N PHE A 280 -19.18 -41.20 -23.20
CA PHE A 280 -18.43 -41.81 -24.34
C PHE A 280 -17.12 -41.05 -24.55
N GLY A 281 -16.08 -41.75 -24.99
CA GLY A 281 -14.77 -41.12 -25.20
C GLY A 281 -13.64 -42.12 -25.06
N SER A 282 -12.57 -41.76 -24.34
CA SER A 282 -11.40 -42.66 -24.14
C SER A 282 -10.86 -42.52 -22.72
N THR A 283 -10.12 -43.53 -22.23
CA THR A 283 -9.56 -43.49 -20.86
C THR A 283 -8.25 -42.72 -20.88
N GLN A 284 -7.58 -42.59 -19.73
CA GLN A 284 -6.34 -41.76 -19.69
C GLN A 284 -5.16 -42.62 -19.20
N LYS A 285 -4.31 -43.07 -20.11
CA LYS A 285 -3.13 -43.88 -19.74
C LYS A 285 -1.87 -43.15 -20.24
N ASN A 286 -1.90 -41.82 -20.19
CA ASN A 286 -0.73 -41.00 -20.65
C ASN A 286 0.40 -41.16 -19.62
N ALA A 287 0.10 -41.79 -18.48
CA ALA A 287 1.16 -42.05 -17.48
C ALA A 287 2.42 -42.58 -18.14
N GLN A 288 2.26 -43.56 -19.04
CA GLN A 288 3.41 -44.09 -19.80
C GLN A 288 4.24 -42.90 -20.29
N TYR A 289 3.62 -41.95 -21.01
CA TYR A 289 4.37 -40.81 -21.58
C TYR A 289 5.07 -40.04 -20.45
N VAL A 290 4.33 -39.64 -19.43
CA VAL A 290 4.91 -38.83 -18.32
C VAL A 290 5.98 -39.66 -17.59
N LEU A 291 5.75 -40.96 -17.42
CA LEU A 291 6.70 -41.80 -16.64
C LEU A 291 7.99 -41.97 -17.44
N VAL A 292 7.91 -41.94 -18.77
CA VAL A 292 9.11 -42.17 -19.63
C VAL A 292 9.93 -40.87 -19.68
N PHE A 293 9.28 -39.71 -19.64
CA PHE A 293 10.04 -38.47 -19.58
C PHE A 293 10.74 -38.33 -18.22
N ASP A 294 10.07 -38.71 -17.13
CA ASP A 294 10.74 -38.68 -15.84
C ASP A 294 11.90 -39.65 -15.78
N ALA A 295 11.75 -40.83 -16.40
CA ALA A 295 12.86 -41.77 -16.48
C ALA A 295 14.02 -41.18 -17.27
N PHE A 296 13.73 -40.49 -18.38
CA PHE A 296 14.79 -39.84 -19.16
C PHE A 296 15.50 -38.78 -18.33
N VAL A 297 14.74 -37.98 -17.58
CA VAL A 297 15.34 -36.94 -16.74
C VAL A 297 16.25 -37.57 -15.68
N ILE A 298 15.77 -38.65 -15.05
CA ILE A 298 16.57 -39.33 -14.04
C ILE A 298 17.87 -39.85 -14.64
N VAL A 299 17.79 -40.47 -15.82
CA VAL A 299 18.97 -41.02 -16.47
C VAL A 299 19.98 -39.92 -16.80
N ILE A 300 19.50 -38.80 -17.35
CA ILE A 300 20.40 -37.73 -17.73
C ILE A 300 21.07 -37.11 -16.51
N CYS A 301 20.30 -36.90 -15.44
CA CYS A 301 20.89 -36.34 -14.22
C CYS A 301 21.91 -37.30 -13.61
N LEU A 302 21.63 -38.61 -13.68
CA LEU A 302 22.59 -39.59 -13.19
C LEU A 302 23.90 -39.52 -13.98
N ALA A 303 23.80 -39.44 -15.31
CA ALA A 303 24.99 -39.34 -16.13
C ALA A 303 25.79 -38.07 -15.80
N SER A 304 25.09 -36.94 -15.64
CA SER A 304 25.76 -35.70 -15.30
C SER A 304 26.46 -35.80 -13.96
N LEU A 305 25.82 -36.41 -12.97
CA LEU A 305 26.42 -36.59 -11.66
C LEU A 305 27.68 -37.45 -11.73
N ILE A 306 27.61 -38.56 -12.48
CA ILE A 306 28.76 -39.44 -12.61
C ILE A 306 29.92 -38.70 -13.25
N LEU A 307 29.64 -37.95 -14.32
CA LEU A 307 30.71 -37.22 -15.01
C LEU A 307 31.31 -36.13 -14.14
N CYS A 308 30.49 -35.42 -13.36
CA CYS A 308 31.03 -34.37 -12.50
C CYS A 308 31.90 -34.94 -11.40
N THR A 309 31.46 -36.06 -10.80
CA THR A 309 32.29 -36.70 -9.77
C THR A 309 33.61 -37.20 -10.37
N ARG A 310 33.55 -37.74 -11.60
CA ARG A 310 34.78 -38.16 -12.26
C ARG A 310 35.72 -36.97 -12.51
N SER A 311 35.16 -35.83 -12.92
CA SER A 311 35.98 -34.63 -13.11
C SER A 311 36.63 -34.20 -11.80
N ILE A 312 35.88 -34.27 -10.69
CA ILE A 312 36.45 -33.90 -9.39
C ILE A 312 37.58 -34.85 -9.01
N VAL A 313 37.39 -36.15 -9.24
CA VAL A 313 38.45 -37.12 -8.95
C VAL A 313 39.70 -36.83 -9.76
N LEU A 314 39.53 -36.54 -11.06
CA LEU A 314 40.67 -36.23 -11.91
C LEU A 314 41.38 -34.96 -11.45
N ALA A 315 40.62 -33.95 -11.03
CA ALA A 315 41.22 -32.73 -10.52
C ALA A 315 42.02 -32.99 -9.25
N LEU A 316 41.49 -33.85 -8.38
CA LEU A 316 42.23 -34.20 -7.16
C LEU A 316 43.51 -34.98 -7.48
N ARG A 317 43.46 -35.87 -8.46
CA ARG A 317 44.68 -36.55 -8.88
C ARG A 317 45.70 -35.57 -9.44
N LEU A 318 45.24 -34.59 -10.21
CA LEU A 318 46.14 -33.54 -10.67
C LEU A 318 46.75 -32.77 -9.51
N ARG A 319 45.95 -32.46 -8.50
CA ARG A 319 46.45 -31.74 -7.33
C ARG A 319 47.52 -32.53 -6.61
N LYS A 320 47.29 -33.84 -6.40
CA LYS A 320 48.29 -34.66 -5.72
C LYS A 320 49.54 -34.80 -6.56
N ARG A 321 49.39 -34.91 -7.89
CA ARG A 321 50.55 -34.96 -8.77
C ARG A 321 51.36 -33.68 -8.68
N PHE A 322 50.69 -32.53 -8.62
CA PHE A 322 51.38 -31.26 -8.45
C PHE A 322 52.10 -31.19 -7.11
N LEU A 323 51.43 -31.66 -6.04
CA LEU A 323 52.06 -31.66 -4.72
C LEU A 323 53.30 -32.55 -4.70
N ASN A 324 53.25 -33.69 -5.37
CA ASN A 324 54.39 -34.62 -5.36
C ASN A 324 55.49 -34.22 -6.32
N PHE A 325 55.18 -33.46 -7.37
CA PHE A 325 56.15 -33.22 -8.43
C PHE A 325 57.32 -32.37 -7.94
N PHE A 326 57.04 -31.23 -7.32
CA PHE A 326 58.09 -30.28 -7.00
C PHE A 326 57.69 -29.46 -5.77
N LEU A 327 58.71 -28.96 -5.07
CA LEU A 327 58.51 -28.07 -3.93
C LEU A 327 57.88 -26.76 -4.38
N ASP A 338 49.74 -21.18 -8.64
CA ASP A 338 48.79 -22.24 -8.37
C ASP A 338 48.24 -22.13 -6.95
N GLN A 339 47.16 -22.86 -6.67
CA GLN A 339 46.49 -22.80 -5.39
C GLN A 339 45.93 -24.18 -5.07
N TRP A 340 45.73 -24.44 -3.78
CA TRP A 340 45.18 -25.71 -3.33
C TRP A 340 43.81 -26.00 -3.92
N GLU A 341 43.06 -24.96 -4.29
CA GLU A 341 41.68 -25.13 -4.75
C GLU A 341 41.66 -25.58 -6.21
N PHE A 342 42.04 -26.85 -6.42
CA PHE A 342 41.86 -27.48 -7.71
C PHE A 342 40.41 -27.85 -7.98
N ILE A 343 39.60 -27.99 -6.93
CA ILE A 343 38.20 -28.37 -7.08
C ILE A 343 37.42 -27.19 -7.65
N ASN A 344 36.76 -27.40 -8.78
CA ASN A 344 35.87 -26.41 -9.35
C ASN A 344 34.59 -26.38 -8.54
N GLY A 345 34.30 -25.23 -7.90
CA GLY A 345 33.14 -25.13 -7.04
C GLY A 345 31.81 -25.25 -7.77
N TRP A 346 31.79 -25.00 -9.08
CA TRP A 346 30.56 -25.17 -9.84
C TRP A 346 30.14 -26.63 -9.93
N TYR A 347 31.10 -27.55 -9.87
CA TYR A 347 30.78 -28.97 -9.89
C TYR A 347 29.94 -29.38 -8.68
N VAL A 348 30.23 -28.82 -7.51
CA VAL A 348 29.48 -29.17 -6.30
C VAL A 348 28.02 -28.77 -6.45
N LEU A 349 27.78 -27.57 -6.99
CA LEU A 349 26.41 -27.10 -7.23
C LEU A 349 25.69 -28.02 -8.22
N VAL A 350 26.39 -28.46 -9.26
CA VAL A 350 25.79 -29.37 -10.24
C VAL A 350 25.43 -30.69 -9.59
N ILE A 351 26.30 -31.22 -8.74
CA ILE A 351 26.01 -32.49 -8.06
C ILE A 351 24.79 -32.34 -7.15
N ILE A 352 24.72 -31.25 -6.39
CA ILE A 352 23.56 -31.02 -5.53
C ILE A 352 22.29 -30.94 -6.36
N SER A 353 22.34 -30.20 -7.48
CA SER A 353 21.16 -30.04 -8.30
C SER A 353 20.73 -31.38 -8.91
N ASP A 354 21.70 -32.19 -9.34
CA ASP A 354 21.36 -33.49 -9.91
C ASP A 354 20.74 -34.41 -8.86
N LEU A 355 21.28 -34.43 -7.64
CA LEU A 355 20.69 -35.24 -6.59
C LEU A 355 19.26 -34.80 -6.30
N MET A 356 19.03 -33.49 -6.17
CA MET A 356 17.69 -33.00 -5.90
C MET A 356 16.74 -33.31 -7.04
N THR A 357 17.20 -33.18 -8.30
CA THR A 357 16.34 -33.50 -9.44
C THR A 357 15.97 -34.97 -9.45
N ILE A 358 16.94 -35.84 -9.18
CA ILE A 358 16.67 -37.28 -9.17
C ILE A 358 15.63 -37.62 -8.11
N ILE A 359 15.83 -37.14 -6.89
CA ILE A 359 14.90 -37.51 -5.82
C ILE A 359 13.52 -36.89 -6.05
N GLY A 360 13.48 -35.66 -6.57
CA GLY A 360 12.20 -35.05 -6.88
C GLY A 360 11.46 -35.76 -8.00
N SER A 361 12.17 -36.26 -9.01
CA SER A 361 11.53 -37.03 -10.06
C SER A 361 10.99 -38.35 -9.51
N ILE A 362 11.74 -39.00 -8.62
CA ILE A 362 11.24 -40.22 -7.97
C ILE A 362 9.97 -39.92 -7.18
N LEU A 363 9.97 -38.82 -6.43
CA LEU A 363 8.78 -38.43 -5.67
C LEU A 363 7.60 -38.17 -6.59
N LYS A 364 7.83 -37.49 -7.73
CA LYS A 364 6.76 -37.22 -8.66
C LYS A 364 6.19 -38.50 -9.25
N MET A 365 7.07 -39.43 -9.62
CA MET A 365 6.60 -40.72 -10.15
C MET A 365 5.80 -41.47 -9.09
N GLU A 366 6.24 -41.42 -7.83
CA GLU A 366 5.50 -42.07 -6.76
C GLU A 366 4.12 -41.45 -6.59
N ILE A 367 4.05 -40.12 -6.60
CA ILE A 367 2.77 -39.42 -6.44
C ILE A 367 1.81 -39.78 -7.57
N LYS A 368 2.32 -39.82 -8.80
CA LYS A 368 1.45 -40.16 -9.93
C LYS A 368 1.02 -41.62 -9.89
N ALA A 369 1.93 -42.51 -9.50
CA ALA A 369 1.60 -43.93 -9.45
C ALA A 369 0.55 -44.22 -8.38
N LYS A 370 0.65 -43.55 -7.23
CA LYS A 370 -0.33 -43.72 -6.16
C LYS A 370 -1.50 -42.75 -6.27
N ASN A 371 -1.53 -41.93 -7.33
CA ASN A 371 -2.67 -41.07 -7.63
C ASN A 371 -2.95 -40.08 -6.50
N LEU A 372 -1.89 -39.55 -5.90
CA LEU A 372 -2.02 -38.55 -4.85
C LEU A 372 -2.22 -37.16 -5.48
N THR A 373 -2.57 -36.20 -4.62
CA THR A 373 -2.82 -34.83 -5.07
C THR A 373 -2.10 -33.80 -4.18
N ASN A 374 -1.12 -34.23 -3.39
CA ASN A 374 -0.32 -33.33 -2.57
C ASN A 374 1.09 -33.25 -3.16
N TYR A 375 1.58 -32.03 -3.39
CA TYR A 375 2.79 -31.83 -4.16
C TYR A 375 3.88 -31.03 -3.46
N ASP A 376 3.77 -30.78 -2.16
CA ASP A 376 4.65 -29.80 -1.51
C ASP A 376 6.12 -30.20 -1.59
N LEU A 377 6.45 -31.41 -1.14
CA LEU A 377 7.85 -31.80 -1.05
C LEU A 377 8.47 -31.97 -2.43
N CYS A 378 7.74 -32.62 -3.34
CA CYS A 378 8.22 -32.78 -4.72
C CYS A 378 8.41 -31.42 -5.38
N SER A 379 7.47 -30.50 -5.16
CA SER A 379 7.61 -29.16 -5.72
C SER A 379 8.85 -28.46 -5.17
N ILE A 380 9.11 -28.61 -3.87
CA ILE A 380 10.29 -27.97 -3.28
C ILE A 380 11.55 -28.53 -3.92
N PHE A 381 11.64 -29.86 -4.03
CA PHE A 381 12.85 -30.47 -4.58
C PHE A 381 13.06 -30.04 -6.03
N LEU A 382 12.03 -30.15 -6.85
CA LEU A 382 12.17 -29.83 -8.27
C LEU A 382 12.45 -28.34 -8.47
N GLY A 383 11.78 -27.47 -7.71
CA GLY A 383 11.99 -26.04 -7.88
C GLY A 383 13.38 -25.60 -7.46
N THR A 384 13.86 -26.13 -6.33
CA THR A 384 15.22 -25.79 -5.91
C THR A 384 16.25 -26.34 -6.90
N SER A 385 16.00 -27.54 -7.43
CA SER A 385 16.87 -28.08 -8.46
C SER A 385 16.91 -27.17 -9.68
N THR A 386 15.75 -26.70 -10.14
CA THR A 386 15.71 -25.81 -11.30
C THR A 386 16.41 -24.48 -11.01
N LEU A 387 16.18 -23.93 -9.83
CA LEU A 387 16.86 -22.68 -9.44
C LEU A 387 18.36 -22.84 -9.49
N LEU A 388 18.89 -23.93 -8.91
CA LEU A 388 20.33 -24.14 -8.93
C LEU A 388 20.83 -24.45 -10.34
N VAL A 389 20.00 -25.06 -11.19
CA VAL A 389 20.40 -25.35 -12.56
C VAL A 389 20.57 -24.05 -13.34
N TRP A 390 19.67 -23.09 -13.16
CA TRP A 390 19.78 -21.84 -13.89
C TRP A 390 20.89 -20.95 -13.34
N VAL A 391 21.16 -21.03 -12.04
CA VAL A 391 22.29 -20.32 -11.46
C VAL A 391 23.60 -20.83 -12.07
N GLY A 392 23.68 -22.13 -12.33
CA GLY A 392 24.89 -22.73 -12.89
C GLY A 392 25.20 -22.30 -14.31
N VAL A 393 24.30 -21.60 -14.98
CA VAL A 393 24.59 -21.08 -16.32
C VAL A 393 25.66 -19.99 -16.25
N ILE A 394 25.77 -19.32 -15.10
CA ILE A 394 26.77 -18.27 -14.93
C ILE A 394 28.18 -18.80 -15.16
N ARG A 395 28.39 -20.09 -14.91
CA ARG A 395 29.69 -20.71 -15.18
C ARG A 395 30.10 -20.51 -16.64
N TYR A 396 29.14 -20.58 -17.56
CA TYR A 396 29.44 -20.42 -18.98
C TYR A 396 29.63 -18.96 -19.38
N LEU A 397 29.08 -18.02 -18.61
CA LEU A 397 29.36 -16.61 -18.83
C LEU A 397 30.74 -16.23 -18.33
N GLY A 398 31.25 -16.91 -17.32
CA GLY A 398 32.57 -16.65 -16.79
C GLY A 398 33.71 -16.90 -17.76
N TYR A 399 33.45 -17.60 -18.86
CA TYR A 399 34.45 -17.83 -19.89
C TYR A 399 34.69 -16.61 -20.76
N PHE A 400 34.10 -15.47 -20.43
CA PHE A 400 34.26 -14.23 -21.19
C PHE A 400 34.71 -13.14 -20.22
N GLN A 401 35.72 -12.37 -20.64
CA GLN A 401 36.37 -11.42 -19.75
C GLN A 401 35.41 -10.38 -19.21
N ALA A 402 34.56 -9.81 -20.08
CA ALA A 402 33.70 -8.71 -19.64
C ALA A 402 32.74 -9.13 -18.55
N TYR A 403 32.38 -10.41 -18.49
CA TYR A 403 31.46 -10.93 -17.49
C TYR A 403 32.19 -11.44 -16.25
N ASN A 404 33.42 -11.90 -16.41
CA ASN A 404 34.13 -12.54 -15.31
C ASN A 404 34.39 -11.57 -14.16
N VAL A 405 34.66 -10.31 -14.47
CA VAL A 405 35.03 -9.35 -13.41
C VAL A 405 33.88 -9.14 -12.45
N LEU A 406 32.63 -9.15 -12.95
CA LEU A 406 31.48 -8.96 -12.08
C LEU A 406 31.26 -10.18 -11.18
N ILE A 407 31.47 -11.38 -11.72
CA ILE A 407 31.38 -12.59 -10.92
C ILE A 407 32.43 -12.56 -9.81
N LEU A 408 33.66 -12.18 -10.16
CA LEU A 408 34.71 -12.07 -9.15
C LEU A 408 34.39 -10.99 -8.14
N THR A 409 33.74 -9.92 -8.56
CA THR A 409 33.31 -8.88 -7.62
C THR A 409 32.29 -9.42 -6.62
N MET A 410 31.32 -10.21 -7.10
CA MET A 410 30.34 -10.80 -6.18
C MET A 410 31.00 -11.79 -5.22
N GLN A 411 31.94 -12.60 -5.74
CA GLN A 411 32.64 -13.56 -4.90
C GLN A 411 33.45 -12.85 -3.81
N ALA A 412 34.11 -11.75 -4.17
CA ALA A 412 34.85 -10.98 -3.18
C ALA A 412 33.92 -10.27 -2.20
N SER A 413 32.71 -9.92 -2.66
CA SER A 413 31.79 -9.15 -1.84
C SER A 413 31.16 -10.00 -0.74
N LEU A 414 30.77 -11.23 -1.07
CA LEU A 414 29.96 -12.03 -0.15
C LEU A 414 30.55 -12.17 1.26
N PRO A 415 31.83 -12.55 1.46
CA PRO A 415 32.29 -12.80 2.84
C PRO A 415 32.24 -11.59 3.76
N LYS A 416 32.69 -10.42 3.29
CA LYS A 416 32.74 -9.25 4.16
C LYS A 416 31.34 -8.71 4.44
N VAL A 417 30.44 -8.85 3.46
CA VAL A 417 29.04 -8.50 3.69
C VAL A 417 28.43 -9.40 4.75
N LEU A 418 28.73 -10.70 4.72
CA LEU A 418 28.22 -11.59 5.76
C LEU A 418 28.86 -11.29 7.11
N ARG A 419 30.14 -10.92 7.14
CA ARG A 419 30.77 -10.59 8.42
C ARG A 419 30.23 -9.29 8.99
N PHE A 420 29.75 -8.38 8.15
CA PHE A 420 29.03 -7.21 8.66
C PHE A 420 27.60 -7.56 9.05
N CYS A 421 26.96 -8.50 8.35
CA CYS A 421 25.66 -8.99 8.77
C CYS A 421 25.73 -9.60 10.17
N ALA A 422 26.88 -10.18 10.51
CA ALA A 422 27.05 -10.74 11.86
C ALA A 422 26.90 -9.66 12.93
N CYS A 423 27.48 -8.48 12.69
CA CYS A 423 27.33 -7.38 13.63
C CYS A 423 25.92 -6.80 13.60
N ALA A 424 25.37 -6.61 12.41
CA ALA A 424 24.04 -6.03 12.29
C ALA A 424 22.97 -6.92 12.92
N GLY A 425 23.18 -8.23 12.94
CA GLY A 425 22.17 -9.14 13.43
C GLY A 425 21.91 -9.04 14.92
N MET A 426 22.91 -8.61 15.70
CA MET A 426 22.71 -8.47 17.14
C MET A 426 21.80 -7.28 17.45
N ILE A 427 22.04 -6.15 16.78
CA ILE A 427 21.14 -5.01 16.88
C ILE A 427 19.74 -5.40 16.41
N TYR A 428 19.67 -6.17 15.31
CA TYR A 428 18.39 -6.63 14.81
C TYR A 428 17.66 -7.49 15.82
N LEU A 429 18.37 -8.41 16.49
CA LEU A 429 17.74 -9.26 17.50
C LEU A 429 17.26 -8.47 18.70
N GLY A 430 18.09 -7.54 19.19
CA GLY A 430 17.67 -6.72 20.31
C GLY A 430 16.41 -5.92 19.99
N TYR A 431 16.38 -5.30 18.81
CA TYR A 431 15.19 -4.56 18.40
C TYR A 431 13.99 -5.48 18.23
N THR A 432 14.18 -6.70 17.72
CA THR A 432 13.07 -7.62 17.58
C THR A 432 12.47 -7.98 18.93
N PHE A 433 13.31 -8.31 19.90
CA PHE A 433 12.80 -8.65 21.22
C PHE A 433 12.11 -7.46 21.88
N CYS A 434 12.71 -6.27 21.79
CA CYS A 434 12.12 -5.10 22.43
C CYS A 434 10.78 -4.73 21.80
N GLY A 435 10.72 -4.76 20.46
CA GLY A 435 9.46 -4.45 19.79
C GLY A 435 8.37 -5.47 20.08
N TRP A 436 8.74 -6.75 20.14
CA TRP A 436 7.77 -7.77 20.50
C TRP A 436 7.23 -7.56 21.90
N ILE A 437 8.11 -7.28 22.86
CA ILE A 437 7.67 -7.17 24.24
C ILE A 437 6.85 -5.91 24.46
N VAL A 438 7.21 -4.81 23.78
CA VAL A 438 6.55 -3.53 24.06
C VAL A 438 5.36 -3.30 23.13
N LEU A 439 5.59 -3.30 21.83
CA LEU A 439 4.57 -2.91 20.86
C LEU A 439 3.60 -4.03 20.51
N GLY A 440 3.91 -5.27 20.91
CA GLY A 440 3.08 -6.41 20.58
C GLY A 440 1.64 -6.33 21.04
N PRO A 441 1.36 -5.95 22.29
CA PRO A 441 -0.03 -5.80 22.73
C PRO A 441 -0.78 -4.67 22.04
N TYR A 442 -0.10 -3.79 21.32
CA TYR A 442 -0.74 -2.62 20.73
C TYR A 442 -0.58 -2.50 19.23
N HIS A 443 0.01 -3.48 18.56
CA HIS A 443 0.33 -3.34 17.14
C HIS A 443 0.22 -4.71 16.48
N ASP A 444 -0.55 -4.78 15.39
CA ASP A 444 -0.73 -6.05 14.70
C ASP A 444 0.55 -6.56 14.06
N LYS A 445 1.46 -5.66 13.68
CA LYS A 445 2.71 -6.07 13.06
C LYS A 445 3.74 -6.57 14.07
N PHE A 446 3.46 -6.46 15.37
CA PHE A 446 4.40 -6.88 16.41
C PHE A 446 3.83 -7.96 17.32
N GLU A 447 2.74 -8.61 16.91
CA GLU A 447 2.06 -9.55 17.80
C GLU A 447 2.96 -10.71 18.22
N ASN A 448 3.72 -11.27 17.28
CA ASN A 448 4.60 -12.38 17.60
C ASN A 448 5.95 -12.17 16.90
N LEU A 449 6.95 -12.90 17.37
CA LEU A 449 8.34 -12.59 17.04
C LEU A 449 8.64 -12.68 15.56
N ASN A 450 8.10 -13.68 14.86
CA ASN A 450 8.37 -13.81 13.43
C ASN A 450 7.76 -12.66 12.65
N THR A 451 6.55 -12.23 13.04
CA THR A 451 5.95 -11.06 12.43
C THR A 451 6.78 -9.82 12.71
N VAL A 452 7.34 -9.72 13.91
CA VAL A 452 8.23 -8.59 14.24
C VAL A 452 9.44 -8.60 13.32
N ALA A 453 10.06 -9.76 13.13
CA ALA A 453 11.24 -9.85 12.29
C ALA A 453 10.94 -9.49 10.84
N GLU A 454 9.83 -9.98 10.31
CA GLU A 454 9.48 -9.64 8.93
C GLU A 454 9.09 -8.18 8.78
N CYS A 455 8.40 -7.62 9.79
CA CYS A 455 8.08 -6.21 9.77
C CYS A 455 9.33 -5.36 9.77
N LEU A 456 10.30 -5.69 10.62
CA LEU A 456 11.55 -4.93 10.66
C LEU A 456 12.33 -5.08 9.35
N PHE A 457 12.34 -6.28 8.78
CA PHE A 457 13.04 -6.48 7.51
C PHE A 457 12.41 -5.65 6.40
N SER A 458 11.07 -5.63 6.34
CA SER A 458 10.39 -4.78 5.37
C SER A 458 10.66 -3.30 5.65
N LEU A 459 10.71 -2.93 6.93
CA LEU A 459 10.92 -1.54 7.33
C LEU A 459 12.31 -1.04 6.93
N VAL A 460 13.31 -1.90 7.00
CA VAL A 460 14.65 -1.53 6.54
C VAL A 460 14.63 -1.18 5.06
N ASN A 461 13.77 -1.85 4.29
CA ASN A 461 13.62 -1.60 2.86
C ASN A 461 12.56 -0.55 2.56
N GLY A 462 12.10 0.20 3.56
CA GLY A 462 11.22 1.32 3.35
C GLY A 462 9.77 0.98 3.09
N ASP A 463 9.35 -0.26 3.29
CA ASP A 463 8.00 -0.66 2.94
C ASP A 463 7.03 -0.37 4.07
N ASP A 464 5.87 0.20 3.72
CA ASP A 464 4.73 0.37 4.63
C ASP A 464 5.10 1.15 5.89
N MET A 465 5.95 2.17 5.74
CA MET A 465 6.48 2.88 6.90
C MET A 465 5.40 3.73 7.58
N PHE A 466 4.65 4.52 6.81
CA PHE A 466 3.67 5.42 7.40
C PHE A 466 2.55 4.65 8.08
N ALA A 467 2.10 3.56 7.46
CA ALA A 467 1.08 2.73 8.10
C ALA A 467 1.60 2.12 9.40
N THR A 468 2.89 1.74 9.42
CA THR A 468 3.49 1.23 10.65
C THR A 468 3.48 2.30 11.73
N PHE A 469 3.78 3.54 11.38
CA PHE A 469 3.73 4.63 12.35
C PHE A 469 2.30 4.87 12.84
N ALA A 470 1.32 4.85 11.93
CA ALA A 470 -0.04 5.21 12.26
C ALA A 470 -0.83 4.09 12.94
N GLN A 471 -0.36 2.85 12.87
CA GLN A 471 -1.17 1.71 13.28
C GLN A 471 -1.28 1.55 14.78
N ILE A 472 -0.54 2.33 15.57
CA ILE A 472 -0.51 2.18 17.02
C ILE A 472 -1.25 3.35 17.65
N GLN A 473 -2.25 3.04 18.47
CA GLN A 473 -3.09 4.07 19.07
C GLN A 473 -2.35 4.85 20.15
N GLN A 474 -2.78 6.09 20.35
CA GLN A 474 -2.30 6.95 21.41
C GLN A 474 -3.08 6.77 22.71
N LYS A 475 -3.72 5.62 22.89
CA LYS A 475 -4.49 5.36 24.12
C LYS A 475 -3.56 5.39 25.33
N SER A 476 -2.40 4.76 25.22
CA SER A 476 -1.36 4.83 26.23
C SER A 476 -0.25 5.75 25.73
N ILE A 477 -0.04 6.87 26.43
CA ILE A 477 0.92 7.87 25.96
C ILE A 477 2.35 7.36 26.08
N LEU A 478 2.64 6.60 27.13
CA LEU A 478 3.99 6.08 27.33
C LEU A 478 4.39 5.14 26.20
N VAL A 479 3.49 4.23 25.83
CA VAL A 479 3.78 3.28 24.75
C VAL A 479 3.89 4.00 23.42
N TRP A 480 3.08 5.04 23.21
CA TRP A 480 3.15 5.80 21.96
C TRP A 480 4.49 6.53 21.83
N LEU A 481 4.93 7.18 22.90
CA LEU A 481 6.24 7.84 22.86
C LEU A 481 7.36 6.83 22.64
N PHE A 482 7.29 5.69 23.34
CA PHE A 482 8.30 4.66 23.13
C PHE A 482 8.29 4.14 21.70
N SER A 483 7.10 3.97 21.12
CA SER A 483 7.02 3.52 19.73
C SER A 483 7.65 4.52 18.78
N ARG A 484 7.45 5.81 19.03
CA ARG A 484 8.08 6.81 18.18
C ARG A 484 9.59 6.75 18.28
N LEU A 485 10.11 6.71 19.51
CA LEU A 485 11.55 6.60 19.71
C LEU A 485 12.11 5.36 19.03
N TYR A 486 11.44 4.22 19.25
CA TYR A 486 11.88 2.93 18.72
C TYR A 486 11.92 2.95 17.19
N LEU A 487 10.82 3.36 16.56
CA LEU A 487 10.75 3.35 15.11
C LEU A 487 11.75 4.31 14.50
N TYR A 488 11.85 5.53 15.04
CA TYR A 488 12.79 6.48 14.48
C TYR A 488 14.22 5.96 14.59
N SER A 489 14.60 5.43 15.76
CA SER A 489 15.97 4.96 15.94
C SER A 489 16.27 3.80 15.00
N PHE A 490 15.38 2.81 14.93
CA PHE A 490 15.64 1.64 14.09
C PHE A 490 15.74 2.04 12.62
N ILE A 491 14.74 2.76 12.11
CA ILE A 491 14.72 3.09 10.69
C ILE A 491 15.94 3.93 10.34
N SER A 492 16.24 4.93 11.16
CA SER A 492 17.38 5.79 10.88
C SER A 492 18.67 5.00 10.85
N LEU A 493 18.94 4.23 11.92
CA LEU A 493 20.19 3.50 12.00
C LEU A 493 20.36 2.55 10.83
N PHE A 494 19.34 1.74 10.54
CA PHE A 494 19.53 0.69 9.54
C PHE A 494 19.55 1.25 8.12
N ILE A 495 18.64 2.18 7.80
CA ILE A 495 18.61 2.68 6.44
C ILE A 495 19.81 3.57 6.16
N TYR A 496 20.12 4.50 7.08
CA TYR A 496 21.12 5.51 6.77
C TYR A 496 22.53 5.13 7.19
N MET A 497 22.73 3.99 7.85
CA MET A 497 24.14 3.67 8.20
C MET A 497 24.51 2.25 7.72
N ILE A 498 23.76 1.24 8.12
CA ILE A 498 24.09 -0.16 7.76
C ILE A 498 23.98 -0.39 6.25
N LEU A 499 22.92 0.09 5.63
CA LEU A 499 22.75 -0.14 4.19
C LEU A 499 23.81 0.67 3.44
N SER A 500 24.22 1.80 3.99
CA SER A 500 25.26 2.64 3.35
C SER A 500 26.61 1.91 3.42
N LEU A 501 26.89 1.22 4.53
CA LEU A 501 28.15 0.42 4.62
C LEU A 501 28.05 -0.80 3.70
N PHE A 502 26.86 -1.34 3.48
CA PHE A 502 26.73 -2.44 2.48
C PHE A 502 27.05 -1.91 1.10
N ILE A 503 26.64 -0.69 0.76
CA ILE A 503 27.00 -0.08 -0.57
C ILE A 503 28.51 0.17 -0.66
N ALA A 504 29.14 0.65 0.39
CA ALA A 504 30.57 0.95 0.42
C ALA A 504 31.42 -0.31 0.26
N LEU A 505 31.03 -1.40 0.92
CA LEU A 505 31.75 -2.66 0.78
C LEU A 505 31.69 -3.18 -0.65
N ILE A 506 30.51 -3.10 -1.28
CA ILE A 506 30.37 -3.57 -2.66
C ILE A 506 31.24 -2.74 -3.59
N THR A 507 31.22 -1.41 -3.42
CA THR A 507 32.02 -0.55 -4.27
C THR A 507 33.51 -0.81 -4.11
N ASP A 508 33.96 -1.01 -2.86
CA ASP A 508 35.37 -1.29 -2.65
C ASP A 508 35.78 -2.64 -3.24
N SER A 509 34.90 -3.65 -3.17
CA SER A 509 35.20 -4.92 -3.81
C SER A 509 35.33 -4.76 -5.32
N TYR A 510 34.42 -3.99 -5.92
CA TYR A 510 34.49 -3.75 -7.36
C TYR A 510 35.79 -3.05 -7.73
N ASP A 511 36.18 -2.03 -6.96
CA ASP A 511 37.41 -1.31 -7.25
C ASP A 511 38.62 -2.23 -7.15
N THR A 512 38.66 -3.08 -6.11
CA THR A 512 39.79 -3.99 -5.96
C THR A 512 39.89 -4.95 -7.13
N ILE A 513 38.78 -5.59 -7.50
CA ILE A 513 38.82 -6.56 -8.59
C ILE A 513 39.17 -5.89 -9.90
N LYS A 514 38.59 -4.71 -10.17
CA LYS A 514 38.87 -4.02 -11.42
C LYS A 514 40.32 -3.60 -11.52
N LYS A 515 40.89 -3.05 -10.44
CA LYS A 515 42.29 -2.65 -10.51
C LYS A 515 43.22 -3.85 -10.62
N PHE A 516 42.85 -4.98 -10.02
CA PHE A 516 43.64 -6.19 -10.21
C PHE A 516 43.62 -6.66 -11.66
N GLN A 517 42.43 -6.63 -12.28
CA GLN A 517 42.30 -7.09 -13.66
C GLN A 517 43.00 -6.14 -14.62
N GLN A 518 42.94 -4.83 -14.35
CA GLN A 518 43.54 -3.85 -15.25
C GLN A 518 45.06 -3.83 -15.11
N ASN A 519 45.56 -3.72 -13.87
CA ASN A 519 47.00 -3.59 -13.68
C ASN A 519 47.73 -4.91 -13.86
N GLY A 520 47.07 -6.02 -13.55
CA GLY A 520 47.71 -7.32 -13.64
C GLY A 520 48.60 -7.61 -12.45
N LEU B 41 53.44 1.51 34.15
CA LEU B 41 53.96 0.15 34.20
C LEU B 41 53.42 -0.66 33.02
N ARG B 42 54.28 -0.84 32.00
CA ARG B 42 53.85 -1.49 30.78
C ARG B 42 53.41 -2.92 31.01
N GLU B 43 54.06 -3.65 31.92
CA GLU B 43 53.76 -5.06 32.12
C GLU B 43 52.32 -5.30 32.54
N ASP B 44 51.65 -4.25 33.04
CA ASP B 44 50.24 -4.39 33.48
C ASP B 44 49.30 -3.70 32.48
N LEU B 45 49.68 -2.54 31.96
CA LEU B 45 48.77 -1.77 31.06
C LEU B 45 48.43 -2.60 29.82
N LYS B 46 49.43 -3.28 29.24
CA LYS B 46 49.20 -4.09 28.02
C LYS B 46 48.23 -5.22 28.35
N PHE B 47 48.45 -5.89 29.48
CA PHE B 47 47.55 -6.98 29.90
C PHE B 47 46.13 -6.43 30.02
N TYR B 48 45.99 -5.25 30.61
CA TYR B 48 44.66 -4.61 30.78
C TYR B 48 44.01 -4.36 29.42
N PHE B 49 44.75 -3.79 28.48
CA PHE B 49 44.15 -3.42 27.16
C PHE B 49 43.89 -4.69 26.31
N MET B 50 44.45 -5.83 26.71
CA MET B 50 44.30 -7.06 25.87
C MET B 50 42.87 -7.60 25.71
N SER B 51 42.73 -8.75 25.05
CA SER B 51 41.47 -9.46 24.93
C SER B 51 41.47 -10.71 25.80
N PRO B 52 40.29 -11.20 26.19
CA PRO B 52 40.23 -12.40 27.03
C PRO B 52 40.80 -13.64 26.35
N CYS B 53 40.70 -13.74 25.02
CA CYS B 53 41.24 -14.91 24.32
C CYS B 53 42.75 -15.01 24.51
N GLU B 54 43.43 -13.87 24.57
CA GLU B 54 44.89 -13.85 24.72
C GLU B 54 45.31 -13.94 26.19
N LYS B 55 44.53 -13.37 27.10
CA LYS B 55 44.86 -13.44 28.53
C LYS B 55 44.92 -14.89 29.02
N TYR B 56 44.16 -15.79 28.39
CA TYR B 56 44.16 -17.19 28.78
C TYR B 56 45.50 -17.86 28.52
N ARG B 57 46.39 -17.24 27.75
CA ARG B 57 47.72 -17.78 27.50
C ARG B 57 48.84 -16.83 27.87
N ALA B 58 48.58 -15.51 27.96
CA ALA B 58 49.59 -14.60 28.48
C ALA B 58 49.74 -14.74 29.99
N ARG B 59 48.63 -14.96 30.70
CA ARG B 59 48.66 -15.17 32.14
C ARG B 59 47.82 -16.34 32.59
N ARG B 60 47.19 -17.07 31.68
CA ARG B 60 46.40 -18.26 31.97
C ARG B 60 45.25 -17.99 32.93
N GLN B 61 44.72 -16.77 32.92
CA GLN B 61 43.54 -16.45 33.71
C GLN B 61 42.28 -16.90 33.00
N ILE B 62 41.43 -17.63 33.70
CA ILE B 62 40.16 -18.08 33.11
C ILE B 62 39.21 -16.89 32.99
N PRO B 63 38.41 -16.79 31.91
CA PRO B 63 37.53 -15.64 31.70
C PRO B 63 36.14 -15.78 32.31
N TRP B 64 36.08 -15.92 33.63
CA TRP B 64 34.81 -16.19 34.30
C TRP B 64 33.83 -15.03 34.19
N LYS B 65 34.31 -13.80 34.07
CA LYS B 65 33.40 -12.66 33.90
C LYS B 65 32.69 -12.72 32.54
N LEU B 66 33.38 -13.20 31.51
CA LEU B 66 32.71 -13.40 30.23
C LEU B 66 31.64 -14.47 30.32
N GLY B 67 31.91 -15.53 31.08
CA GLY B 67 30.87 -16.52 31.35
C GLY B 67 29.69 -15.92 32.09
N LEU B 68 29.96 -15.03 33.04
CA LEU B 68 28.88 -14.36 33.75
C LEU B 68 28.03 -13.54 32.78
N GLN B 69 28.69 -12.82 31.86
CA GLN B 69 27.95 -12.02 30.88
C GLN B 69 27.13 -12.90 29.94
N ILE B 70 27.67 -14.05 29.52
CA ILE B 70 26.91 -14.96 28.66
C ILE B 70 25.69 -15.51 29.41
N LEU B 71 25.88 -15.89 30.66
CA LEU B 71 24.77 -16.36 31.49
C LEU B 71 23.71 -15.26 31.64
N LYS B 72 24.15 -14.01 31.82
CA LYS B 72 23.20 -12.91 31.92
C LYS B 72 22.40 -12.75 30.63
N ILE B 73 23.07 -12.87 29.48
CA ILE B 73 22.36 -12.78 28.20
C ILE B 73 21.28 -13.84 28.14
N VAL B 74 21.64 -15.08 28.45
CA VAL B 74 20.69 -16.19 28.35
C VAL B 74 19.51 -15.97 29.29
N MET B 75 19.78 -15.59 30.53
CA MET B 75 18.72 -15.48 31.52
C MET B 75 17.80 -14.29 31.23
N VAL B 76 18.37 -13.16 30.80
CA VAL B 76 17.55 -12.01 30.46
C VAL B 76 16.64 -12.33 29.28
N THR B 77 17.20 -12.98 28.24
CA THR B 77 16.37 -13.29 27.07
C THR B 77 15.25 -14.27 27.43
N THR B 78 15.55 -15.29 28.24
CA THR B 78 14.50 -16.25 28.58
C THR B 78 13.44 -15.63 29.50
N GLN B 79 13.85 -14.74 30.41
CA GLN B 79 12.87 -14.03 31.22
C GLN B 79 11.94 -13.19 30.37
N LEU B 80 12.50 -12.47 29.38
CA LEU B 80 11.66 -11.67 28.51
C LEU B 80 10.71 -12.53 27.70
N VAL B 81 11.19 -13.68 27.20
CA VAL B 81 10.33 -14.56 26.41
C VAL B 81 9.18 -15.12 27.25
N ARG B 82 9.48 -15.60 28.46
CA ARG B 82 8.42 -16.12 29.33
C ARG B 82 7.42 -15.02 29.67
N PHE B 83 7.90 -13.82 29.97
CA PHE B 83 7.02 -12.70 30.30
C PHE B 83 6.08 -12.38 29.14
N GLY B 84 6.63 -12.28 27.93
CA GLY B 84 5.78 -11.98 26.77
C GLY B 84 4.77 -13.07 26.49
N LEU B 85 5.20 -14.34 26.59
CA LEU B 85 4.29 -15.45 26.32
C LEU B 85 3.16 -15.49 27.34
N SER B 86 3.45 -15.15 28.60
CA SER B 86 2.39 -15.11 29.60
C SER B 86 1.47 -13.91 29.41
N ASN B 87 2.02 -12.77 28.96
CA ASN B 87 1.19 -11.58 28.77
C ASN B 87 0.23 -11.76 27.60
N GLN B 88 0.68 -12.47 26.55
CA GLN B 88 -0.15 -12.66 25.37
C GLN B 88 -1.52 -13.23 25.72
N LEU B 89 -1.57 -14.21 26.63
CA LEU B 89 -2.82 -14.88 26.94
C LEU B 89 -3.81 -13.95 27.62
N VAL B 90 -3.34 -13.19 28.62
CA VAL B 90 -4.22 -12.26 29.33
C VAL B 90 -4.73 -11.18 28.39
N VAL B 91 -3.82 -10.62 27.57
CA VAL B 91 -4.23 -9.57 26.64
C VAL B 91 -5.26 -10.12 25.65
N ALA B 92 -5.02 -11.31 25.12
CA ALA B 92 -5.94 -11.90 24.16
C ALA B 92 -7.31 -12.14 24.78
N PHE B 93 -7.34 -12.67 26.01
CA PHE B 93 -8.63 -12.92 26.65
C PHE B 93 -9.41 -11.62 26.85
N LYS B 94 -8.73 -10.58 27.35
CA LYS B 94 -9.42 -9.31 27.58
C LYS B 94 -9.93 -8.71 26.27
N GLU B 95 -9.10 -8.72 25.23
CA GLU B 95 -9.51 -8.10 23.97
C GLU B 95 -10.63 -8.88 23.28
N ASP B 96 -10.57 -10.21 23.32
CA ASP B 96 -11.65 -11.01 22.75
C ASP B 96 -12.96 -10.79 23.49
N ASN B 97 -12.91 -10.71 24.83
CA ASN B 97 -14.12 -10.41 25.57
C ASN B 97 -14.64 -9.02 25.23
N THR B 98 -13.75 -8.05 25.02
CA THR B 98 -14.18 -6.71 24.62
C THR B 98 -14.88 -6.74 23.26
N VAL B 99 -14.34 -7.51 22.31
CA VAL B 99 -14.98 -7.59 20.99
C VAL B 99 -16.36 -8.25 21.10
N ALA B 100 -16.46 -9.32 21.88
CA ALA B 100 -17.76 -9.94 22.11
C ALA B 100 -18.73 -8.97 22.75
N PHE B 101 -18.26 -8.15 23.70
CA PHE B 101 -19.12 -7.15 24.33
C PHE B 101 -19.60 -6.12 23.32
N LYS B 102 -18.72 -5.66 22.44
CA LYS B 102 -19.12 -4.70 21.42
C LYS B 102 -20.19 -5.29 20.50
N HIS B 103 -20.03 -6.54 20.11
CA HIS B 103 -21.06 -7.18 19.28
C HIS B 103 -22.36 -7.36 20.05
N LEU B 104 -22.27 -7.64 21.35
CA LEU B 104 -23.48 -7.89 22.14
C LEU B 104 -24.28 -6.63 22.40
N PHE B 105 -23.60 -5.52 22.70
CA PHE B 105 -24.28 -4.35 23.26
C PHE B 105 -24.41 -3.17 22.32
N LEU B 106 -23.68 -3.14 21.22
CA LEU B 106 -23.73 -2.02 20.28
C LEU B 106 -24.58 -2.41 19.08
N LYS B 107 -25.60 -1.62 18.80
CA LYS B 107 -26.54 -1.92 17.72
C LYS B 107 -25.88 -1.70 16.36
N GLY B 108 -25.99 -2.68 15.49
CA GLY B 108 -25.46 -2.56 14.15
C GLY B 108 -23.96 -2.46 14.07
N TYR B 109 -23.24 -2.91 15.09
CA TYR B 109 -21.79 -2.85 15.08
C TYR B 109 -21.22 -3.76 14.00
N SER B 110 -20.34 -3.21 13.17
CA SER B 110 -19.82 -3.91 12.00
C SER B 110 -18.60 -4.78 12.31
N GLY B 111 -18.11 -4.78 13.54
CA GLY B 111 -16.92 -5.52 13.89
C GLY B 111 -15.62 -4.76 13.75
N THR B 112 -15.66 -3.49 13.37
CA THR B 112 -14.48 -2.65 13.29
C THR B 112 -14.83 -1.25 13.77
N ASP B 113 -13.94 -0.66 14.56
CA ASP B 113 -14.20 0.64 15.17
C ASP B 113 -14.04 1.76 14.14
N GLU B 114 -14.79 2.85 14.37
CA GLU B 114 -14.65 4.08 13.60
C GLU B 114 -13.68 4.98 14.36
N ASP B 115 -12.40 4.81 14.06
CA ASP B 115 -11.30 5.60 14.67
C ASP B 115 -11.29 5.29 16.16
N ASP B 116 -11.34 6.28 17.05
CA ASP B 116 -11.22 6.03 18.47
C ASP B 116 -12.54 5.64 19.13
N TYR B 117 -13.64 5.68 18.38
CA TYR B 117 -14.95 5.28 18.89
C TYR B 117 -15.49 4.12 18.06
N SER B 118 -16.34 3.31 18.68
CA SER B 118 -16.81 2.10 18.03
C SER B 118 -17.74 2.41 16.85
N CYS B 119 -18.72 3.29 17.06
CA CYS B 119 -19.69 3.60 16.03
C CYS B 119 -20.30 4.96 16.32
N SER B 120 -21.16 5.41 15.41
CA SER B 120 -21.77 6.73 15.52
C SER B 120 -23.18 6.69 14.96
N VAL B 121 -23.99 7.67 15.39
CA VAL B 121 -25.35 7.85 14.91
C VAL B 121 -25.54 9.32 14.56
N TYR B 122 -26.34 9.58 13.53
CA TYR B 122 -26.59 10.94 13.06
C TYR B 122 -28.04 11.37 13.18
N THR B 123 -28.94 10.49 13.62
CA THR B 123 -30.37 10.76 13.64
C THR B 123 -30.90 10.67 15.06
N GLN B 124 -31.92 11.48 15.36
CA GLN B 124 -32.50 11.50 16.69
C GLN B 124 -33.08 10.13 17.07
N GLU B 125 -33.55 9.36 16.10
CA GLU B 125 -34.13 8.05 16.39
C GLU B 125 -33.07 6.97 16.50
N ASP B 126 -31.97 7.08 15.75
CA ASP B 126 -30.89 6.10 15.85
C ASP B 126 -30.29 6.07 17.24
N ALA B 127 -30.16 7.23 17.89
CA ALA B 127 -29.60 7.28 19.24
C ALA B 127 -30.51 6.56 20.23
N TYR B 128 -31.82 6.82 20.15
CA TYR B 128 -32.76 6.12 21.02
C TYR B 128 -32.71 4.62 20.79
N GLU B 129 -32.64 4.21 19.52
CA GLU B 129 -32.58 2.78 19.23
C GLU B 129 -31.32 2.16 19.80
N SER B 130 -30.18 2.85 19.70
CA SER B 130 -28.95 2.30 20.23
C SER B 130 -28.98 2.20 21.75
N ILE B 131 -29.50 3.23 22.43
CA ILE B 131 -29.57 3.21 23.89
C ILE B 131 -30.49 2.09 24.38
N PHE B 132 -31.69 2.01 23.79
CA PHE B 132 -32.62 0.98 24.21
C PHE B 132 -32.12 -0.41 23.85
N PHE B 133 -31.38 -0.53 22.75
CA PHE B 133 -30.77 -1.81 22.41
C PHE B 133 -29.75 -2.23 23.45
N ALA B 134 -28.91 -1.28 23.88
CA ALA B 134 -27.92 -1.61 24.92
C ALA B 134 -28.61 -2.08 26.19
N ILE B 135 -29.65 -1.37 26.63
CA ILE B 135 -30.32 -1.76 27.86
C ILE B 135 -31.01 -3.12 27.70
N ASN B 136 -31.71 -3.33 26.59
CA ASN B 136 -32.43 -4.58 26.39
C ASN B 136 -31.48 -5.77 26.27
N GLN B 137 -30.34 -5.58 25.59
CA GLN B 137 -29.34 -6.62 25.53
C GLN B 137 -28.75 -6.92 26.90
N TYR B 138 -28.60 -5.92 27.75
CA TYR B 138 -28.20 -6.20 29.13
C TYR B 138 -29.24 -7.05 29.84
N HIS B 139 -30.53 -6.75 29.61
CA HIS B 139 -31.58 -7.50 30.30
C HIS B 139 -31.57 -8.98 29.92
N GLN B 140 -31.28 -9.28 28.66
CA GLN B 140 -31.37 -10.64 28.13
C GLN B 140 -30.04 -11.38 28.11
N LEU B 141 -29.03 -10.92 28.85
CA LEU B 141 -27.65 -11.39 28.68
C LEU B 141 -27.54 -12.91 28.76
N LYS B 142 -28.22 -13.54 29.71
CA LYS B 142 -28.05 -14.97 29.93
C LYS B 142 -28.50 -15.79 28.71
N ASP B 143 -29.40 -15.26 27.90
CA ASP B 143 -29.93 -15.97 26.74
C ASP B 143 -29.17 -15.70 25.45
N ILE B 144 -28.21 -14.78 25.45
CA ILE B 144 -27.59 -14.37 24.18
C ILE B 144 -26.10 -14.67 24.17
N THR B 145 -25.46 -14.67 25.34
CA THR B 145 -24.00 -14.76 25.40
C THR B 145 -23.51 -16.19 25.16
N LEU B 146 -22.39 -16.30 24.46
CA LEU B 146 -21.74 -17.59 24.24
C LEU B 146 -20.66 -17.90 25.26
N GLY B 147 -20.25 -16.92 26.08
CA GLY B 147 -19.16 -17.11 27.00
C GLY B 147 -19.61 -17.57 28.37
N THR B 148 -18.62 -17.81 29.24
CA THR B 148 -18.86 -18.11 30.66
C THR B 148 -18.91 -16.77 31.39
N LEU B 149 -20.09 -16.15 31.35
CA LEU B 149 -20.25 -14.74 31.71
C LEU B 149 -21.50 -14.56 32.55
N GLY B 150 -21.48 -13.56 33.42
CA GLY B 150 -22.60 -13.33 34.30
C GLY B 150 -22.57 -11.92 34.86
N TYR B 151 -23.60 -11.61 35.64
CA TYR B 151 -23.73 -10.27 36.23
C TYR B 151 -22.82 -10.11 37.44
N GLY B 152 -22.29 -8.91 37.61
CA GLY B 152 -21.49 -8.56 38.77
C GLY B 152 -22.15 -7.50 39.65
N GLU B 153 -21.83 -7.53 40.94
CA GLU B 153 -22.31 -6.51 41.86
C GLU B 153 -21.59 -5.19 41.65
N ASN B 154 -22.32 -4.09 41.72
CA ASN B 154 -21.74 -2.77 41.59
C ASN B 154 -21.24 -2.26 42.94
N GLU B 155 -20.77 -1.01 42.96
CA GLU B 155 -20.24 -0.43 44.19
C GLU B 155 -21.30 -0.36 45.29
N ASP B 156 -22.56 -0.13 44.93
CA ASP B 156 -23.65 -0.11 45.89
C ASP B 156 -24.11 -1.51 46.29
N ASN B 157 -23.39 -2.55 45.87
CA ASN B 157 -23.70 -3.95 46.13
C ASN B 157 -24.99 -4.40 45.42
N ARG B 158 -25.60 -3.54 44.63
CA ARG B 158 -26.74 -3.92 43.81
C ARG B 158 -26.28 -4.55 42.50
N ILE B 159 -27.09 -5.46 41.98
CA ILE B 159 -26.91 -5.99 40.63
C ILE B 159 -27.91 -5.27 39.73
N GLY B 160 -27.40 -4.49 38.79
CA GLY B 160 -28.27 -3.68 37.97
C GLY B 160 -27.48 -2.77 37.05
N LEU B 161 -28.23 -1.88 36.39
CA LEU B 161 -27.71 -1.02 35.33
C LEU B 161 -27.88 0.44 35.73
N LYS B 162 -26.81 1.22 35.61
CA LYS B 162 -26.84 2.65 35.88
C LYS B 162 -26.63 3.42 34.59
N VAL B 163 -27.51 4.38 34.32
CA VAL B 163 -27.42 5.26 33.16
C VAL B 163 -27.55 6.71 33.63
N CYS B 164 -26.68 7.57 33.09
CA CYS B 164 -26.59 8.96 33.52
C CYS B 164 -26.69 9.90 32.32
N LYS B 165 -27.29 11.07 32.54
CA LYS B 165 -27.41 12.11 31.53
C LYS B 165 -26.66 13.36 31.97
N GLN B 166 -26.17 14.12 31.00
CA GLN B 166 -25.50 15.42 31.30
C GLN B 166 -26.05 16.47 30.32
N HIS B 167 -26.90 17.37 30.80
CA HIS B 167 -27.51 18.42 29.94
C HIS B 167 -27.07 19.81 30.41
N TYR B 168 -27.27 20.84 29.60
CA TYR B 168 -26.98 22.23 30.05
C TYR B 168 -28.02 22.58 31.12
N LYS B 169 -27.74 23.56 31.99
CA LYS B 169 -28.61 23.76 33.18
C LYS B 169 -29.97 24.44 32.91
N LYS B 170 -30.24 24.91 31.69
CA LYS B 170 -31.51 25.66 31.50
C LYS B 170 -32.21 25.24 30.20
N GLY B 171 -33.46 24.81 30.30
CA GLY B 171 -34.23 24.37 29.12
C GLY B 171 -35.37 23.45 29.49
N PRO B 175 -38.55 26.61 23.17
CA PRO B 175 -37.72 27.47 22.33
C PRO B 175 -36.35 26.84 22.07
N SER B 176 -35.84 26.93 20.84
CA SER B 176 -34.51 26.38 20.51
C SER B 176 -33.91 27.05 19.28
N ASN B 177 -32.59 27.27 19.28
CA ASN B 177 -31.90 27.84 18.08
C ASN B 177 -32.16 29.34 17.92
N GLU B 178 -33.33 29.86 18.31
CA GLU B 178 -33.57 31.27 18.04
C GLU B 178 -33.32 32.13 19.28
N THR B 179 -33.70 31.62 20.46
CA THR B 179 -33.66 32.40 21.70
C THR B 179 -33.11 31.61 22.87
N LEU B 180 -32.14 30.71 22.64
CA LEU B 180 -31.63 29.78 23.64
C LEU B 180 -31.39 30.42 24.99
N ASN B 181 -31.82 29.74 26.05
CA ASN B 181 -31.57 30.12 27.43
C ASN B 181 -30.45 29.31 28.07
N ILE B 182 -29.58 28.69 27.27
CA ILE B 182 -28.62 27.70 27.75
C ILE B 182 -27.60 28.38 28.66
N ASP B 183 -27.47 27.88 29.90
CA ASP B 183 -26.48 28.36 30.85
C ASP B 183 -25.14 27.63 30.65
N ASN B 184 -24.12 28.16 31.34
CA ASN B 184 -22.76 27.65 31.17
C ASN B 184 -22.58 26.26 31.79
N ASP B 185 -23.07 26.05 33.00
CA ASP B 185 -22.79 24.82 33.74
C ASP B 185 -23.82 23.74 33.43
N VAL B 186 -23.51 22.52 33.84
CA VAL B 186 -24.25 21.32 33.46
C VAL B 186 -25.04 20.77 34.63
N GLU B 187 -26.12 20.07 34.31
CA GLU B 187 -26.89 19.31 35.29
C GLU B 187 -26.74 17.82 35.01
N LEU B 188 -26.44 17.05 36.06
CA LEU B 188 -26.17 15.62 35.96
C LEU B 188 -27.30 14.84 36.62
N ASP B 189 -27.89 13.91 35.88
CA ASP B 189 -29.01 13.10 36.38
C ASP B 189 -28.74 11.63 36.08
N CYS B 190 -28.96 10.78 37.09
CA CYS B 190 -28.72 9.34 36.97
C CYS B 190 -29.91 8.57 37.51
N VAL B 191 -30.11 7.37 36.97
CA VAL B 191 -31.12 6.44 37.45
C VAL B 191 -30.52 5.04 37.50
N GLN B 192 -30.91 4.25 38.50
CA GLN B 192 -30.44 2.88 38.65
C GLN B 192 -31.58 1.92 38.28
N LEU B 193 -31.29 1.00 37.37
CA LEU B 193 -32.27 0.02 36.90
C LEU B 193 -31.79 -1.38 37.28
N ASP B 194 -32.49 -2.01 38.22
CA ASP B 194 -32.16 -3.35 38.65
C ASP B 194 -32.83 -4.39 37.74
N LEU B 195 -32.37 -5.64 37.88
CA LEU B 195 -32.87 -6.72 37.02
C LEU B 195 -34.37 -6.91 37.18
N GLN B 196 -34.88 -6.81 38.41
CA GLN B 196 -36.32 -6.96 38.62
C GLN B 196 -37.10 -5.77 38.09
N ASP B 197 -36.45 -4.62 37.87
CA ASP B 197 -37.12 -3.49 37.23
C ASP B 197 -37.21 -3.69 35.73
N LEU B 198 -36.12 -4.13 35.10
CA LEU B 198 -36.13 -4.40 33.66
C LEU B 198 -37.07 -5.53 33.31
N SER B 199 -37.32 -6.43 34.27
CA SER B 199 -38.14 -7.64 33.99
C SER B 199 -39.64 -7.32 33.89
N LYS B 200 -40.09 -6.25 34.55
CA LYS B 200 -41.55 -5.94 34.58
C LYS B 200 -42.18 -6.22 33.22
N LYS B 201 -43.22 -7.05 33.18
CA LYS B 201 -43.90 -7.42 31.91
C LYS B 201 -43.89 -6.20 30.97
N PRO B 202 -44.49 -5.05 31.34
CA PRO B 202 -44.41 -3.85 30.52
C PRO B 202 -43.21 -3.04 31.03
N PRO B 203 -42.08 -2.99 30.31
CA PRO B 203 -40.88 -2.30 30.80
C PRO B 203 -41.13 -0.79 30.93
N ASP B 204 -41.96 -0.38 31.88
CA ASP B 204 -42.27 1.06 32.07
C ASP B 204 -41.03 1.93 31.88
N TRP B 205 -39.87 1.51 32.39
CA TRP B 205 -38.67 2.33 32.31
C TRP B 205 -38.50 2.95 30.93
N LYS B 206 -38.91 2.23 29.88
CA LYS B 206 -38.79 2.74 28.52
C LYS B 206 -39.70 3.94 28.28
N ASN B 207 -40.79 4.05 29.02
CA ASN B 207 -41.70 5.18 28.92
C ASN B 207 -41.42 6.28 29.94
N SER B 208 -40.39 6.10 30.76
CA SER B 208 -40.13 7.04 31.85
C SER B 208 -39.77 8.42 31.32
N SER B 209 -40.02 9.43 32.15
CA SER B 209 -39.62 10.80 31.84
C SER B 209 -38.11 10.95 31.72
N PHE B 210 -37.34 10.02 32.29
CA PHE B 210 -35.89 10.12 32.25
C PHE B 210 -35.34 10.15 30.83
N PHE B 211 -36.00 9.42 29.92
CA PHE B 211 -35.44 9.24 28.55
C PHE B 211 -35.84 10.36 27.59
N ARG B 212 -36.20 11.54 28.08
CA ARG B 212 -36.42 12.69 27.17
C ARG B 212 -35.02 13.32 27.03
N LEU B 213 -34.37 13.15 25.87
CA LEU B 213 -32.94 13.56 25.77
C LEU B 213 -32.71 14.98 25.24
N GLU B 214 -33.74 15.75 24.86
CA GLU B 214 -33.50 17.14 24.47
C GLU B 214 -32.09 17.35 23.93
N PHE B 215 -31.86 16.76 22.75
CA PHE B 215 -30.51 16.62 22.21
C PHE B 215 -29.79 17.95 21.99
N TYR B 216 -30.50 19.07 21.93
CA TYR B 216 -29.82 20.35 21.74
C TYR B 216 -29.09 20.80 23.00
N ARG B 217 -29.48 20.30 24.18
CA ARG B 217 -28.76 20.57 25.42
C ARG B 217 -27.85 19.43 25.84
N LEU B 218 -27.95 18.27 25.18
CA LEU B 218 -27.30 17.06 25.66
C LEU B 218 -25.80 17.12 25.47
N LEU B 219 -25.06 16.79 26.52
CA LEU B 219 -23.62 16.58 26.40
C LEU B 219 -23.29 15.11 26.15
N GLN B 220 -23.84 14.22 26.97
CA GLN B 220 -23.55 12.80 26.82
C GLN B 220 -24.57 11.98 27.60
N VAL B 221 -24.67 10.71 27.24
CA VAL B 221 -25.38 9.69 28.01
C VAL B 221 -24.41 8.54 28.27
N GLU B 222 -24.34 8.09 29.52
CA GLU B 222 -23.43 7.04 29.92
C GLU B 222 -24.20 5.85 30.49
N ILE B 223 -23.91 4.66 29.98
CA ILE B 223 -24.45 3.40 30.51
C ILE B 223 -23.29 2.58 31.07
N SER B 224 -23.43 2.13 32.32
CA SER B 224 -22.35 1.43 33.00
C SER B 224 -22.91 0.23 33.74
N PHE B 225 -22.13 -0.87 33.73
CA PHE B 225 -22.51 -2.10 34.40
C PHE B 225 -21.28 -2.96 34.61
N HIS B 226 -21.43 -3.97 35.48
CA HIS B 226 -20.35 -4.90 35.81
C HIS B 226 -20.71 -6.31 35.38
N LEU B 227 -19.73 -7.04 34.87
CA LEU B 227 -19.89 -8.43 34.46
C LEU B 227 -18.79 -9.30 35.05
N LYS B 228 -19.18 -10.49 35.52
CA LYS B 228 -18.22 -11.49 35.96
C LYS B 228 -17.86 -12.42 34.80
N GLY B 229 -16.61 -12.88 34.79
CA GLY B 229 -16.16 -13.80 33.76
C GLY B 229 -15.17 -14.79 34.31
N ILE B 230 -14.92 -15.84 33.53
CA ILE B 230 -13.96 -16.88 33.87
C ILE B 230 -13.15 -17.21 32.63
N ASP B 231 -11.82 -17.28 32.77
CA ASP B 231 -10.94 -17.75 31.70
C ASP B 231 -10.86 -19.27 31.76
N LEU B 232 -11.95 -19.90 31.30
CA LEU B 232 -12.08 -21.35 31.41
C LEU B 232 -11.10 -22.11 30.55
N GLN B 233 -10.47 -21.47 29.56
CA GLN B 233 -9.51 -22.17 28.70
C GLN B 233 -8.32 -22.69 29.49
N THR B 234 -8.00 -22.06 30.62
CA THR B 234 -6.87 -22.47 31.45
C THR B 234 -7.12 -23.77 32.21
N ILE B 235 -8.34 -24.30 32.18
CA ILE B 235 -8.69 -25.45 33.01
C ILE B 235 -7.85 -26.67 32.66
N HIS B 236 -7.36 -26.75 31.42
CA HIS B 236 -6.61 -27.94 31.00
C HIS B 236 -5.31 -28.11 31.76
N SER B 237 -4.80 -27.05 32.40
CA SER B 237 -3.58 -27.14 33.19
C SER B 237 -3.80 -27.74 34.58
N ARG B 238 -5.05 -28.03 34.95
CA ARG B 238 -5.42 -28.50 36.28
C ARG B 238 -5.17 -27.42 37.33
N GLU B 239 -4.81 -26.22 36.89
CA GLU B 239 -4.76 -25.08 37.78
C GLU B 239 -6.16 -24.48 37.94
N LEU B 240 -6.38 -23.82 39.08
CA LEU B 240 -7.64 -23.14 39.29
C LEU B 240 -7.78 -21.99 38.30
N PRO B 241 -8.90 -21.90 37.57
CA PRO B 241 -9.00 -20.90 36.50
C PRO B 241 -9.10 -19.47 37.05
N ASP B 242 -8.60 -18.54 36.25
CA ASP B 242 -8.63 -17.12 36.61
C ASP B 242 -9.99 -16.52 36.32
N CYS B 243 -10.65 -16.01 37.37
CA CYS B 243 -11.88 -15.26 37.19
C CYS B 243 -11.57 -13.81 36.83
N TYR B 244 -12.57 -13.12 36.29
CA TYR B 244 -12.44 -11.73 35.89
C TYR B 244 -13.70 -10.96 36.28
N VAL B 245 -13.54 -9.65 36.48
CA VAL B 245 -14.64 -8.72 36.61
C VAL B 245 -14.45 -7.61 35.59
N PHE B 246 -15.46 -7.40 34.76
CA PHE B 246 -15.41 -6.38 33.72
C PHE B 246 -16.26 -5.19 34.12
N GLN B 247 -15.65 -4.01 34.14
CA GLN B 247 -16.37 -2.76 34.35
C GLN B 247 -16.59 -2.13 32.97
N ASN B 248 -17.83 -2.13 32.52
CA ASN B 248 -18.17 -1.72 31.16
C ASN B 248 -18.93 -0.39 31.19
N THR B 249 -18.53 0.52 30.31
CA THR B 249 -19.21 1.79 30.13
C THR B 249 -19.47 2.03 28.65
N ILE B 250 -20.67 2.50 28.33
CA ILE B 250 -21.02 2.94 26.99
C ILE B 250 -21.31 4.44 27.04
N ILE B 251 -20.56 5.21 26.27
CA ILE B 251 -20.68 6.66 26.25
C ILE B 251 -21.29 7.07 24.92
N PHE B 252 -22.43 7.75 24.97
CA PHE B 252 -23.06 8.34 23.79
C PHE B 252 -22.71 9.82 23.80
N ASP B 253 -21.68 10.17 23.05
CA ASP B 253 -20.98 11.45 23.21
C ASP B 253 -21.28 12.38 22.04
N ASN B 254 -21.76 13.59 22.36
CA ASN B 254 -21.88 14.66 21.38
C ASN B 254 -21.40 15.97 21.97
N LYS B 255 -20.19 15.96 22.55
CA LYS B 255 -19.59 17.20 23.02
C LYS B 255 -19.44 18.21 21.89
N ALA B 256 -19.18 17.73 20.67
CA ALA B 256 -18.98 18.63 19.55
C ALA B 256 -20.25 19.36 19.14
N HIS B 257 -21.43 18.80 19.43
CA HIS B 257 -22.71 19.36 19.00
C HIS B 257 -22.78 19.57 17.49
N SER B 258 -22.06 18.76 16.72
CA SER B 258 -21.99 18.89 15.28
C SER B 258 -23.00 18.01 14.55
N GLY B 259 -23.97 17.44 15.27
CA GLY B 259 -24.97 16.59 14.67
C GLY B 259 -24.63 15.12 14.62
N LYS B 260 -23.48 14.72 15.14
CA LYS B 260 -23.11 13.32 15.26
C LYS B 260 -22.86 12.96 16.72
N ILE B 261 -23.38 11.81 17.15
CA ILE B 261 -23.10 11.24 18.45
C ILE B 261 -22.08 10.12 18.26
N LYS B 262 -20.95 10.23 18.95
CA LYS B 262 -19.93 9.18 18.94
C LYS B 262 -20.20 8.20 20.07
N ILE B 263 -20.12 6.91 19.79
CA ILE B 263 -20.45 5.87 20.75
C ILE B 263 -19.15 5.17 21.14
N TYR B 264 -18.77 5.30 22.40
CA TYR B 264 -17.56 4.68 22.94
C TYR B 264 -17.93 3.49 23.81
N PHE B 265 -17.24 2.38 23.62
CA PHE B 265 -17.33 1.23 24.52
C PHE B 265 -15.97 0.99 25.16
N ASP B 266 -15.95 0.92 26.49
CA ASP B 266 -14.73 0.69 27.24
C ASP B 266 -14.96 -0.42 28.26
N SER B 267 -13.94 -1.25 28.47
CA SER B 267 -14.02 -2.36 29.42
C SER B 267 -12.75 -2.39 30.27
N ASP B 268 -12.92 -2.38 31.58
CA ASP B 268 -11.80 -2.46 32.54
C ASP B 268 -11.91 -3.78 33.29
N ALA B 269 -10.91 -4.64 33.12
CA ALA B 269 -10.95 -6.01 33.66
C ALA B 269 -10.00 -6.15 34.83
N LYS B 270 -10.50 -6.70 35.94
CA LYS B 270 -9.71 -7.02 37.12
C LYS B 270 -9.84 -8.50 37.43
N ILE B 271 -8.79 -9.07 38.04
CA ILE B 271 -8.78 -10.51 38.32
C ILE B 271 -9.71 -10.88 39.46
N GLU B 272 -9.77 -10.06 40.51
CA GLU B 272 -10.57 -10.32 41.72
C GLU B 272 -10.20 -11.70 42.27
N GLU B 273 -11.15 -12.59 42.53
CA GLU B 273 -10.84 -13.87 43.16
C GLU B 273 -11.84 -14.93 42.72
N CYS B 274 -11.32 -16.15 42.51
CA CYS B 274 -12.14 -17.31 42.17
C CYS B 274 -12.70 -17.95 43.45
N LYS B 275 -13.59 -17.21 44.10
CA LYS B 275 -13.90 -17.45 45.51
C LYS B 275 -14.89 -18.58 45.76
N ASP B 276 -15.76 -18.85 44.78
CA ASP B 276 -16.76 -19.94 44.90
C ASP B 276 -16.89 -20.69 43.58
N LEU B 277 -16.17 -21.80 43.41
CA LEU B 277 -16.28 -22.63 42.18
C LEU B 277 -16.01 -24.09 42.56
N ASN B 278 -16.65 -25.04 41.88
CA ASN B 278 -16.51 -26.47 42.25
C ASN B 278 -15.67 -27.21 41.19
N ILE B 279 -14.94 -26.46 40.37
CA ILE B 279 -14.12 -27.07 39.27
C ILE B 279 -12.98 -27.87 39.91
N PHE B 280 -13.04 -29.21 39.83
CA PHE B 280 -12.01 -30.08 40.47
C PHE B 280 -10.66 -29.86 39.77
N GLY B 281 -9.57 -29.97 40.52
CA GLY B 281 -8.21 -29.76 39.96
C GLY B 281 -7.23 -29.31 41.02
N SER B 282 -6.43 -28.29 40.72
CA SER B 282 -5.42 -27.77 41.69
C SER B 282 -5.33 -26.25 41.60
N THR B 283 -4.83 -25.59 42.65
CA THR B 283 -4.70 -24.11 42.66
C THR B 283 -3.42 -23.71 41.95
N GLN B 284 -3.13 -22.40 41.88
CA GLN B 284 -1.93 -21.97 41.12
C GLN B 284 -1.00 -21.16 42.04
N LYS B 285 0.07 -21.80 42.53
CA LYS B 285 1.06 -21.10 43.41
C LYS B 285 2.44 -21.17 42.72
N ASN B 286 2.46 -21.10 41.39
CA ASN B 286 3.73 -21.15 40.64
C ASN B 286 4.50 -19.83 40.87
N ALA B 287 3.84 -18.86 41.49
CA ALA B 287 4.53 -17.59 41.82
C ALA B 287 5.91 -17.85 42.42
N GLN B 288 5.98 -18.79 43.36
CA GLN B 288 7.29 -19.17 43.95
C GLN B 288 8.27 -19.36 42.79
N TYR B 289 7.94 -20.20 41.82
CA TYR B 289 8.89 -20.47 40.70
C TYR B 289 9.25 -19.17 39.99
N VAL B 290 8.23 -18.40 39.57
CA VAL B 290 8.50 -17.15 38.80
C VAL B 290 9.24 -16.15 39.69
N LEU B 291 8.91 -16.10 40.98
CA LEU B 291 9.54 -15.10 41.89
C LEU B 291 11.02 -15.47 42.11
N VAL B 292 11.35 -16.76 42.05
CA VAL B 292 12.74 -17.22 42.33
C VAL B 292 13.59 -16.97 41.08
N PHE B 293 13.00 -17.11 39.89
CA PHE B 293 13.78 -16.78 38.69
C PHE B 293 14.03 -15.27 38.60
N ASP B 294 13.05 -14.45 38.96
CA ASP B 294 13.28 -13.01 38.99
C ASP B 294 14.33 -12.63 40.02
N ALA B 295 14.32 -13.31 41.18
CA ALA B 295 15.36 -13.07 42.17
C ALA B 295 16.73 -13.44 41.63
N PHE B 296 16.83 -14.57 40.92
CA PHE B 296 18.10 -14.96 40.31
C PHE B 296 18.57 -13.94 39.29
N VAL B 297 17.65 -13.43 38.47
CA VAL B 297 18.02 -12.41 37.47
C VAL B 297 18.52 -11.15 38.16
N ILE B 298 17.83 -10.72 39.23
CA ILE B 298 18.25 -9.54 39.97
C ILE B 298 19.65 -9.74 40.54
N VAL B 299 19.90 -10.90 41.14
CA VAL B 299 21.20 -11.18 41.75
C VAL B 299 22.31 -11.15 40.70
N ILE B 300 22.08 -11.79 39.55
CA ILE B 300 23.10 -11.85 38.51
C ILE B 300 23.39 -10.46 37.95
N CYS B 301 22.34 -9.67 37.71
CA CYS B 301 22.55 -8.31 37.21
C CYS B 301 23.29 -7.45 38.23
N LEU B 302 22.99 -7.63 39.51
CA LEU B 302 23.70 -6.90 40.55
C LEU B 302 25.19 -7.26 40.55
N ALA B 303 25.51 -8.55 40.43
CA ALA B 303 26.90 -8.97 40.39
C ALA B 303 27.61 -8.37 39.17
N SER B 304 26.95 -8.40 38.01
CA SER B 304 27.55 -7.84 36.81
C SER B 304 27.80 -6.34 36.96
N LEU B 305 26.85 -5.62 37.55
CA LEU B 305 27.03 -4.19 37.77
C LEU B 305 28.19 -3.91 38.70
N ILE B 306 28.30 -4.66 39.79
CA ILE B 306 29.41 -4.46 40.73
C ILE B 306 30.74 -4.70 40.04
N LEU B 307 30.83 -5.79 39.26
CA LEU B 307 32.09 -6.09 38.59
C LEU B 307 32.45 -5.05 37.54
N CYS B 308 31.46 -4.54 36.80
CA CYS B 308 31.76 -3.53 35.79
C CYS B 308 32.23 -2.22 36.43
N THR B 309 31.58 -1.82 37.52
CA THR B 309 32.03 -0.62 38.22
C THR B 309 33.43 -0.80 38.78
N ARG B 310 33.74 -1.99 39.29
CA ARG B 310 35.09 -2.27 39.76
C ARG B 310 36.10 -2.18 38.63
N SER B 311 35.75 -2.71 37.46
CA SER B 311 36.64 -2.61 36.31
C SER B 311 36.88 -1.15 35.92
N ILE B 312 35.83 -0.32 35.96
CA ILE B 312 35.99 1.09 35.64
C ILE B 312 36.91 1.78 36.65
N VAL B 313 36.74 1.46 37.94
CA VAL B 313 37.60 2.03 38.97
C VAL B 313 39.05 1.64 38.74
N LEU B 314 39.30 0.37 38.43
CA LEU B 314 40.67 -0.08 38.16
C LEU B 314 41.26 0.62 36.94
N ALA B 315 40.45 0.80 35.89
CA ALA B 315 40.93 1.51 34.70
C ALA B 315 41.27 2.96 35.04
N LEU B 316 40.48 3.60 35.87
CA LEU B 316 40.79 4.97 36.28
C LEU B 316 42.06 5.04 37.11
N ARG B 317 42.28 4.05 37.99
CA ARG B 317 43.54 4.02 38.73
C ARG B 317 44.72 3.83 37.79
N LEU B 318 44.57 2.98 36.78
CA LEU B 318 45.61 2.83 35.77
C LEU B 318 45.87 4.15 35.06
N ARG B 319 44.80 4.89 34.73
CA ARG B 319 44.96 6.17 34.04
C ARG B 319 45.73 7.17 34.90
N LYS B 320 45.38 7.24 36.18
CA LYS B 320 46.08 8.17 37.07
C LYS B 320 47.54 7.75 37.28
N ARG B 321 47.79 6.44 37.35
CA ARG B 321 49.15 5.95 37.46
C ARG B 321 49.97 6.32 36.22
N PHE B 322 49.36 6.20 35.03
CA PHE B 322 50.01 6.62 33.80
C PHE B 322 50.29 8.12 33.80
N LEU B 323 49.32 8.92 34.25
CA LEU B 323 49.51 10.37 34.29
C LEU B 323 50.64 10.74 35.24
N ASN B 324 50.75 10.05 36.37
CA ASN B 324 51.77 10.38 37.36
C ASN B 324 53.14 9.81 37.01
N PHE B 325 53.20 8.74 36.21
CA PHE B 325 54.46 8.03 36.01
C PHE B 325 55.47 8.88 35.23
N PHE B 326 55.05 9.42 34.09
CA PHE B 326 55.99 10.07 33.19
C PHE B 326 55.29 11.15 32.38
N LEU B 327 56.05 12.13 31.94
CA LEU B 327 55.57 13.17 31.06
C LEU B 327 55.15 12.60 29.70
N ASP B 338 48.98 6.23 23.65
CA ASP B 338 47.94 6.17 24.67
C ASP B 338 46.99 7.35 24.55
N GLN B 339 45.84 7.27 25.21
CA GLN B 339 44.81 8.29 25.15
C GLN B 339 44.12 8.39 26.50
N TRP B 340 43.52 9.55 26.76
CA TRP B 340 42.81 9.77 28.01
C TRP B 340 41.68 8.77 28.22
N GLU B 341 41.12 8.23 27.14
CA GLU B 341 39.94 7.36 27.23
C GLU B 341 40.35 5.95 27.66
N PHE B 342 40.71 5.84 28.94
CA PHE B 342 40.91 4.53 29.55
C PHE B 342 39.59 3.82 29.83
N ILE B 343 38.50 4.57 29.93
CA ILE B 343 37.20 3.99 30.25
C ILE B 343 36.68 3.25 29.02
N ASN B 344 36.39 1.97 29.19
CA ASN B 344 35.76 1.17 28.13
C ASN B 344 34.30 1.57 28.05
N GLY B 345 33.88 2.11 26.90
CA GLY B 345 32.51 2.58 26.75
C GLY B 345 31.47 1.48 26.79
N TRP B 346 31.87 0.23 26.53
CA TRP B 346 30.91 -0.88 26.61
C TRP B 346 30.48 -1.13 28.05
N TYR B 347 31.33 -0.80 29.02
CA TYR B 347 30.97 -0.95 30.42
C TYR B 347 29.79 -0.08 30.81
N VAL B 348 29.73 1.15 30.28
CA VAL B 348 28.63 2.06 30.59
C VAL B 348 27.31 1.47 30.12
N LEU B 349 27.29 0.92 28.90
CA LEU B 349 26.09 0.30 28.36
C LEU B 349 25.66 -0.88 29.22
N VAL B 350 26.63 -1.68 29.69
CA VAL B 350 26.32 -2.83 30.55
C VAL B 350 25.71 -2.35 31.86
N ILE B 351 26.26 -1.29 32.45
CA ILE B 351 25.71 -0.77 33.71
C ILE B 351 24.28 -0.27 33.51
N ILE B 352 24.04 0.46 32.42
CA ILE B 352 22.68 0.93 32.15
C ILE B 352 21.73 -0.24 31.99
N SER B 353 22.15 -1.27 31.25
CA SER B 353 21.28 -2.41 31.02
C SER B 353 21.01 -3.16 32.31
N ASP B 354 22.02 -3.29 33.17
CA ASP B 354 21.81 -3.98 34.45
C ASP B 354 20.86 -3.20 35.34
N LEU B 355 21.01 -1.88 35.40
CA LEU B 355 20.08 -1.07 36.19
C LEU B 355 18.65 -1.22 35.69
N MET B 356 18.45 -1.13 34.37
CA MET B 356 17.11 -1.26 33.82
C MET B 356 16.55 -2.66 34.06
N THR B 357 17.37 -3.71 33.94
CA THR B 357 16.89 -5.05 34.20
C THR B 357 16.48 -5.23 35.65
N ILE B 358 17.28 -4.69 36.58
CA ILE B 358 16.96 -4.81 38.00
C ILE B 358 15.62 -4.14 38.29
N ILE B 359 15.46 -2.89 37.84
CA ILE B 359 14.23 -2.17 38.18
C ILE B 359 13.03 -2.79 37.48
N GLY B 360 13.20 -3.26 36.24
CA GLY B 360 12.10 -3.93 35.56
C GLY B 360 11.70 -5.24 36.22
N SER B 361 12.67 -6.00 36.74
CA SER B 361 12.35 -7.22 37.46
C SER B 361 11.61 -6.90 38.76
N ILE B 362 12.02 -5.84 39.46
CA ILE B 362 11.29 -5.41 40.65
C ILE B 362 9.86 -5.04 40.30
N LEU B 363 9.68 -4.29 39.21
CA LEU B 363 8.33 -3.92 38.77
C LEU B 363 7.50 -5.15 38.44
N LYS B 364 8.09 -6.13 37.76
CA LYS B 364 7.37 -7.35 37.41
C LYS B 364 6.95 -8.12 38.66
N MET B 365 7.86 -8.23 39.63
CA MET B 365 7.51 -8.90 40.89
C MET B 365 6.40 -8.17 41.61
N GLU B 366 6.44 -6.83 41.60
CA GLU B 366 5.37 -6.05 42.23
C GLU B 366 4.03 -6.31 41.54
N ILE B 367 4.03 -6.30 40.20
CA ILE B 367 2.80 -6.51 39.44
C ILE B 367 2.22 -7.89 39.73
N LYS B 368 3.08 -8.91 39.78
CA LYS B 368 2.57 -10.25 40.06
C LYS B 368 2.09 -10.38 41.49
N ALA B 369 2.80 -9.76 42.44
CA ALA B 369 2.40 -9.86 43.84
C ALA B 369 1.06 -9.16 44.08
N LYS B 370 0.84 -8.03 43.44
CA LYS B 370 -0.42 -7.31 43.57
C LYS B 370 -1.47 -7.74 42.54
N ASN B 371 -1.14 -8.74 41.71
CA ASN B 371 -2.08 -9.35 40.78
C ASN B 371 -2.65 -8.33 39.80
N LEU B 372 -1.81 -7.42 39.34
CA LEU B 372 -2.20 -6.44 38.34
C LEU B 372 -2.13 -7.04 36.94
N THR B 373 -2.69 -6.31 35.97
CA THR B 373 -2.72 -6.76 34.59
C THR B 373 -2.26 -5.68 33.60
N ASN B 374 -1.60 -4.64 34.09
CA ASN B 374 -1.04 -3.59 33.25
C ASN B 374 0.48 -3.72 33.24
N TYR B 375 1.06 -3.75 32.05
CA TYR B 375 2.46 -4.12 31.90
C TYR B 375 3.33 -3.09 31.16
N ASP B 376 2.84 -1.88 30.92
CA ASP B 376 3.52 -0.96 30.00
C ASP B 376 4.92 -0.61 30.48
N LEU B 377 5.05 -0.11 31.71
CA LEU B 377 6.34 0.39 32.17
C LEU B 377 7.34 -0.74 32.36
N CYS B 378 6.90 -1.85 32.96
CA CYS B 378 7.76 -3.01 33.11
C CYS B 378 8.21 -3.55 31.76
N SER B 379 7.29 -3.60 30.80
CA SER B 379 7.64 -4.05 29.46
C SER B 379 8.69 -3.14 28.84
N ILE B 380 8.54 -1.82 29.00
CA ILE B 380 9.51 -0.89 28.45
C ILE B 380 10.88 -1.12 29.06
N PHE B 381 10.93 -1.24 30.39
CA PHE B 381 12.23 -1.40 31.05
C PHE B 381 12.90 -2.71 30.63
N LEU B 382 12.16 -3.81 30.66
CA LEU B 382 12.74 -5.11 30.33
C LEU B 382 13.14 -5.18 28.85
N GLY B 383 12.30 -4.63 27.96
CA GLY B 383 12.63 -4.69 26.55
C GLY B 383 13.83 -3.84 26.18
N THR B 384 13.93 -2.64 26.74
CA THR B 384 15.11 -1.82 26.49
C THR B 384 16.35 -2.47 27.08
N SER B 385 16.23 -3.08 28.26
CA SER B 385 17.34 -3.81 28.83
C SER B 385 17.81 -4.93 27.90
N THR B 386 16.86 -5.70 27.36
CA THR B 386 17.21 -6.80 26.46
C THR B 386 17.85 -6.27 25.18
N LEU B 387 17.30 -5.19 24.62
CA LEU B 387 17.87 -4.59 23.43
C LEU B 387 19.32 -4.18 23.66
N LEU B 388 19.59 -3.50 24.78
CA LEU B 388 20.96 -3.10 25.07
C LEU B 388 21.85 -4.29 25.38
N VAL B 389 21.28 -5.36 25.94
CA VAL B 389 22.07 -6.56 26.22
C VAL B 389 22.54 -7.22 24.93
N TRP B 390 21.67 -7.28 23.92
CA TRP B 390 22.06 -7.92 22.66
C TRP B 390 22.98 -7.02 21.85
N VAL B 391 22.84 -5.71 21.95
CA VAL B 391 23.77 -4.79 21.31
C VAL B 391 25.18 -4.98 21.88
N GLY B 392 25.28 -5.24 23.19
CA GLY B 392 26.57 -5.43 23.83
C GLY B 392 27.32 -6.67 23.41
N VAL B 393 26.70 -7.57 22.65
CA VAL B 393 27.41 -8.73 22.13
C VAL B 393 28.45 -8.32 21.10
N ILE B 394 28.24 -7.16 20.45
CA ILE B 394 29.18 -6.67 19.45
C ILE B 394 30.57 -6.47 20.05
N ARG B 395 30.64 -6.21 21.36
CA ARG B 395 31.93 -6.09 22.03
C ARG B 395 32.78 -7.35 21.85
N TYR B 396 32.14 -8.51 21.86
CA TYR B 396 32.86 -9.77 21.69
C TYR B 396 33.23 -10.05 20.24
N LEU B 397 32.52 -9.45 19.28
CA LEU B 397 32.91 -9.55 17.88
C LEU B 397 34.10 -8.64 17.57
N GLY B 398 34.24 -7.54 18.31
CA GLY B 398 35.34 -6.61 18.11
C GLY B 398 36.71 -7.20 18.41
N TYR B 399 36.77 -8.35 19.08
CA TYR B 399 38.02 -9.04 19.35
C TYR B 399 38.58 -9.75 18.13
N PHE B 400 37.96 -9.59 16.97
CA PHE B 400 38.41 -10.22 15.73
C PHE B 400 38.59 -9.14 14.68
N GLN B 401 39.71 -9.21 13.95
CA GLN B 401 40.11 -8.13 13.05
C GLN B 401 39.07 -7.88 11.96
N ALA B 402 38.56 -8.94 11.34
CA ALA B 402 37.66 -8.77 10.21
C ALA B 402 36.38 -8.03 10.59
N TYR B 403 35.96 -8.13 11.86
CA TYR B 403 34.77 -7.47 12.34
C TYR B 403 35.05 -6.08 12.90
N ASN B 404 36.26 -5.86 13.43
CA ASN B 404 36.57 -4.61 14.11
C ASN B 404 36.50 -3.42 13.17
N VAL B 405 36.92 -3.59 11.92
CA VAL B 405 36.99 -2.46 11.01
C VAL B 405 35.60 -1.89 10.74
N LEU B 406 34.58 -2.74 10.68
CA LEU B 406 33.22 -2.25 10.45
C LEU B 406 32.68 -1.49 11.67
N ILE B 407 33.00 -1.98 12.87
CA ILE B 407 32.61 -1.27 14.09
C ILE B 407 33.26 0.10 14.13
N LEU B 408 34.56 0.15 13.81
CA LEU B 408 35.26 1.43 13.76
C LEU B 408 34.69 2.33 12.69
N THR B 409 34.23 1.77 11.56
CA THR B 409 33.59 2.56 10.52
C THR B 409 32.30 3.19 11.03
N MET B 410 31.49 2.41 11.76
CA MET B 410 30.25 2.96 12.30
C MET B 410 30.53 4.05 13.34
N GLN B 411 31.55 3.82 14.19
CA GLN B 411 31.91 4.81 15.19
C GLN B 411 32.39 6.10 14.54
N ALA B 412 33.19 6.00 13.48
CA ALA B 412 33.61 7.20 12.78
C ALA B 412 32.46 7.85 12.01
N SER B 413 31.47 7.06 11.59
CA SER B 413 30.37 7.59 10.79
C SER B 413 29.40 8.41 11.62
N LEU B 414 29.07 7.95 12.83
CA LEU B 414 27.99 8.56 13.60
C LEU B 414 28.11 10.08 13.79
N PRO B 415 29.24 10.64 14.24
CA PRO B 415 29.26 12.09 14.53
C PRO B 415 28.99 12.99 13.34
N LYS B 416 29.61 12.71 12.19
CA LYS B 416 29.44 13.59 11.04
C LYS B 416 28.05 13.43 10.41
N VAL B 417 27.48 12.24 10.49
CA VAL B 417 26.11 12.04 10.08
C VAL B 417 25.15 12.84 10.95
N LEU B 418 25.40 12.86 12.27
CA LEU B 418 24.55 13.67 13.15
C LEU B 418 24.75 15.16 12.91
N ARG B 419 25.97 15.58 12.60
CA ARG B 419 26.20 17.00 12.32
C ARG B 419 25.57 17.43 11.00
N PHE B 420 25.42 16.49 10.06
CA PHE B 420 24.63 16.80 8.86
C PHE B 420 23.13 16.74 9.13
N CYS B 421 22.69 15.84 10.03
CA CYS B 421 21.31 15.84 10.47
C CYS B 421 20.92 17.16 11.10
N ALA B 422 21.88 17.82 11.74
CA ALA B 422 21.60 19.14 12.32
C ALA B 422 21.19 20.14 11.25
N CYS B 423 21.87 20.13 10.10
CA CYS B 423 21.49 21.02 9.00
C CYS B 423 20.19 20.57 8.36
N ALA B 424 20.04 19.27 8.12
CA ALA B 424 18.82 18.77 7.47
C ALA B 424 17.57 19.03 8.31
N GLY B 425 17.72 19.07 9.63
CA GLY B 425 16.56 19.20 10.49
C GLY B 425 15.87 20.54 10.39
N MET B 426 16.60 21.60 10.03
CA MET B 426 15.96 22.91 9.91
C MET B 426 15.07 22.97 8.67
N ILE B 427 15.54 22.43 7.54
CA ILE B 427 14.70 22.29 6.36
C ILE B 427 13.51 21.40 6.68
N TYR B 428 13.75 20.31 7.42
CA TYR B 428 12.66 19.42 7.80
C TYR B 428 11.61 20.15 8.64
N LEU B 429 12.04 20.97 9.60
CA LEU B 429 11.11 21.72 10.45
C LEU B 429 10.32 22.74 9.64
N GLY B 430 11.00 23.49 8.76
CA GLY B 430 10.29 24.45 7.93
C GLY B 430 9.23 23.78 7.07
N TYR B 431 9.59 22.67 6.43
CA TYR B 431 8.61 21.94 5.63
C TYR B 431 7.47 21.38 6.47
N THR B 432 7.77 20.92 7.69
CA THR B 432 6.72 20.42 8.56
C THR B 432 5.71 21.52 8.89
N PHE B 433 6.20 22.69 9.29
CA PHE B 433 5.29 23.79 9.63
C PHE B 433 4.49 24.22 8.41
N CYS B 434 5.14 24.35 7.25
CA CYS B 434 4.43 24.83 6.06
C CYS B 434 3.38 23.83 5.61
N GLY B 435 3.71 22.53 5.62
CA GLY B 435 2.74 21.52 5.23
C GLY B 435 1.58 21.43 6.20
N TRP B 436 1.85 21.57 7.49
CA TRP B 436 0.76 21.57 8.47
C TRP B 436 -0.17 22.76 8.25
N ILE B 437 0.40 23.95 8.04
CA ILE B 437 -0.44 25.14 7.92
C ILE B 437 -1.23 25.13 6.61
N VAL B 438 -0.64 24.62 5.53
CA VAL B 438 -1.29 24.73 4.22
C VAL B 438 -2.14 23.49 3.92
N LEU B 439 -1.51 22.31 3.91
CA LEU B 439 -2.17 21.10 3.46
C LEU B 439 -3.03 20.44 4.52
N GLY B 440 -2.91 20.87 5.78
CA GLY B 440 -3.67 20.27 6.86
C GLY B 440 -5.16 20.28 6.72
N PRO B 441 -5.79 21.40 6.34
CA PRO B 441 -7.25 21.39 6.13
C PRO B 441 -7.70 20.54 4.95
N TYR B 442 -6.79 20.08 4.09
CA TYR B 442 -7.16 19.36 2.88
C TYR B 442 -6.54 17.98 2.76
N HIS B 443 -5.82 17.50 3.76
CA HIS B 443 -5.08 16.25 3.61
C HIS B 443 -5.05 15.54 4.96
N ASP B 444 -5.44 14.27 4.98
CA ASP B 444 -5.47 13.52 6.23
C ASP B 444 -4.07 13.29 6.79
N LYS B 445 -3.06 13.24 5.94
CA LYS B 445 -1.69 13.02 6.40
C LYS B 445 -1.05 14.27 6.97
N PHE B 446 -1.71 15.43 6.86
CA PHE B 446 -1.15 16.69 7.34
C PHE B 446 -2.01 17.35 8.41
N GLU B 447 -2.96 16.61 9.00
CA GLU B 447 -3.93 17.21 9.91
C GLU B 447 -3.24 17.86 11.11
N ASN B 448 -2.27 17.18 11.71
CA ASN B 448 -1.57 17.71 12.87
C ASN B 448 -0.07 17.46 12.71
N LEU B 449 0.71 18.21 13.51
CA LEU B 449 2.15 18.33 13.26
C LEU B 449 2.88 17.00 13.34
N ASN B 450 2.52 16.14 14.31
CA ASN B 450 3.23 14.86 14.43
C ASN B 450 2.93 13.96 13.24
N THR B 451 1.68 13.97 12.76
CA THR B 451 1.35 13.25 11.55
C THR B 451 2.11 13.81 10.36
N VAL B 452 2.28 15.12 10.30
CA VAL B 452 3.07 15.74 9.23
C VAL B 452 4.51 15.23 9.28
N ALA B 453 5.10 15.20 10.47
CA ALA B 453 6.49 14.77 10.61
C ALA B 453 6.65 13.31 10.21
N GLU B 454 5.73 12.45 10.64
CA GLU B 454 5.84 11.03 10.28
C GLU B 454 5.58 10.82 8.79
N CYS B 455 4.65 11.58 8.20
CA CYS B 455 4.41 11.51 6.77
C CYS B 455 5.64 11.91 5.99
N LEU B 456 6.28 13.01 6.39
CA LEU B 456 7.50 13.44 5.70
C LEU B 456 8.63 12.44 5.87
N PHE B 457 8.76 11.86 7.06
CA PHE B 457 9.80 10.86 7.27
C PHE B 457 9.57 9.63 6.40
N SER B 458 8.34 9.17 6.31
CA SER B 458 8.02 8.06 5.41
C SER B 458 8.25 8.46 3.95
N LEU B 459 7.94 9.70 3.60
CA LEU B 459 8.07 10.17 2.23
C LEU B 459 9.53 10.23 1.79
N VAL B 460 10.44 10.59 2.72
CA VAL B 460 11.87 10.57 2.40
C VAL B 460 12.30 9.15 2.04
N ASN B 461 11.70 8.15 2.64
CA ASN B 461 12.01 6.76 2.37
C ASN B 461 11.14 6.17 1.25
N GLY B 462 10.43 7.02 0.50
CA GLY B 462 9.70 6.57 -0.67
C GLY B 462 8.39 5.87 -0.41
N ASP B 463 7.88 5.90 0.81
CA ASP B 463 6.68 5.14 1.13
C ASP B 463 5.41 5.94 0.81
N ASP B 464 4.45 5.26 0.17
CA ASP B 464 3.09 5.78 -0.04
C ASP B 464 3.09 7.12 -0.78
N MET B 465 3.99 7.26 -1.76
CA MET B 465 4.17 8.55 -2.42
C MET B 465 2.99 8.90 -3.31
N PHE B 466 2.56 7.96 -4.15
CA PHE B 466 1.47 8.25 -5.10
C PHE B 466 0.16 8.53 -4.39
N ALA B 467 -0.13 7.77 -3.32
CA ALA B 467 -1.33 8.05 -2.53
C ALA B 467 -1.26 9.42 -1.88
N THR B 468 -0.06 9.82 -1.44
CA THR B 468 0.11 11.16 -0.88
C THR B 468 -0.18 12.23 -1.92
N PHE B 469 0.28 12.02 -3.16
CA PHE B 469 -0.03 12.95 -4.23
C PHE B 469 -1.52 13.00 -4.54
N ALA B 470 -2.17 11.83 -4.59
CA ALA B 470 -3.56 11.73 -5.02
C ALA B 470 -4.56 12.11 -3.94
N GLN B 471 -4.15 12.15 -2.67
CA GLN B 471 -5.09 12.26 -1.56
C GLN B 471 -5.67 13.66 -1.39
N ILE B 472 -5.18 14.65 -2.12
CA ILE B 472 -5.59 16.04 -1.94
C ILE B 472 -6.44 16.45 -3.14
N GLN B 473 -7.65 16.91 -2.88
CA GLN B 473 -8.59 17.25 -3.94
C GLN B 473 -8.19 18.53 -4.66
N GLN B 474 -8.60 18.63 -5.91
CA GLN B 474 -8.41 19.82 -6.74
C GLN B 474 -9.56 20.82 -6.59
N LYS B 475 -10.29 20.75 -5.46
CA LYS B 475 -11.39 21.68 -5.24
C LYS B 475 -10.89 23.11 -5.20
N SER B 476 -9.78 23.34 -4.51
CA SER B 476 -9.09 24.63 -4.52
C SER B 476 -7.84 24.52 -5.38
N ILE B 477 -7.81 25.27 -6.47
CA ILE B 477 -6.72 25.15 -7.43
C ILE B 477 -5.41 25.68 -6.84
N LEU B 478 -5.48 26.76 -6.05
CA LEU B 478 -4.28 27.34 -5.47
C LEU B 478 -3.60 26.35 -4.52
N VAL B 479 -4.39 25.70 -3.66
CA VAL B 479 -3.83 24.75 -2.72
C VAL B 479 -3.28 23.52 -3.44
N TRP B 480 -3.93 23.11 -4.53
CA TRP B 480 -3.46 21.97 -5.31
C TRP B 480 -2.11 22.27 -5.96
N LEU B 481 -1.98 23.44 -6.57
CA LEU B 481 -0.71 23.83 -7.17
C LEU B 481 0.38 23.93 -6.11
N PHE B 482 0.06 24.52 -4.96
CA PHE B 482 1.03 24.61 -3.88
C PHE B 482 1.44 23.23 -3.38
N SER B 483 0.48 22.31 -3.29
CA SER B 483 0.80 20.96 -2.86
C SER B 483 1.73 20.27 -3.83
N ARG B 484 1.53 20.48 -5.13
CA ARG B 484 2.43 19.88 -6.11
C ARG B 484 3.83 20.45 -5.96
N LEU B 485 3.95 21.77 -5.89
CA LEU B 485 5.26 22.39 -5.70
C LEU B 485 5.93 21.89 -4.43
N TYR B 486 5.19 21.86 -3.33
CA TYR B 486 5.71 21.44 -2.03
C TYR B 486 6.21 20.01 -2.06
N LEU B 487 5.38 19.09 -2.54
CA LEU B 487 5.75 17.68 -2.55
C LEU B 487 6.93 17.43 -3.47
N TYR B 488 6.92 18.01 -4.67
CA TYR B 488 8.04 17.80 -5.58
C TYR B 488 9.33 18.32 -4.99
N SER B 489 9.31 19.54 -4.42
CA SER B 489 10.53 20.11 -3.87
C SER B 489 11.06 19.27 -2.72
N PHE B 490 10.19 18.90 -1.77
CA PHE B 490 10.64 18.15 -0.61
C PHE B 490 11.20 16.79 -1.02
N ILE B 491 10.43 16.02 -1.79
CA ILE B 491 10.86 14.68 -2.15
C ILE B 491 12.16 14.74 -2.92
N SER B 492 12.25 15.65 -3.90
CA SER B 492 13.46 15.74 -4.70
C SER B 492 14.66 16.10 -3.85
N LEU B 493 14.55 17.17 -3.05
CA LEU B 493 15.69 17.61 -2.25
C LEU B 493 16.17 16.51 -1.31
N PHE B 494 15.25 15.91 -0.56
CA PHE B 494 15.68 14.98 0.48
C PHE B 494 16.16 13.66 -0.09
N ILE B 495 15.44 13.09 -1.06
CA ILE B 495 15.85 11.80 -1.60
C ILE B 495 17.12 11.93 -2.43
N TYR B 496 17.17 12.92 -3.32
CA TYR B 496 18.26 12.96 -4.29
C TYR B 496 19.46 13.79 -3.82
N MET B 497 19.39 14.44 -2.67
CA MET B 497 20.61 15.19 -2.26
C MET B 497 21.05 14.80 -0.84
N ILE B 498 20.17 14.93 0.13
CA ILE B 498 20.52 14.64 1.55
C ILE B 498 20.88 13.16 1.74
N LEU B 499 20.08 12.27 1.20
CA LEU B 499 20.35 10.83 1.41
C LEU B 499 21.63 10.47 0.65
N SER B 500 21.90 11.16 -0.46
CA SER B 500 23.11 10.89 -1.24
C SER B 500 24.35 11.35 -0.45
N LEU B 501 24.24 12.46 0.28
CA LEU B 501 25.38 12.91 1.13
C LEU B 501 25.50 11.96 2.33
N PHE B 502 24.41 11.37 2.81
CA PHE B 502 24.55 10.36 3.89
C PHE B 502 25.29 9.16 3.36
N ILE B 503 25.06 8.75 2.11
CA ILE B 503 25.84 7.60 1.51
C ILE B 503 27.32 7.98 1.34
N ALA B 504 27.63 9.20 0.90
CA ALA B 504 28.99 9.67 0.67
C ALA B 504 29.77 9.73 1.98
N LEU B 505 29.15 10.22 3.06
CA LEU B 505 29.84 10.26 4.35
C LEU B 505 30.18 8.86 4.84
N ILE B 506 29.26 7.91 4.69
CA ILE B 506 29.52 6.54 5.13
C ILE B 506 30.68 5.94 4.34
N THR B 507 30.67 6.14 3.02
CA THR B 507 31.73 5.60 2.18
C THR B 507 33.08 6.20 2.53
N ASP B 508 33.12 7.51 2.77
CA ASP B 508 34.38 8.14 3.13
C ASP B 508 34.89 7.66 4.48
N SER B 509 33.99 7.43 5.44
CA SER B 509 34.42 6.88 6.72
C SER B 509 35.01 5.49 6.55
N TYR B 510 34.35 4.65 5.73
CA TYR B 510 34.89 3.31 5.47
C TYR B 510 36.26 3.38 4.83
N ASP B 511 36.43 4.26 3.84
CA ASP B 511 37.74 4.38 3.18
C ASP B 511 38.81 4.81 4.17
N THR B 512 38.49 5.78 5.04
CA THR B 512 39.48 6.26 6.01
C THR B 512 39.89 5.15 6.96
N ILE B 513 38.91 4.44 7.53
CA ILE B 513 39.23 3.38 8.49
C ILE B 513 40.01 2.26 7.81
N LYS B 514 39.60 1.87 6.60
CA LYS B 514 40.26 0.77 5.91
C LYS B 514 41.71 1.13 5.56
N LYS B 515 41.94 2.35 5.06
CA LYS B 515 43.31 2.72 4.73
C LYS B 515 44.16 2.87 5.99
N PHE B 516 43.58 3.29 7.11
CA PHE B 516 44.33 3.32 8.35
C PHE B 516 44.73 1.92 8.78
N GLN B 517 43.79 0.96 8.69
CA GLN B 517 44.08 -0.40 9.12
C GLN B 517 45.08 -1.08 8.19
N GLN B 518 45.00 -0.80 6.89
CA GLN B 518 45.89 -1.45 5.93
C GLN B 518 47.30 -0.85 5.99
N ASN B 519 47.40 0.49 5.92
CA ASN B 519 48.71 1.12 5.87
C ASN B 519 49.41 1.12 7.23
N GLY B 520 48.63 1.19 8.30
CA GLY B 520 49.21 1.26 9.64
C GLY B 520 49.68 2.65 10.00
N LEU C 41 40.46 48.83 1.90
CA LEU C 41 40.87 48.98 3.29
C LEU C 41 40.69 47.67 4.05
N ARG C 42 41.81 46.95 4.26
CA ARG C 42 41.74 45.63 4.87
C ARG C 42 41.18 45.67 6.28
N GLU C 43 41.50 46.72 7.04
CA GLU C 43 41.09 46.77 8.44
C GLU C 43 39.57 46.73 8.61
N ASP C 44 38.83 47.03 7.54
CA ASP C 44 37.35 47.02 7.61
C ASP C 44 36.79 45.81 6.86
N LEU C 45 37.37 45.47 5.70
CA LEU C 45 36.82 44.36 4.88
C LEU C 45 36.84 43.05 5.67
N LYS C 46 37.93 42.77 6.39
CA LYS C 46 38.04 41.50 7.16
C LYS C 46 36.96 41.49 8.25
N PHE C 47 36.81 42.62 8.94
CA PHE C 47 35.76 42.71 10.00
C PHE C 47 34.41 42.41 9.36
N TYR C 48 34.14 42.97 8.19
CA TYR C 48 32.86 42.74 7.49
C TYR C 48 32.66 41.26 7.18
N PHE C 49 33.68 40.60 6.63
CA PHE C 49 33.54 39.18 6.23
C PHE C 49 33.49 38.25 7.45
N MET C 50 33.85 38.76 8.63
CA MET C 50 33.91 37.88 9.83
C MET C 50 32.57 37.28 10.30
N SER C 51 32.59 36.57 11.43
CA SER C 51 31.40 36.04 12.07
C SER C 51 31.07 36.84 13.33
N PRO C 52 29.79 36.83 13.75
CA PRO C 52 29.44 37.58 14.97
C PRO C 52 30.12 37.06 16.23
N CYS C 53 30.44 35.76 16.30
CA CYS C 53 31.12 35.23 17.48
C CYS C 53 32.48 35.85 17.66
N GLU C 54 33.17 36.16 16.56
CA GLU C 54 34.51 36.75 16.62
C GLU C 54 34.46 38.27 16.77
N LYS C 55 33.46 38.93 16.17
CA LYS C 55 33.34 40.37 16.28
C LYS C 55 33.17 40.81 17.73
N TYR C 56 32.61 39.96 18.58
CA TYR C 56 32.43 40.28 19.98
C TYR C 56 33.75 40.42 20.73
N ARG C 57 34.85 39.98 20.14
CA ARG C 57 36.17 40.14 20.75
C ARG C 57 37.18 40.85 19.86
N ALA C 58 36.96 40.90 18.54
CA ALA C 58 37.80 41.73 17.69
C ALA C 58 37.47 43.21 17.86
N ARG C 59 36.19 43.54 18.03
CA ARG C 59 35.77 44.91 18.26
C ARG C 59 34.77 45.06 19.40
N ARG C 60 34.43 43.97 20.08
CA ARG C 60 33.52 43.96 21.23
C ARG C 60 32.15 44.53 20.91
N GLN C 61 31.71 44.40 19.67
CA GLN C 61 30.36 44.82 19.29
C GLN C 61 29.36 43.73 19.67
N ILE C 62 28.29 44.12 20.37
CA ILE C 62 27.25 43.16 20.74
C ILE C 62 26.44 42.80 19.50
N PRO C 63 26.02 41.52 19.33
CA PRO C 63 25.30 41.08 18.13
C PRO C 63 23.78 41.24 18.21
N TRP C 64 23.31 42.49 18.37
CA TRP C 64 21.88 42.73 18.58
C TRP C 64 21.04 42.36 17.37
N LYS C 65 21.60 42.42 16.17
CA LYS C 65 20.83 42.02 14.99
C LYS C 65 20.57 40.52 14.98
N LEU C 66 21.51 39.72 15.48
CA LEU C 66 21.27 38.29 15.62
C LEU C 66 20.17 38.03 16.63
N GLY C 67 20.14 38.80 17.72
CA GLY C 67 19.03 38.70 18.65
C GLY C 67 17.70 39.07 18.02
N LEU C 68 17.71 40.09 17.15
CA LEU C 68 16.49 40.44 16.43
C LEU C 68 16.03 39.30 15.55
N GLN C 69 16.97 38.64 14.86
CA GLN C 69 16.60 37.51 14.01
C GLN C 69 16.06 36.33 14.83
N ILE C 70 16.65 36.07 15.99
CA ILE C 70 16.15 34.98 16.85
C ILE C 70 14.75 35.31 17.33
N LEU C 71 14.52 36.56 17.75
CA LEU C 71 13.20 36.99 18.17
C LEU C 71 12.19 36.85 17.03
N LYS C 72 12.60 37.19 15.81
CA LYS C 72 11.73 37.03 14.66
C LYS C 72 11.37 35.56 14.44
N ILE C 73 12.35 34.67 14.57
CA ILE C 73 12.06 33.24 14.41
C ILE C 73 11.01 32.81 15.42
N VAL C 74 11.20 33.19 16.69
CA VAL C 74 10.28 32.76 17.74
C VAL C 74 8.88 33.30 17.46
N MET C 75 8.77 34.58 17.13
CA MET C 75 7.47 35.21 16.97
C MET C 75 6.74 34.69 15.74
N VAL C 76 7.47 34.49 14.63
CA VAL C 76 6.83 33.94 13.43
C VAL C 76 6.32 32.53 13.68
N THR C 77 7.13 31.70 14.35
CA THR C 77 6.69 30.32 14.60
C THR C 77 5.47 30.30 15.51
N THR C 78 5.46 31.12 16.56
CA THR C 78 4.32 31.10 17.47
C THR C 78 3.06 31.67 16.81
N GLN C 79 3.21 32.68 15.95
CA GLN C 79 2.07 33.19 15.21
C GLN C 79 1.48 32.11 14.31
N LEU C 80 2.34 31.37 13.61
CA LEU C 80 1.85 30.31 12.74
C LEU C 80 1.15 29.22 13.54
N VAL C 81 1.70 28.86 14.71
CA VAL C 81 1.10 27.81 15.53
C VAL C 81 -0.27 28.25 16.04
N ARG C 82 -0.39 29.46 16.55
CA ARG C 82 -1.68 29.95 17.02
C ARG C 82 -2.69 30.01 15.89
N PHE C 83 -2.27 30.48 14.72
CA PHE C 83 -3.15 30.56 13.56
C PHE C 83 -3.68 29.19 13.17
N GLY C 84 -2.79 28.20 13.08
CA GLY C 84 -3.23 26.86 12.72
C GLY C 84 -4.15 26.24 13.75
N LEU C 85 -3.84 26.42 15.03
CA LEU C 85 -4.67 25.86 16.08
C LEU C 85 -6.06 26.49 16.09
N SER C 86 -6.15 27.79 15.78
CA SER C 86 -7.46 28.41 15.71
C SER C 86 -8.22 27.99 14.46
N ASN C 87 -7.52 27.77 13.34
CA ASN C 87 -8.19 27.36 12.10
C ASN C 87 -8.75 25.95 12.21
N GLN C 88 -8.04 25.07 12.93
CA GLN C 88 -8.48 23.69 13.05
C GLN C 88 -9.91 23.58 13.56
N LEU C 89 -10.27 24.41 14.55
CA LEU C 89 -11.59 24.30 15.16
C LEU C 89 -12.69 24.68 14.18
N VAL C 90 -12.53 25.79 13.47
CA VAL C 90 -13.54 26.23 12.51
C VAL C 90 -13.67 25.21 11.38
N VAL C 91 -12.55 24.73 10.86
CA VAL C 91 -12.60 23.75 9.77
C VAL C 91 -13.30 22.48 10.25
N ALA C 92 -12.95 22.01 11.44
CA ALA C 92 -13.57 20.80 11.97
C ALA C 92 -15.08 20.97 12.16
N PHE C 93 -15.51 22.11 12.70
CA PHE C 93 -16.94 22.32 12.88
C PHE C 93 -17.68 22.31 11.55
N LYS C 94 -17.15 23.03 10.56
CA LYS C 94 -17.80 23.08 9.26
C LYS C 94 -17.87 21.71 8.60
N GLU C 95 -16.76 20.95 8.64
CA GLU C 95 -16.73 19.66 7.98
C GLU C 95 -17.63 18.64 8.69
N ASP C 96 -17.65 18.65 10.03
CA ASP C 96 -18.53 17.75 10.75
C ASP C 96 -19.99 18.06 10.47
N ASN C 97 -20.34 19.35 10.42
CA ASN C 97 -21.72 19.71 10.07
C ASN C 97 -22.05 19.27 8.64
N THR C 98 -21.08 19.37 7.73
CA THR C 98 -21.32 18.90 6.37
C THR C 98 -21.57 17.39 6.32
N VAL C 99 -20.80 16.62 7.10
CA VAL C 99 -21.00 15.16 7.14
C VAL C 99 -22.37 14.83 7.72
N ALA C 100 -22.77 15.52 8.79
CA ALA C 100 -24.10 15.31 9.36
C ALA C 100 -25.18 15.66 8.34
N PHE C 101 -24.98 16.72 7.56
CA PHE C 101 -25.94 17.10 6.53
C PHE C 101 -26.05 16.03 5.45
N LYS C 102 -24.92 15.47 5.03
CA LYS C 102 -24.95 14.41 4.02
C LYS C 102 -25.70 13.20 4.54
N HIS C 103 -25.50 12.83 5.81
CA HIS C 103 -26.25 11.71 6.36
C HIS C 103 -27.73 12.04 6.50
N LEU C 104 -28.06 13.29 6.79
CA LEU C 104 -29.45 13.67 7.00
C LEU C 104 -30.24 13.72 5.69
N PHE C 105 -29.64 14.25 4.63
CA PHE C 105 -30.40 14.61 3.44
C PHE C 105 -30.18 13.70 2.23
N LEU C 106 -29.14 12.88 2.22
CA LEU C 106 -28.85 12.01 1.09
C LEU C 106 -29.31 10.59 1.42
N LYS C 107 -30.17 10.04 0.56
CA LYS C 107 -30.74 8.72 0.80
C LYS C 107 -29.69 7.64 0.59
N GLY C 108 -29.57 6.74 1.56
CA GLY C 108 -28.65 5.63 1.43
C GLY C 108 -27.19 6.02 1.41
N TYR C 109 -26.85 7.19 1.93
CA TYR C 109 -25.45 7.63 1.94
C TYR C 109 -24.63 6.73 2.86
N SER C 110 -23.51 6.24 2.34
CA SER C 110 -22.69 5.26 3.05
C SER C 110 -21.66 5.89 3.98
N GLY C 111 -21.57 7.22 4.03
CA GLY C 111 -20.58 7.88 4.84
C GLY C 111 -19.27 8.17 4.16
N THR C 112 -19.14 7.84 2.87
CA THR C 112 -17.95 8.14 2.09
C THR C 112 -18.37 8.55 0.69
N ASP C 113 -17.74 9.58 0.16
CA ASP C 113 -18.10 10.12 -1.15
C ASP C 113 -17.59 9.24 -2.27
N GLU C 114 -18.33 9.25 -3.38
CA GLU C 114 -17.90 8.61 -4.63
C GLU C 114 -17.17 9.66 -5.47
N ASP C 115 -15.86 9.75 -5.24
CA ASP C 115 -14.97 10.69 -5.96
C ASP C 115 -15.42 12.11 -5.61
N ASP C 116 -15.70 12.97 -6.59
CA ASP C 116 -16.04 14.36 -6.30
C ASP C 116 -17.52 14.56 -5.99
N TYR C 117 -18.33 13.52 -6.08
CA TYR C 117 -19.75 13.59 -5.76
C TYR C 117 -20.05 12.61 -4.64
N SER C 118 -21.10 12.90 -3.87
CA SER C 118 -21.40 12.10 -2.70
C SER C 118 -21.91 10.72 -3.08
N CYS C 119 -22.87 10.64 -4.00
CA CYS C 119 -23.46 9.36 -4.37
C CYS C 119 -24.07 9.50 -5.76
N SER C 120 -24.59 8.39 -6.28
CA SER C 120 -25.14 8.36 -7.62
C SER C 120 -26.31 7.39 -7.67
N VAL C 121 -27.17 7.59 -8.67
CA VAL C 121 -28.31 6.73 -8.94
C VAL C 121 -28.30 6.37 -10.42
N TYR C 122 -28.75 5.16 -10.75
CA TYR C 122 -28.78 4.68 -12.11
C TYR C 122 -30.18 4.37 -12.63
N THR C 123 -31.21 4.49 -11.79
CA THR C 123 -32.56 4.07 -12.14
C THR C 123 -33.50 5.27 -12.04
N GLN C 124 -34.52 5.26 -12.90
CA GLN C 124 -35.49 6.35 -12.93
C GLN C 124 -36.22 6.50 -11.60
N GLU C 125 -36.40 5.40 -10.86
CA GLU C 125 -37.09 5.47 -9.58
C GLU C 125 -36.17 5.86 -8.43
N ASP C 126 -34.89 5.48 -8.51
CA ASP C 126 -33.95 5.87 -7.47
C ASP C 126 -33.80 7.38 -7.38
N ALA C 127 -33.81 8.07 -8.53
CA ALA C 127 -33.70 9.52 -8.53
C ALA C 127 -34.90 10.18 -7.84
N TYR C 128 -36.11 9.70 -8.16
CA TYR C 128 -37.29 10.23 -7.50
C TYR C 128 -37.25 9.97 -6.01
N GLU C 129 -36.81 8.77 -5.61
CA GLU C 129 -36.73 8.46 -4.18
C GLU C 129 -35.73 9.37 -3.49
N SER C 130 -34.59 9.64 -4.12
CA SER C 130 -33.60 10.52 -3.50
C SER C 130 -34.11 11.95 -3.38
N ILE C 131 -34.76 12.46 -4.41
CA ILE C 131 -35.28 13.84 -4.37
C ILE C 131 -36.35 13.98 -3.30
N PHE C 132 -37.32 13.06 -3.30
CA PHE C 132 -38.38 13.15 -2.30
C PHE C 132 -37.85 12.91 -0.90
N PHE C 133 -36.82 12.08 -0.75
CA PHE C 133 -36.19 11.89 0.55
C PHE C 133 -35.56 13.19 1.02
N ALA C 134 -34.85 13.89 0.14
CA ALA C 134 -34.24 15.16 0.54
C ALA C 134 -35.30 16.15 0.99
N ILE C 135 -36.39 16.26 0.23
CA ILE C 135 -37.43 17.22 0.60
C ILE C 135 -38.10 16.83 1.93
N ASN C 136 -38.43 15.53 2.08
CA ASN C 136 -39.12 15.10 3.29
C ASN C 136 -38.22 15.24 4.52
N GLN C 137 -36.92 14.94 4.37
CA GLN C 137 -36.00 15.15 5.47
C GLN C 137 -35.88 16.61 5.84
N TYR C 138 -35.95 17.51 4.84
CA TYR C 138 -35.99 18.93 5.18
C TYR C 138 -37.25 19.26 5.97
N HIS C 139 -38.39 18.67 5.61
CA HIS C 139 -39.64 18.98 6.30
C HIS C 139 -39.58 18.57 7.78
N GLN C 140 -38.93 17.45 8.09
CA GLN C 140 -38.92 16.88 9.43
C GLN C 140 -37.67 17.24 10.24
N LEU C 141 -36.92 18.27 9.83
CA LEU C 141 -35.58 18.51 10.38
C LEU C 141 -35.56 18.56 11.90
N LYS C 142 -36.54 19.25 12.51
CA LYS C 142 -36.50 19.45 13.95
C LYS C 142 -36.59 18.14 14.73
N ASP C 143 -37.18 17.11 14.13
CA ASP C 143 -37.37 15.83 14.79
C ASP C 143 -36.23 14.84 14.54
N ILE C 144 -35.28 15.15 13.68
CA ILE C 144 -34.28 14.16 13.27
C ILE C 144 -32.87 14.59 13.66
N THR C 145 -32.62 15.89 13.72
CA THR C 145 -31.26 16.39 13.88
C THR C 145 -30.79 16.26 15.33
N LEU C 146 -29.51 15.93 15.50
CA LEU C 146 -28.88 15.87 16.81
C LEU C 146 -28.18 17.17 17.20
N GLY C 147 -27.99 18.10 16.25
CA GLY C 147 -27.26 19.32 16.52
C GLY C 147 -28.13 20.47 16.97
N THR C 148 -27.45 21.59 17.29
CA THR C 148 -28.13 22.85 17.58
C THR C 148 -28.34 23.58 16.26
N LEU C 149 -29.42 23.21 15.58
CA LEU C 149 -29.62 23.53 14.18
C LEU C 149 -31.05 23.97 13.94
N GLY C 150 -31.25 24.84 12.96
CA GLY C 150 -32.58 25.34 12.67
C GLY C 150 -32.66 25.93 11.28
N TYR C 151 -33.87 26.37 10.93
CA TYR C 151 -34.11 26.92 9.61
C TYR C 151 -33.61 28.37 9.50
N GLY C 152 -33.10 28.73 8.33
CA GLY C 152 -32.67 30.09 8.05
C GLY C 152 -33.51 30.76 6.97
N GLU C 153 -33.60 32.08 7.05
CA GLU C 153 -34.31 32.84 6.01
C GLU C 153 -33.49 32.90 4.72
N ASN C 154 -34.17 32.78 3.59
CA ASN C 154 -33.52 32.88 2.30
C ASN C 154 -33.42 34.33 1.85
N GLU C 155 -32.93 34.53 0.62
CA GLU C 155 -32.78 35.89 0.10
C GLU C 155 -34.10 36.62 -0.02
N ASP C 156 -35.18 35.89 -0.32
CA ASP C 156 -36.52 36.47 -0.39
C ASP C 156 -37.15 36.68 0.99
N ASN C 157 -36.38 36.46 2.06
CA ASN C 157 -36.82 36.56 3.45
C ASN C 157 -37.84 35.49 3.83
N ARG C 158 -38.15 34.57 2.91
CA ARG C 158 -38.99 33.43 3.22
C ARG C 158 -38.18 32.31 3.85
N ILE C 159 -38.84 31.53 4.71
CA ILE C 159 -38.28 30.29 5.23
C ILE C 159 -38.91 29.14 4.45
N GLY C 160 -38.12 28.43 3.67
CA GLY C 160 -38.66 27.41 2.81
C GLY C 160 -37.58 26.80 1.92
N LEU C 161 -38.04 25.98 0.99
CA LEU C 161 -37.20 25.16 0.13
C LEU C 161 -37.42 25.54 -1.32
N LYS C 162 -36.33 25.78 -2.05
CA LYS C 162 -36.37 26.06 -3.48
C LYS C 162 -35.73 24.93 -4.26
N VAL C 163 -36.45 24.43 -5.27
CA VAL C 163 -35.97 23.38 -6.16
C VAL C 163 -36.16 23.83 -7.61
N CYS C 164 -35.14 23.62 -8.43
CA CYS C 164 -35.12 24.09 -9.81
C CYS C 164 -34.81 22.95 -10.77
N LYS C 165 -35.39 23.02 -11.97
CA LYS C 165 -35.15 22.06 -13.03
C LYS C 165 -34.50 22.75 -14.23
N GLN C 166 -33.71 21.98 -14.98
CA GLN C 166 -33.12 22.52 -16.23
C GLN C 166 -33.29 21.45 -17.32
N HIS C 167 -34.21 21.68 -18.27
CA HIS C 167 -34.47 20.71 -19.35
C HIS C 167 -34.13 21.34 -20.71
N TYR C 168 -34.04 20.53 -21.77
CA TYR C 168 -33.83 21.10 -23.14
C TYR C 168 -35.13 21.81 -23.52
N LYS C 169 -35.08 22.75 -24.46
CA LYS C 169 -36.27 23.63 -24.70
C LYS C 169 -37.44 22.98 -25.46
N LYS C 170 -37.31 21.75 -25.94
CA LYS C 170 -38.43 21.21 -26.77
C LYS C 170 -38.71 19.74 -26.41
N GLY C 171 -39.96 19.45 -26.04
CA GLY C 171 -40.34 18.07 -25.67
C GLY C 171 -41.58 18.05 -24.80
N PRO C 175 -42.53 11.16 -28.23
CA PRO C 175 -41.44 10.65 -29.07
C PRO C 175 -40.09 10.81 -28.36
N SER C 176 -39.23 9.78 -28.45
CA SER C 176 -37.88 9.87 -27.83
C SER C 176 -36.91 8.90 -28.50
N ASN C 177 -35.64 9.29 -28.64
CA ASN C 177 -34.59 8.38 -29.19
C ASN C 177 -34.72 8.20 -30.71
N GLU C 178 -35.93 8.23 -31.28
CA GLU C 178 -36.02 7.95 -32.72
C GLU C 178 -36.12 9.23 -33.53
N THR C 179 -36.86 10.23 -33.02
CA THR C 179 -37.16 11.44 -33.78
C THR C 179 -37.03 12.71 -32.93
N LEU C 180 -36.09 12.75 -32.00
CA LEU C 180 -35.96 13.82 -31.02
C LEU C 180 -36.10 15.21 -31.63
N ASN C 181 -36.86 16.06 -30.95
CA ASN C 181 -37.03 17.46 -31.29
C ASN C 181 -36.20 18.40 -30.42
N ILE C 182 -35.16 17.87 -29.77
CA ILE C 182 -34.44 18.58 -28.71
C ILE C 182 -33.72 19.79 -29.33
N ASP C 183 -34.00 20.98 -28.80
CA ASP C 183 -33.31 22.21 -29.20
C ASP C 183 -32.02 22.40 -28.42
N ASN C 184 -31.23 23.38 -28.87
CA ASN C 184 -29.92 23.63 -28.29
C ASN C 184 -29.99 24.22 -26.89
N ASP C 185 -30.84 25.23 -26.69
CA ASP C 185 -30.85 25.96 -25.44
C ASP C 185 -31.78 25.32 -24.41
N VAL C 186 -31.67 25.78 -23.17
CA VAL C 186 -32.32 25.14 -22.03
C VAL C 186 -33.45 26.01 -21.49
N GLU C 187 -34.42 25.36 -20.86
CA GLU C 187 -35.48 26.02 -20.12
C GLU C 187 -35.32 25.76 -18.63
N LEU C 188 -35.39 26.82 -17.83
CA LEU C 188 -35.17 26.75 -16.39
C LEU C 188 -36.47 27.02 -15.66
N ASP C 189 -36.85 26.10 -14.77
CA ASP C 189 -38.11 26.21 -14.02
C ASP C 189 -37.83 25.96 -12.54
N CYS C 190 -38.38 26.83 -11.69
CA CYS C 190 -38.19 26.75 -10.24
C CYS C 190 -39.52 26.87 -9.53
N VAL C 191 -39.60 26.26 -8.35
CA VAL C 191 -40.75 26.38 -7.45
C VAL C 191 -40.26 26.56 -6.02
N GLN C 192 -40.97 27.37 -5.24
CA GLN C 192 -40.63 27.62 -3.85
C GLN C 192 -41.64 26.89 -2.97
N LEU C 193 -41.14 26.07 -2.04
CA LEU C 193 -41.97 25.29 -1.12
C LEU C 193 -41.68 25.77 0.30
N ASP C 194 -42.67 26.42 0.92
CA ASP C 194 -42.54 26.88 2.29
C ASP C 194 -42.94 25.79 3.27
N LEU C 195 -42.62 26.01 4.54
CA LEU C 195 -42.87 25.01 5.57
C LEU C 195 -44.36 24.71 5.70
N GLN C 196 -45.22 25.72 5.58
CA GLN C 196 -46.65 25.48 5.66
C GLN C 196 -47.19 24.76 4.42
N ASP C 197 -46.45 24.80 3.31
CA ASP C 197 -46.83 24.03 2.13
C ASP C 197 -46.48 22.55 2.30
N LEU C 198 -45.26 22.28 2.78
CA LEU C 198 -44.85 20.90 3.02
C LEU C 198 -45.69 20.24 4.11
N SER C 199 -46.26 21.05 5.00
CA SER C 199 -47.01 20.50 6.17
C SER C 199 -48.38 19.95 5.76
N LYS C 200 -48.98 20.47 4.69
CA LYS C 200 -50.35 20.07 4.29
C LYS C 200 -50.54 18.57 4.52
N LYS C 201 -51.57 18.20 5.30
CA LYS C 201 -51.84 16.76 5.60
C LYS C 201 -51.49 15.92 4.38
N PRO C 202 -52.12 16.12 3.20
CA PRO C 202 -51.74 15.41 1.99
C PRO C 202 -50.72 16.29 1.25
N PRO C 203 -49.42 15.94 1.26
CA PRO C 203 -48.39 16.79 0.63
C PRO C 203 -48.59 16.88 -0.88
N ASP C 204 -49.67 17.55 -1.32
CA ASP C 204 -49.96 17.69 -2.78
C ASP C 204 -48.68 17.90 -3.58
N TRP C 205 -47.75 18.74 -3.09
CA TRP C 205 -46.54 19.06 -3.84
C TRP C 205 -45.94 17.81 -4.48
N LYS C 206 -46.04 16.67 -3.79
CA LYS C 206 -45.48 15.43 -4.32
C LYS C 206 -46.20 14.95 -5.58
N ASN C 207 -47.47 15.33 -5.73
CA ASN C 207 -48.26 14.98 -6.91
C ASN C 207 -48.26 16.09 -7.97
N SER C 208 -47.54 17.18 -7.74
CA SER C 208 -47.58 18.32 -8.63
C SER C 208 -47.01 17.97 -10.00
N SER C 209 -47.45 18.72 -11.02
CA SER C 209 -46.92 18.58 -12.36
C SER C 209 -45.44 18.94 -12.44
N PHE C 210 -44.92 19.68 -11.45
CA PHE C 210 -43.52 20.10 -11.48
C PHE C 210 -42.57 18.91 -11.50
N PHE C 211 -42.96 17.82 -10.82
CA PHE C 211 -42.01 16.69 -10.64
C PHE C 211 -42.04 15.68 -11.78
N ARG C 212 -42.48 16.08 -12.98
CA ARG C 212 -42.36 15.17 -14.16
C ARG C 212 -40.96 15.48 -14.71
N LEU C 213 -39.99 14.58 -14.52
CA LEU C 213 -38.58 14.94 -14.87
C LEU C 213 -38.14 14.55 -16.28
N GLU C 214 -38.96 13.89 -17.10
CA GLU C 214 -38.56 13.65 -18.49
C GLU C 214 -37.04 13.55 -18.63
N PHE C 215 -36.49 12.49 -18.06
CA PHE C 215 -35.04 12.38 -17.84
C PHE C 215 -34.23 12.42 -19.13
N TYR C 216 -34.84 12.19 -20.30
CA TYR C 216 -34.08 12.27 -21.53
C TYR C 216 -33.75 13.70 -21.94
N ARG C 217 -34.50 14.68 -21.43
CA ARG C 217 -34.18 16.09 -21.64
C ARG C 217 -33.49 16.73 -20.44
N LEU C 218 -33.44 16.04 -19.31
CA LEU C 218 -33.03 16.66 -18.05
C LEU C 218 -31.54 16.93 -18.04
N LEU C 219 -31.17 18.15 -17.65
CA LEU C 219 -29.77 18.46 -17.37
C LEU C 219 -29.45 18.28 -15.89
N GLN C 220 -30.26 18.86 -15.01
CA GLN C 220 -30.01 18.77 -13.57
C GLN C 220 -31.26 19.17 -12.81
N VAL C 221 -31.30 18.75 -11.54
CA VAL C 221 -32.25 19.24 -10.56
C VAL C 221 -31.47 19.75 -9.36
N GLU C 222 -31.80 20.95 -8.89
CA GLU C 222 -31.10 21.57 -7.77
C GLU C 222 -32.07 21.85 -6.62
N ILE C 223 -31.69 21.40 -5.42
CA ILE C 223 -32.42 21.70 -4.19
C ILE C 223 -31.53 22.55 -3.30
N SER C 224 -32.07 23.68 -2.84
CA SER C 224 -31.28 24.65 -2.07
C SER C 224 -32.08 25.15 -0.88
N PHE C 225 -31.39 25.34 0.25
CA PHE C 225 -32.02 25.82 1.47
C PHE C 225 -30.95 26.36 2.41
N HIS C 226 -31.40 27.12 3.41
CA HIS C 226 -30.53 27.73 4.40
C HIS C 226 -30.80 27.17 5.79
N LEU C 227 -29.74 26.96 6.56
CA LEU C 227 -29.84 26.47 7.93
C LEU C 227 -29.00 27.34 8.88
N LYS C 228 -29.57 27.63 10.04
CA LYS C 228 -28.84 28.30 11.11
C LYS C 228 -28.18 27.29 12.02
N GLY C 229 -27.02 27.64 12.55
CA GLY C 229 -26.32 26.77 13.48
C GLY C 229 -25.57 27.56 14.53
N ILE C 230 -25.15 26.85 15.58
CA ILE C 230 -24.39 27.44 16.67
C ILE C 230 -23.25 26.49 17.03
N ASP C 231 -22.04 27.03 17.17
CA ASP C 231 -20.89 26.27 17.66
C ASP C 231 -20.91 26.30 19.20
N LEU C 232 -21.83 25.52 19.75
CA LEU C 232 -22.07 25.53 21.20
C LEU C 232 -20.89 24.99 22.01
N GLN C 233 -19.97 24.26 21.37
CA GLN C 233 -18.83 23.71 22.11
C GLN C 233 -17.95 24.81 22.70
N THR C 234 -17.98 26.00 22.11
CA THR C 234 -17.17 27.11 22.59
C THR C 234 -17.70 27.72 23.89
N ILE C 235 -18.88 27.31 24.35
CA ILE C 235 -19.52 27.96 25.50
C ILE C 235 -18.66 27.84 26.76
N HIS C 236 -17.81 26.81 26.84
CA HIS C 236 -17.03 26.59 28.05
C HIS C 236 -16.03 27.71 28.32
N SER C 237 -15.70 28.50 27.29
CA SER C 237 -14.78 29.62 27.46
C SER C 237 -15.44 30.85 28.08
N ARG C 238 -16.76 30.82 28.30
CA ARG C 238 -17.54 31.97 28.77
C ARG C 238 -17.58 33.07 27.73
N GLU C 239 -17.04 32.80 26.54
CA GLU C 239 -17.22 33.70 25.41
C GLU C 239 -18.57 33.46 24.75
N LEU C 240 -19.09 34.49 24.10
CA LEU C 240 -20.33 34.33 23.35
C LEU C 240 -20.10 33.38 22.18
N PRO C 241 -20.94 32.35 22.02
CA PRO C 241 -20.66 31.33 20.99
C PRO C 241 -20.86 31.87 19.58
N ASP C 242 -20.09 31.29 18.66
CA ASP C 242 -20.17 31.67 17.25
C ASP C 242 -21.36 31.00 16.57
N CYS C 243 -22.28 31.81 16.04
CA CYS C 243 -23.35 31.29 15.22
C CYS C 243 -22.89 31.08 13.78
N TYR C 244 -23.64 30.29 13.03
CA TYR C 244 -23.34 29.99 11.64
C TYR C 244 -24.61 30.02 10.82
N VAL C 245 -24.45 30.29 9.53
CA VAL C 245 -25.50 30.11 8.54
C VAL C 245 -24.96 29.24 7.43
N PHE C 246 -25.67 28.14 7.14
CA PHE C 246 -25.24 27.19 6.12
C PHE C 246 -26.13 27.36 4.89
N GLN C 247 -25.51 27.60 3.74
CA GLN C 247 -26.19 27.62 2.45
C GLN C 247 -25.95 26.27 1.79
N ASN C 248 -26.99 25.45 1.71
CA ASN C 248 -26.88 24.07 1.27
C ASN C 248 -27.55 23.90 -0.09
N THR C 249 -26.87 23.22 -1.00
CA THR C 249 -27.40 22.88 -2.31
C THR C 249 -27.18 21.40 -2.58
N ILE C 250 -28.20 20.75 -3.13
CA ILE C 250 -28.10 19.37 -3.60
C ILE C 250 -28.32 19.40 -5.11
N ILE C 251 -27.34 18.90 -5.86
CA ILE C 251 -27.38 18.90 -7.32
C ILE C 251 -27.54 17.46 -7.79
N PHE C 252 -28.61 17.19 -8.52
CA PHE C 252 -28.82 15.89 -9.16
C PHE C 252 -28.42 16.05 -10.62
N ASP C 253 -27.19 15.65 -10.93
CA ASP C 253 -26.53 16.07 -12.15
C ASP C 253 -26.41 14.89 -13.12
N ASN C 254 -26.90 15.08 -14.34
CA ASN C 254 -26.67 14.15 -15.45
C ASN C 254 -26.34 14.92 -16.72
N LYS C 255 -25.36 15.83 -16.64
CA LYS C 255 -24.88 16.50 -17.83
C LYS C 255 -24.35 15.50 -18.85
N ALA C 256 -23.75 14.40 -18.39
CA ALA C 256 -23.17 13.42 -19.28
C ALA C 256 -24.23 12.66 -20.10
N HIS C 257 -25.45 12.56 -19.58
CA HIS C 257 -26.52 11.79 -20.21
C HIS C 257 -26.11 10.33 -20.46
N SER C 258 -25.24 9.80 -19.62
CA SER C 258 -24.72 8.45 -19.78
C SER C 258 -25.50 7.42 -18.96
N GLY C 259 -26.67 7.79 -18.44
CA GLY C 259 -27.48 6.89 -17.66
C GLY C 259 -27.20 6.90 -16.17
N LYS C 260 -26.28 7.73 -15.70
CA LYS C 260 -26.04 7.92 -14.27
C LYS C 260 -26.26 9.37 -13.88
N ILE C 261 -26.94 9.57 -12.76
CA ILE C 261 -27.09 10.89 -12.15
C ILE C 261 -26.12 10.98 -10.98
N LYS C 262 -25.24 11.98 -11.01
CA LYS C 262 -24.32 12.24 -9.91
C LYS C 262 -24.97 13.22 -8.94
N ILE C 263 -24.87 12.92 -7.65
CA ILE C 263 -25.52 13.70 -6.61
C ILE C 263 -24.44 14.44 -5.83
N TYR C 264 -24.45 15.77 -5.91
CA TYR C 264 -23.50 16.63 -5.23
C TYR C 264 -24.17 17.31 -4.05
N PHE C 265 -23.50 17.31 -2.89
CA PHE C 265 -23.91 18.09 -1.75
C PHE C 265 -22.82 19.12 -1.43
N ASP C 266 -23.22 20.37 -1.32
CA ASP C 266 -22.30 21.47 -1.02
C ASP C 266 -22.89 22.33 0.09
N SER C 267 -22.02 22.82 0.98
CA SER C 267 -22.43 23.65 2.10
C SER C 267 -21.48 24.84 2.21
N ASP C 268 -22.04 26.05 2.21
CA ASP C 268 -21.28 27.29 2.37
C ASP C 268 -21.68 27.93 3.69
N ALA C 269 -20.72 28.05 4.61
CA ALA C 269 -20.97 28.50 5.97
C ALA C 269 -20.43 29.91 6.19
N LYS C 270 -21.28 30.80 6.73
CA LYS C 270 -20.89 32.14 7.11
C LYS C 270 -21.19 32.36 8.59
N ILE C 271 -20.39 33.23 9.22
CA ILE C 271 -20.53 33.46 10.66
C ILE C 271 -21.79 34.25 11.00
N GLU C 272 -22.13 35.26 10.20
CA GLU C 272 -23.28 36.15 10.44
C GLU C 272 -23.14 36.75 11.85
N GLU C 273 -24.17 36.68 12.70
CA GLU C 273 -24.13 37.34 13.99
C GLU C 273 -24.99 36.58 14.99
N CYS C 274 -24.49 36.49 16.22
CA CYS C 274 -25.23 35.89 17.34
C CYS C 274 -26.17 36.91 17.97
N LYS C 275 -27.19 37.28 17.19
CA LYS C 275 -27.91 38.52 17.44
C LYS C 275 -28.99 38.43 18.52
N ASP C 276 -29.52 37.22 18.73
CA ASP C 276 -30.58 37.00 19.76
C ASP C 276 -30.32 35.66 20.48
N LEU C 277 -29.64 35.70 21.63
CA LEU C 277 -29.40 34.47 22.43
C LEU C 277 -29.33 34.86 23.91
N ASN C 278 -29.77 33.99 24.81
CA ASN C 278 -29.82 34.33 26.26
C ASN C 278 -28.73 33.57 27.02
N ILE C 279 -27.75 33.02 26.29
CA ILE C 279 -26.67 32.21 26.94
C ILE C 279 -25.80 33.14 27.80
N PHE C 280 -25.90 33.00 29.13
CA PHE C 280 -25.15 33.90 30.06
C PHE C 280 -23.65 33.65 29.90
N GLY C 281 -22.84 34.70 30.09
CA GLY C 281 -21.39 34.58 29.94
C GLY C 281 -20.76 35.90 29.56
N SER C 282 -19.84 35.89 28.58
CA SER C 282 -19.15 37.13 28.14
C SER C 282 -18.98 37.13 26.61
N THR C 283 -18.79 38.31 26.00
CA THR C 283 -18.60 38.40 24.53
C THR C 283 -17.15 38.13 24.18
N GLN C 284 -16.79 38.18 22.90
CA GLN C 284 -15.40 37.85 22.52
C GLN C 284 -14.76 39.03 21.78
N LYS C 285 -13.91 39.80 22.48
CA LYS C 285 -13.22 40.95 21.84
C LYS C 285 -11.70 40.73 21.98
N ASN C 286 -11.28 39.47 21.89
CA ASN C 286 -9.83 39.14 21.99
C ASN C 286 -9.12 39.62 20.72
N ALA C 287 -9.89 40.06 19.72
CA ALA C 287 -9.28 40.62 18.50
C ALA C 287 -8.15 41.59 18.85
N GLN C 288 -8.43 42.49 19.79
CA GLN C 288 -7.37 43.43 20.26
C GLN C 288 -6.09 42.63 20.48
N TYR C 289 -6.14 41.57 21.29
CA TYR C 289 -4.92 40.79 21.59
C TYR C 289 -4.30 40.26 20.30
N VAL C 290 -5.09 39.57 19.47
CA VAL C 290 -4.56 38.96 18.22
C VAL C 290 -4.07 40.08 17.28
N LEU C 291 -4.78 41.20 17.23
CA LEU C 291 -4.41 42.28 16.28
C LEU C 291 -3.09 42.95 16.73
N VAL C 292 -2.83 42.94 18.04
CA VAL C 292 -1.60 43.62 18.57
C VAL C 292 -0.40 42.70 18.35
N PHE C 293 -0.60 41.38 18.43
CA PHE C 293 0.51 40.48 18.12
C PHE C 293 0.86 40.52 16.64
N ASP C 294 -0.15 40.59 15.77
CA ASP C 294 0.12 40.73 14.34
C ASP C 294 0.81 42.05 14.04
N ALA C 295 0.43 43.12 14.72
CA ALA C 295 1.13 44.39 14.56
C ALA C 295 2.58 44.29 15.01
N PHE C 296 2.84 43.60 16.12
CA PHE C 296 4.21 43.40 16.58
C PHE C 296 5.02 42.61 15.56
N VAL C 297 4.43 41.56 14.99
CA VAL C 297 5.12 40.76 13.98
C VAL C 297 5.44 41.61 12.76
N ILE C 298 4.49 42.42 12.31
CA ILE C 298 4.71 43.29 11.16
C ILE C 298 5.86 44.26 11.44
N VAL C 299 5.85 44.87 12.63
CA VAL C 299 6.90 45.83 12.97
C VAL C 299 8.27 45.17 12.99
N ILE C 300 8.37 43.98 13.60
CA ILE C 300 9.66 43.31 13.69
C ILE C 300 10.17 42.90 12.31
N CYS C 301 9.28 42.38 11.46
CA CYS C 301 9.69 42.01 10.11
C CYS C 301 10.12 43.23 9.31
N LEU C 302 9.44 44.36 9.50
CA LEU C 302 9.84 45.60 8.82
C LEU C 302 11.23 46.03 9.26
N ALA C 303 11.50 45.98 10.56
CA ALA C 303 12.84 46.34 11.05
C ALA C 303 13.90 45.41 10.47
N SER C 304 13.63 44.10 10.46
CA SER C 304 14.59 43.16 9.90
C SER C 304 14.86 43.44 8.43
N LEU C 305 13.80 43.74 7.67
CA LEU C 305 13.97 44.04 6.25
C LEU C 305 14.82 45.30 6.04
N ILE C 306 14.54 46.34 6.83
CA ILE C 306 15.31 47.58 6.71
C ILE C 306 16.78 47.32 6.99
N LEU C 307 17.06 46.58 8.07
CA LEU C 307 18.44 46.31 8.44
C LEU C 307 19.16 45.44 7.40
N CYS C 308 18.47 44.46 6.81
CA CYS C 308 19.11 43.62 5.80
C CYS C 308 19.42 44.40 4.54
N THR C 309 18.48 45.27 4.11
CA THR C 309 18.75 46.11 2.95
C THR C 309 19.91 47.07 3.22
N ARG C 310 19.98 47.61 4.44
CA ARG C 310 21.11 48.46 4.79
C ARG C 310 22.43 47.69 4.73
N SER C 311 22.43 46.45 5.22
CA SER C 311 23.64 45.62 5.15
C SER C 311 24.05 45.37 3.70
N ILE C 312 23.07 45.13 2.83
CA ILE C 312 23.39 44.92 1.42
C ILE C 312 23.97 46.19 0.79
N VAL C 313 23.41 47.34 1.12
CA VAL C 313 23.94 48.61 0.61
C VAL C 313 25.38 48.82 1.08
N LEU C 314 25.65 48.55 2.36
CA LEU C 314 27.01 48.70 2.87
C LEU C 314 27.98 47.73 2.20
N ALA C 315 27.54 46.50 1.95
CA ALA C 315 28.39 45.55 1.25
C ALA C 315 28.69 46.01 -0.17
N LEU C 316 27.69 46.59 -0.85
CA LEU C 316 27.93 47.11 -2.20
C LEU C 316 28.89 48.30 -2.18
N ARG C 317 28.79 49.16 -1.17
CA ARG C 317 29.75 50.25 -1.04
C ARG C 317 31.16 49.72 -0.82
N LEU C 318 31.28 48.67 0.01
CA LEU C 318 32.58 48.02 0.19
C LEU C 318 33.10 47.46 -1.13
N ARG C 319 32.22 46.85 -1.92
CA ARG C 319 32.64 46.29 -3.21
C ARG C 319 33.15 47.37 -4.15
N LYS C 320 32.43 48.50 -4.22
CA LYS C 320 32.87 49.58 -5.10
C LYS C 320 34.17 50.20 -4.59
N ARG C 321 34.32 50.31 -3.27
CA ARG C 321 35.58 50.81 -2.71
C ARG C 321 36.74 49.88 -3.06
N PHE C 322 36.52 48.58 -2.99
CA PHE C 322 37.54 47.61 -3.39
C PHE C 322 37.88 47.74 -4.87
N LEU C 323 36.84 47.89 -5.71
CA LEU C 323 37.08 48.05 -7.15
C LEU C 323 37.88 49.31 -7.45
N ASN C 324 37.61 50.40 -6.73
CA ASN C 324 38.30 51.65 -6.98
C ASN C 324 39.69 51.71 -6.36
N PHE C 325 39.93 50.94 -5.29
CA PHE C 325 41.16 51.12 -4.53
C PHE C 325 42.39 50.70 -5.33
N PHE C 326 42.37 49.50 -5.91
CA PHE C 326 43.57 48.96 -6.53
C PHE C 326 43.19 48.00 -7.65
N LEU C 327 44.11 47.86 -8.60
CA LEU C 327 43.96 46.90 -9.68
C LEU C 327 43.95 45.47 -9.16
N ASP C 338 39.65 37.62 -3.23
CA ASP C 338 38.33 38.27 -3.20
C ASP C 338 37.52 37.90 -4.44
N GLN C 339 36.23 38.19 -4.40
CA GLN C 339 35.31 37.84 -5.47
C GLN C 339 34.26 38.92 -5.59
N TRP C 340 33.65 39.02 -6.78
CA TRP C 340 32.61 40.01 -7.02
C TRP C 340 31.41 39.82 -6.08
N GLU C 341 31.19 38.61 -5.58
CA GLU C 341 30.01 38.32 -4.78
C GLU C 341 30.20 38.81 -3.34
N PHE C 342 30.14 40.13 -3.19
CA PHE C 342 30.08 40.73 -1.86
C PHE C 342 28.72 40.58 -1.22
N ILE C 343 27.68 40.36 -2.02
CA ILE C 343 26.32 40.24 -1.51
C ILE C 343 26.16 38.90 -0.82
N ASN C 344 25.78 38.93 0.46
CA ASN C 344 25.47 37.70 1.20
C ASN C 344 24.11 37.18 0.73
N GLY C 345 24.10 35.99 0.14
CA GLY C 345 22.87 35.43 -0.40
C GLY C 345 21.82 35.13 0.64
N TRP C 346 22.21 34.95 1.90
CA TRP C 346 21.24 34.71 2.96
C TRP C 346 20.37 35.93 3.22
N TYR C 347 20.90 37.14 2.94
CA TYR C 347 20.11 38.35 3.11
C TYR C 347 18.92 38.39 2.17
N VAL C 348 19.08 37.91 0.94
CA VAL C 348 17.97 37.90 -0.02
C VAL C 348 16.83 37.02 0.48
N LEU C 349 17.17 35.84 1.01
CA LEU C 349 16.16 34.95 1.57
C LEU C 349 15.43 35.60 2.74
N VAL C 350 16.17 36.31 3.59
CA VAL C 350 15.57 37.00 4.72
C VAL C 350 14.60 38.08 4.25
N ILE C 351 14.99 38.85 3.22
CA ILE C 351 14.12 39.89 2.70
C ILE C 351 12.85 39.28 2.12
N ILE C 352 12.98 38.19 1.36
CA ILE C 352 11.80 37.54 0.80
C ILE C 352 10.88 37.05 1.93
N SER C 353 11.46 36.44 2.96
CA SER C 353 10.66 35.92 4.06
C SER C 353 9.96 37.04 4.81
N ASP C 354 10.65 38.17 5.02
CA ASP C 354 10.03 39.30 5.70
C ASP C 354 8.89 39.89 4.89
N LEU C 355 9.07 40.02 3.58
CA LEU C 355 7.98 40.53 2.74
C LEU C 355 6.77 39.61 2.81
N MET C 356 7.00 38.30 2.67
CA MET C 356 5.89 37.35 2.74
C MET C 356 5.21 37.37 4.10
N THR C 357 5.98 37.47 5.18
CA THR C 357 5.39 37.52 6.51
C THR C 357 4.54 38.78 6.69
N ILE C 358 5.04 39.93 6.22
CA ILE C 358 4.29 41.17 6.34
C ILE C 358 2.96 41.07 5.60
N ILE C 359 3.00 40.63 4.34
CA ILE C 359 1.77 40.61 3.56
C ILE C 359 0.81 39.55 4.10
N GLY C 360 1.33 38.40 4.56
CA GLY C 360 0.46 37.40 5.17
C GLY C 360 -0.18 37.86 6.46
N SER C 361 0.55 38.62 7.27
CA SER C 361 -0.04 39.18 8.48
C SER C 361 -1.12 40.20 8.15
N ILE C 362 -0.90 41.02 7.13
CA ILE C 362 -1.93 41.96 6.68
C ILE C 362 -3.17 41.20 6.23
N LEU C 363 -2.97 40.13 5.45
CA LEU C 363 -4.10 39.32 5.01
C LEU C 363 -4.85 38.70 6.18
N LYS C 364 -4.11 38.20 7.18
CA LYS C 364 -4.75 37.62 8.35
C LYS C 364 -5.57 38.65 9.11
N MET C 365 -5.02 39.86 9.30
CA MET C 365 -5.75 40.91 9.97
C MET C 365 -7.00 41.29 9.19
N GLU C 366 -6.91 41.34 7.86
CA GLU C 366 -8.07 41.62 7.03
C GLU C 366 -9.15 40.56 7.20
N ILE C 367 -8.73 39.28 7.17
CA ILE C 367 -9.69 38.19 7.31
C ILE C 367 -10.38 38.24 8.65
N LYS C 368 -9.64 38.51 9.72
CA LYS C 368 -10.25 38.57 11.04
C LYS C 368 -11.16 39.80 11.17
N ALA C 369 -10.76 40.94 10.61
CA ALA C 369 -11.57 42.14 10.70
C ALA C 369 -12.88 41.99 9.94
N LYS C 370 -12.85 41.34 8.78
CA LYS C 370 -14.05 41.11 8.00
C LYS C 370 -14.74 39.79 8.36
N ASN C 371 -14.22 39.08 9.36
CA ASN C 371 -14.87 37.89 9.90
C ASN C 371 -15.07 36.80 8.83
N LEU C 372 -14.08 36.65 7.96
CA LEU C 372 -14.11 35.61 6.95
C LEU C 372 -13.64 34.28 7.53
N THR C 373 -13.84 33.22 6.76
CA THR C 373 -13.46 31.87 7.18
C THR C 373 -12.68 31.12 6.11
N ASN C 374 -12.14 31.82 5.11
CA ASN C 374 -11.31 31.22 4.08
C ASN C 374 -9.87 31.66 4.29
N TYR C 375 -8.94 30.70 4.33
CA TYR C 375 -7.58 30.97 4.77
C TYR C 375 -6.50 30.57 3.78
N ASP C 376 -6.84 30.23 2.54
CA ASP C 376 -5.87 29.60 1.65
C ASP C 376 -4.66 30.48 1.37
N LEU C 377 -4.90 31.71 0.90
CA LEU C 377 -3.79 32.56 0.48
C LEU C 377 -2.95 33.00 1.66
N CYS C 378 -3.60 33.40 2.77
CA CYS C 378 -2.86 33.79 3.97
C CYS C 378 -2.06 32.61 4.51
N SER C 379 -2.64 31.41 4.50
CA SER C 379 -1.91 30.24 4.94
C SER C 379 -0.69 29.99 4.07
N ILE C 380 -0.83 30.15 2.75
CA ILE C 380 0.31 29.94 1.86
C ILE C 380 1.41 30.94 2.18
N PHE C 381 1.06 32.22 2.32
CA PHE C 381 2.08 33.24 2.57
C PHE C 381 2.79 32.98 3.89
N LEU C 382 2.02 32.76 4.97
CA LEU C 382 2.63 32.58 6.27
C LEU C 382 3.44 31.29 6.35
N GLY C 383 2.95 30.21 5.75
CA GLY C 383 3.68 28.96 5.79
C GLY C 383 4.98 29.01 5.01
N THR C 384 4.95 29.61 3.83
CA THR C 384 6.19 29.75 3.06
C THR C 384 7.17 30.67 3.78
N SER C 385 6.66 31.73 4.41
CA SER C 385 7.52 32.59 5.21
C SER C 385 8.18 31.81 6.33
N THR C 386 7.41 30.99 7.05
CA THR C 386 7.98 30.20 8.14
C THR C 386 9.01 29.20 7.63
N LEU C 387 8.69 28.53 6.51
CA LEU C 387 9.63 27.58 5.92
C LEU C 387 10.96 28.26 5.60
N LEU C 388 10.90 29.42 4.95
CA LEU C 388 12.14 30.13 4.62
C LEU C 388 12.83 30.67 5.87
N VAL C 389 12.08 30.99 6.92
CA VAL C 389 12.68 31.47 8.16
C VAL C 389 13.49 30.35 8.82
N TRP C 390 12.97 29.13 8.81
CA TRP C 390 13.70 28.04 9.45
C TRP C 390 14.87 27.57 8.60
N VAL C 391 14.75 27.67 7.27
CA VAL C 391 15.89 27.37 6.40
C VAL C 391 17.03 28.33 6.67
N GLY C 392 16.72 29.59 6.97
CA GLY C 392 17.73 30.59 7.23
C GLY C 392 18.53 30.38 8.50
N VAL C 393 18.12 29.44 9.36
CA VAL C 393 18.90 29.12 10.55
C VAL C 393 20.23 28.47 10.16
N ILE C 394 20.29 27.83 9.00
CA ILE C 394 21.52 27.18 8.53
C ILE C 394 22.65 28.19 8.41
N ARG C 395 22.33 29.46 8.18
CA ARG C 395 23.35 30.50 8.14
C ARG C 395 24.17 30.54 9.44
N TYR C 396 23.51 30.31 10.57
CA TYR C 396 24.18 30.33 11.87
C TYR C 396 24.96 29.05 12.14
N LEU C 397 24.61 27.95 11.49
CA LEU C 397 25.41 26.73 11.58
C LEU C 397 26.67 26.83 10.73
N GLY C 398 26.63 27.60 9.65
CA GLY C 398 27.79 27.78 8.79
C GLY C 398 28.96 28.47 9.46
N TYR C 399 28.75 29.08 10.62
CA TYR C 399 29.84 29.70 11.37
C TYR C 399 30.70 28.69 12.10
N PHE C 400 30.48 27.40 11.88
CA PHE C 400 31.26 26.34 12.50
C PHE C 400 31.81 25.42 11.42
N GLN C 401 33.09 25.07 11.54
CA GLN C 401 33.79 24.36 10.47
C GLN C 401 33.14 23.03 10.14
N ALA C 402 32.79 22.24 11.17
CA ALA C 402 32.30 20.90 10.93
C ALA C 402 31.00 20.90 10.12
N TYR C 403 30.22 21.96 10.22
CA TYR C 403 28.95 22.08 9.50
C TYR C 403 29.12 22.74 8.14
N ASN C 404 30.11 23.63 8.01
CA ASN C 404 30.25 24.41 6.79
C ASN C 404 30.54 23.54 5.57
N VAL C 405 31.30 22.47 5.74
CA VAL C 405 31.70 21.65 4.60
C VAL C 405 30.50 21.00 3.95
N LEU C 406 29.49 20.60 4.74
CA LEU C 406 28.30 19.98 4.18
C LEU C 406 27.45 21.00 3.42
N ILE C 407 27.36 22.22 3.94
CA ILE C 407 26.65 23.28 3.23
C ILE C 407 27.33 23.57 1.91
N LEU C 408 28.66 23.66 1.92
CA LEU C 408 29.40 23.88 0.67
C LEU C 408 29.22 22.70 -0.28
N THR C 409 29.12 21.48 0.25
CA THR C 409 28.86 20.32 -0.59
C THR C 409 27.50 20.43 -1.28
N MET C 410 26.47 20.85 -0.55
CA MET C 410 25.15 21.01 -1.15
C MET C 410 25.16 22.12 -2.19
N GLN C 411 25.84 23.23 -1.90
CA GLN C 411 25.93 24.33 -2.85
C GLN C 411 26.63 23.90 -4.13
N ALA C 412 27.72 23.12 -4.00
CA ALA C 412 28.40 22.62 -5.19
C ALA C 412 27.56 21.57 -5.91
N SER C 413 26.72 20.83 -5.19
CA SER C 413 25.93 19.76 -5.79
C SER C 413 24.80 20.28 -6.65
N LEU C 414 24.09 21.31 -6.18
CA LEU C 414 22.86 21.73 -6.83
C LEU C 414 22.98 22.00 -8.34
N PRO C 415 23.95 22.79 -8.83
CA PRO C 415 23.94 23.12 -10.27
C PRO C 415 24.09 21.93 -11.21
N LYS C 416 25.01 21.01 -10.92
CA LYS C 416 25.24 19.89 -11.82
C LYS C 416 24.10 18.88 -11.75
N VAL C 417 23.49 18.74 -10.58
CA VAL C 417 22.30 17.92 -10.47
C VAL C 417 21.16 18.50 -11.31
N LEU C 418 20.99 19.82 -11.28
CA LEU C 418 19.96 20.42 -12.12
C LEU C 418 20.29 20.30 -13.61
N ARG C 419 21.56 20.40 -13.98
CA ARG C 419 21.93 20.24 -15.38
C ARG C 419 21.75 18.81 -15.86
N PHE C 420 21.85 17.83 -14.96
CA PHE C 420 21.48 16.46 -15.31
C PHE C 420 19.97 16.27 -15.32
N CYS C 421 19.25 16.96 -14.44
CA CYS C 421 17.79 16.95 -14.50
C CYS C 421 17.29 17.47 -15.84
N ALA C 422 18.03 18.41 -16.44
CA ALA C 422 17.65 18.91 -17.75
C ALA C 422 17.64 17.80 -18.80
N CYS C 423 18.64 16.91 -18.77
CA CYS C 423 18.65 15.78 -19.70
C CYS C 423 17.58 14.75 -19.33
N ALA C 424 17.45 14.44 -18.04
CA ALA C 424 16.47 13.43 -17.62
C ALA C 424 15.04 13.86 -17.92
N GLY C 425 14.78 15.16 -17.94
CA GLY C 425 13.42 15.65 -18.12
C GLY C 425 12.85 15.38 -19.50
N MET C 426 13.71 15.29 -20.51
CA MET C 426 13.20 15.01 -21.86
C MET C 426 12.73 13.57 -21.99
N ILE C 427 13.50 12.63 -21.44
CA ILE C 427 13.06 11.24 -21.37
C ILE C 427 11.78 11.14 -20.53
N TYR C 428 11.74 11.89 -19.44
CA TYR C 428 10.55 11.91 -18.60
C TYR C 428 9.32 12.40 -19.37
N LEU C 429 9.48 13.47 -20.15
CA LEU C 429 8.36 14.01 -20.93
C LEU C 429 7.91 13.03 -21.99
N GLY C 430 8.86 12.43 -22.72
CA GLY C 430 8.48 11.46 -23.73
C GLY C 430 7.71 10.29 -23.14
N TYR C 431 8.19 9.77 -22.02
CA TYR C 431 7.47 8.67 -21.35
C TYR C 431 6.11 9.11 -20.84
N THR C 432 6.00 10.35 -20.35
CA THR C 432 4.70 10.84 -19.89
C THR C 432 3.70 10.88 -21.02
N PHE C 433 4.10 11.45 -22.17
CA PHE C 433 3.18 11.53 -23.31
C PHE C 433 2.81 10.14 -23.81
N CYS C 434 3.79 9.24 -23.93
CA CYS C 434 3.49 7.91 -24.45
C CYS C 434 2.59 7.13 -23.52
N GLY C 435 2.84 7.20 -22.21
CA GLY C 435 1.99 6.49 -21.26
C GLY C 435 0.59 7.06 -21.21
N TRP C 436 0.46 8.38 -21.31
CA TRP C 436 -0.88 8.97 -21.36
C TRP C 436 -1.63 8.52 -22.59
N ILE C 437 -0.98 8.53 -23.76
CA ILE C 437 -1.69 8.21 -24.99
C ILE C 437 -2.04 6.72 -25.05
N VAL C 438 -1.18 5.85 -24.53
CA VAL C 438 -1.39 4.41 -24.68
C VAL C 438 -2.15 3.82 -23.51
N LEU C 439 -1.61 3.97 -22.29
CA LEU C 439 -2.15 3.30 -21.13
C LEU C 439 -3.33 4.03 -20.50
N GLY C 440 -3.58 5.27 -20.89
CA GLY C 440 -4.65 6.06 -20.32
C GLY C 440 -6.03 5.46 -20.40
N PRO C 441 -6.47 4.95 -21.56
CA PRO C 441 -7.79 4.30 -21.63
C PRO C 441 -7.90 3.02 -20.84
N TYR C 442 -6.78 2.46 -20.34
CA TYR C 442 -6.81 1.17 -19.67
C TYR C 442 -6.24 1.20 -18.25
N HIS C 443 -5.88 2.35 -17.72
CA HIS C 443 -5.19 2.41 -16.43
C HIS C 443 -5.60 3.67 -15.71
N ASP C 444 -6.04 3.53 -14.46
CA ASP C 444 -6.48 4.69 -13.68
C ASP C 444 -5.34 5.64 -13.38
N LYS C 445 -4.12 5.14 -13.28
CA LYS C 445 -2.97 5.98 -12.98
C LYS C 445 -2.47 6.76 -14.19
N PHE C 446 -3.00 6.50 -15.38
CA PHE C 446 -2.57 7.17 -16.60
C PHE C 446 -3.69 7.94 -17.29
N GLU C 447 -4.81 8.19 -16.59
CA GLU C 447 -5.98 8.79 -17.23
C GLU C 447 -5.66 10.16 -17.82
N ASN C 448 -4.95 11.00 -17.08
CA ASN C 448 -4.61 12.33 -17.56
C ASN C 448 -3.16 12.63 -17.23
N LEU C 449 -2.61 13.65 -17.91
CA LEU C 449 -1.17 13.86 -17.97
C LEU C 449 -0.56 14.12 -16.59
N ASN C 450 -1.23 14.90 -15.74
CA ASN C 450 -0.66 15.18 -14.43
C ASN C 450 -0.62 13.94 -13.56
N THR C 451 -1.66 13.10 -13.65
CA THR C 451 -1.64 11.82 -12.96
C THR C 451 -0.51 10.94 -13.49
N VAL C 452 -0.29 10.97 -14.81
CA VAL C 452 0.82 10.22 -15.40
C VAL C 452 2.15 10.68 -14.81
N ALA C 453 2.34 12.01 -14.73
CA ALA C 453 3.60 12.55 -14.23
C ALA C 453 3.82 12.17 -12.77
N GLU C 454 2.77 12.26 -11.95
CA GLU C 454 2.92 11.90 -10.53
C GLU C 454 3.12 10.40 -10.36
N CYS C 455 2.44 9.59 -11.18
CA CYS C 455 2.65 8.15 -11.14
C CYS C 455 4.08 7.79 -11.49
N LEU C 456 4.62 8.40 -12.55
CA LEU C 456 6.00 8.13 -12.93
C LEU C 456 6.98 8.60 -11.87
N PHE C 457 6.72 9.75 -11.26
CA PHE C 457 7.60 10.25 -10.20
C PHE C 457 7.60 9.32 -9.00
N SER C 458 6.42 8.83 -8.61
CA SER C 458 6.34 7.84 -7.53
C SER C 458 7.03 6.54 -7.94
N LEU C 459 6.89 6.15 -9.20
CA LEU C 459 7.47 4.91 -9.69
C LEU C 459 8.98 4.93 -9.68
N VAL C 460 9.58 6.09 -9.98
CA VAL C 460 11.03 6.23 -9.88
C VAL C 460 11.50 5.97 -8.46
N ASN C 461 10.69 6.33 -7.47
CA ASN C 461 11.01 6.12 -6.07
C ASN C 461 10.49 4.78 -5.54
N GLY C 462 10.09 3.88 -6.43
CA GLY C 462 9.73 2.52 -6.06
C GLY C 462 8.37 2.34 -5.42
N ASP C 463 7.52 3.35 -5.45
CA ASP C 463 6.24 3.27 -4.76
C ASP C 463 5.17 2.61 -5.63
N ASP C 464 4.43 1.69 -5.01
CA ASP C 464 3.23 1.08 -5.61
C ASP C 464 3.51 0.41 -6.95
N MET C 465 4.67 -0.23 -7.07
CA MET C 465 5.10 -0.77 -8.36
C MET C 465 4.26 -1.97 -8.78
N PHE C 466 4.06 -2.93 -7.88
CA PHE C 466 3.35 -4.14 -8.25
C PHE C 466 1.89 -3.86 -8.58
N ALA C 467 1.25 -2.97 -7.83
CA ALA C 467 -0.12 -2.57 -8.15
C ALA C 467 -0.18 -1.88 -9.50
N THR C 468 0.84 -1.07 -9.84
CA THR C 468 0.90 -0.45 -11.15
C THR C 468 0.98 -1.51 -12.25
N PHE C 469 1.78 -2.55 -12.04
CA PHE C 469 1.86 -3.63 -13.01
C PHE C 469 0.54 -4.38 -13.13
N ALA C 470 -0.11 -4.65 -12.00
CA ALA C 470 -1.31 -5.49 -11.99
C ALA C 470 -2.58 -4.75 -12.40
N GLN C 471 -2.58 -3.42 -12.40
CA GLN C 471 -3.80 -2.65 -12.54
C GLN C 471 -4.34 -2.61 -13.97
N ILE C 472 -3.60 -3.13 -14.95
CA ILE C 472 -3.99 -3.05 -16.35
C ILE C 472 -4.41 -4.44 -16.81
N GLN C 473 -5.62 -4.54 -17.34
CA GLN C 473 -6.18 -5.82 -17.75
C GLN C 473 -5.51 -6.34 -19.02
N GLN C 474 -5.51 -7.66 -19.15
CA GLN C 474 -5.03 -8.36 -20.34
C GLN C 474 -6.13 -8.52 -21.40
N LYS C 475 -7.16 -7.68 -21.35
CA LYS C 475 -8.24 -7.77 -22.34
C LYS C 475 -7.71 -7.53 -23.75
N SER C 476 -6.85 -6.53 -23.91
CA SER C 476 -6.14 -6.28 -25.15
C SER C 476 -4.69 -6.73 -24.98
N ILE C 477 -4.29 -7.73 -25.76
CA ILE C 477 -2.96 -8.31 -25.59
C ILE C 477 -1.88 -7.34 -26.05
N LEU C 478 -2.14 -6.58 -27.10
CA LEU C 478 -1.15 -5.63 -27.61
C LEU C 478 -0.83 -4.56 -26.58
N VAL C 479 -1.88 -4.01 -25.96
CA VAL C 479 -1.68 -2.96 -24.95
C VAL C 479 -0.99 -3.53 -23.72
N TRP C 480 -1.31 -4.78 -23.36
CA TRP C 480 -0.66 -5.41 -22.21
C TRP C 480 0.83 -5.60 -22.44
N LEU C 481 1.20 -6.12 -23.62
CA LEU C 481 2.61 -6.28 -23.95
C LEU C 481 3.32 -4.93 -23.98
N PHE C 482 2.69 -3.92 -24.57
CA PHE C 482 3.29 -2.60 -24.59
C PHE C 482 3.46 -2.04 -23.18
N SER C 483 2.48 -2.27 -22.30
CA SER C 483 2.59 -1.81 -20.92
C SER C 483 3.74 -2.47 -20.20
N ARG C 484 3.97 -3.77 -20.46
CA ARG C 484 5.09 -4.45 -19.83
C ARG C 484 6.40 -3.86 -20.31
N LEU C 485 6.55 -3.70 -21.63
CA LEU C 485 7.77 -3.11 -22.18
C LEU C 485 8.00 -1.71 -21.61
N TYR C 486 6.96 -0.90 -21.61
CA TYR C 486 7.03 0.49 -21.14
C TYR C 486 7.45 0.56 -19.69
N LEU C 487 6.76 -0.18 -18.82
CA LEU C 487 7.06 -0.11 -17.40
C LEU C 487 8.45 -0.65 -17.09
N TYR C 488 8.84 -1.77 -17.70
CA TYR C 488 10.17 -2.30 -17.44
C TYR C 488 11.24 -1.33 -17.88
N SER C 489 11.10 -0.75 -19.08
CA SER C 489 12.12 0.16 -19.58
C SER C 489 12.23 1.39 -18.69
N PHE C 490 11.10 2.01 -18.36
CA PHE C 490 11.14 3.24 -17.57
C PHE C 490 11.73 2.98 -16.19
N ILE C 491 11.21 1.98 -15.48
CA ILE C 491 11.66 1.73 -14.11
C ILE C 491 13.14 1.38 -14.12
N SER C 492 13.56 0.51 -15.04
CA SER C 492 14.96 0.12 -15.08
C SER C 492 15.86 1.32 -15.36
N LEU C 493 15.56 2.07 -16.42
CA LEU C 493 16.42 3.19 -16.78
C LEU C 493 16.53 4.19 -15.64
N PHE C 494 15.40 4.62 -15.08
CA PHE C 494 15.45 5.71 -14.11
C PHE C 494 16.03 5.26 -12.78
N ILE C 495 15.61 4.10 -12.27
CA ILE C 495 16.11 3.68 -10.96
C ILE C 495 17.57 3.28 -11.04
N TYR C 496 17.94 2.48 -12.05
CA TYR C 496 19.27 1.88 -12.05
C TYR C 496 20.31 2.72 -12.80
N MET C 497 19.92 3.81 -13.43
CA MET C 497 20.99 4.59 -14.11
C MET C 497 20.96 6.08 -13.67
N ILE C 498 19.83 6.74 -13.83
CA ILE C 498 19.72 8.19 -13.51
C ILE C 498 19.93 8.43 -12.00
N LEU C 499 19.29 7.64 -11.16
CA LEU C 499 19.42 7.87 -9.72
C LEU C 499 20.85 7.53 -9.29
N SER C 500 21.48 6.59 -9.98
CA SER C 500 22.86 6.19 -9.67
C SER C 500 23.81 7.34 -10.04
N LEU C 501 23.55 8.04 -11.15
CA LEU C 501 24.38 9.22 -11.53
C LEU C 501 24.10 10.37 -10.56
N PHE C 502 22.88 10.47 -10.02
CA PHE C 502 22.63 11.50 -8.98
C PHE C 502 23.45 11.19 -7.74
N ILE C 503 23.60 9.91 -7.37
CA ILE C 503 24.47 9.53 -6.20
C ILE C 503 25.95 9.84 -6.49
N ALA C 504 26.42 9.55 -7.70
CA ALA C 504 27.80 9.78 -8.10
C ALA C 504 28.16 11.26 -8.10
N LEU C 505 27.27 12.11 -8.60
CA LEU C 505 27.52 13.55 -8.59
C LEU C 505 27.63 14.07 -7.16
N ILE C 506 26.76 13.62 -6.26
CA ILE C 506 26.81 14.08 -4.88
C ILE C 506 28.13 13.65 -4.23
N THR C 507 28.52 12.41 -4.45
CA THR C 507 29.77 11.91 -3.86
C THR C 507 30.97 12.67 -4.39
N ASP C 508 31.00 12.95 -5.70
CA ASP C 508 32.12 13.70 -6.26
C ASP C 508 32.17 15.13 -5.71
N SER C 509 31.00 15.76 -5.52
CA SER C 509 30.99 17.09 -4.93
C SER C 509 31.54 17.06 -3.50
N TYR C 510 31.14 16.06 -2.72
CA TYR C 510 31.66 15.93 -1.37
C TYR C 510 33.17 15.74 -1.36
N ASP C 511 33.68 14.88 -2.25
CA ASP C 511 35.12 14.66 -2.31
C ASP C 511 35.86 15.93 -2.68
N THR C 512 35.34 16.69 -3.65
CA THR C 512 36.00 17.93 -4.05
C THR C 512 36.05 18.92 -2.90
N ILE C 513 34.92 19.15 -2.24
CA ILE C 513 34.88 20.12 -1.15
C ILE C 513 35.77 19.68 0.00
N LYS C 514 35.73 18.39 0.35
CA LYS C 514 36.53 17.90 1.47
C LYS C 514 38.02 18.02 1.18
N LYS C 515 38.45 17.66 -0.03
CA LYS C 515 39.87 17.77 -0.34
C LYS C 515 40.31 19.22 -0.41
N PHE C 516 39.43 20.13 -0.86
CA PHE C 516 39.77 21.55 -0.82
C PHE C 516 39.95 22.04 0.61
N GLN C 517 39.05 21.63 1.50
CA GLN C 517 39.12 22.08 2.89
C GLN C 517 40.32 21.48 3.61
N GLN C 518 40.65 20.22 3.30
CA GLN C 518 41.77 19.57 3.98
C GLN C 518 43.11 20.06 3.45
N ASN C 519 43.29 20.08 2.14
CA ASN C 519 44.59 20.45 1.58
C ASN C 519 44.83 21.94 1.62
N GLY C 520 43.77 22.75 1.54
CA GLY C 520 43.91 24.19 1.52
C GLY C 520 44.31 24.71 0.16
N LEU D 41 40.13 15.70 -46.54
CA LEU D 41 40.10 17.17 -46.65
C LEU D 41 39.64 17.79 -45.35
N ARG D 42 40.60 18.30 -44.57
CA ARG D 42 40.30 18.81 -43.23
C ARG D 42 39.33 19.99 -43.29
N GLU D 43 39.45 20.85 -44.30
CA GLU D 43 38.64 22.07 -44.35
C GLU D 43 37.14 21.76 -44.39
N ASP D 44 36.78 20.52 -44.74
CA ASP D 44 35.34 20.13 -44.81
C ASP D 44 34.99 19.21 -43.64
N LEU D 45 35.88 18.28 -43.29
CA LEU D 45 35.55 17.28 -42.23
C LEU D 45 35.26 18.00 -40.91
N LYS D 46 36.06 19.02 -40.56
CA LYS D 46 35.88 19.74 -39.28
C LYS D 46 34.53 20.45 -39.30
N PHE D 47 34.21 21.10 -40.43
CA PHE D 47 32.90 21.79 -40.55
C PHE D 47 31.79 20.77 -40.33
N TYR D 48 31.93 19.58 -40.93
CA TYR D 48 30.91 18.51 -40.79
C TYR D 48 30.75 18.12 -39.32
N PHE D 49 31.86 17.88 -38.62
CA PHE D 49 31.78 17.40 -37.21
C PHE D 49 31.32 18.52 -36.27
N MET D 50 31.32 19.77 -36.74
CA MET D 50 30.97 20.91 -35.84
C MET D 50 29.53 20.92 -35.30
N SER D 51 29.16 21.99 -34.57
CA SER D 51 27.81 22.21 -34.10
C SER D 51 27.15 23.34 -34.89
N PRO D 52 25.81 23.36 -34.94
CA PRO D 52 25.13 24.43 -35.69
C PRO D 52 25.38 25.82 -35.11
N CYS D 53 25.59 25.94 -33.80
CA CYS D 53 25.85 27.25 -33.21
C CYS D 53 27.13 27.87 -33.77
N GLU D 54 28.13 27.04 -34.05
CA GLU D 54 29.40 27.53 -34.57
C GLU D 54 29.39 27.69 -36.08
N LYS D 55 28.65 26.83 -36.80
CA LYS D 55 28.57 26.96 -38.25
C LYS D 55 27.99 28.30 -38.67
N TYR D 56 27.15 28.91 -37.84
CA TYR D 56 26.56 30.21 -38.15
C TYR D 56 27.60 31.32 -38.20
N ARG D 57 28.81 31.08 -37.71
CA ARG D 57 29.88 32.06 -37.79
C ARG D 57 31.14 31.54 -38.46
N ALA D 58 31.34 30.23 -38.54
CA ALA D 58 32.44 29.69 -39.34
C ALA D 58 32.15 29.82 -40.84
N ARG D 59 30.90 29.59 -41.23
CA ARG D 59 30.49 29.73 -42.62
C ARG D 59 29.20 30.51 -42.80
N ARG D 60 28.60 31.02 -41.71
CA ARG D 60 27.40 31.84 -41.75
C ARG D 60 26.21 31.14 -42.40
N GLN D 61 26.16 29.81 -42.31
CA GLN D 61 25.02 29.06 -42.80
C GLN D 61 23.91 29.08 -41.76
N ILE D 62 22.70 29.43 -42.19
CA ILE D 62 21.55 29.43 -41.28
C ILE D 62 21.13 28.00 -40.99
N PRO D 63 20.72 27.67 -39.74
CA PRO D 63 20.39 26.29 -39.37
C PRO D 63 18.92 25.91 -39.60
N TRP D 64 18.50 25.96 -40.87
CA TRP D 64 17.08 25.74 -41.18
C TRP D 64 16.63 24.31 -40.88
N LYS D 65 17.54 23.33 -40.94
CA LYS D 65 17.15 21.96 -40.59
C LYS D 65 16.83 21.83 -39.11
N LEU D 66 17.54 22.57 -38.25
CA LEU D 66 17.21 22.58 -36.84
C LEU D 66 15.83 23.20 -36.61
N GLY D 67 15.50 24.25 -37.37
CA GLY D 67 14.16 24.80 -37.32
C GLY D 67 13.11 23.80 -37.76
N LEU D 68 13.43 23.01 -38.79
CA LEU D 68 12.51 21.97 -39.23
C LEU D 68 12.29 20.95 -38.11
N GLN D 69 13.36 20.55 -37.43
CA GLN D 69 13.22 19.60 -36.33
C GLN D 69 12.40 20.17 -35.17
N ILE D 70 12.59 21.46 -34.85
CA ILE D 70 11.81 22.08 -33.79
C ILE D 70 10.33 22.13 -34.17
N LEU D 71 10.04 22.50 -35.43
CA LEU D 71 8.68 22.50 -35.92
C LEU D 71 8.07 21.11 -35.85
N LYS D 72 8.85 20.08 -36.20
CA LYS D 72 8.35 18.71 -36.10
C LYS D 72 8.03 18.35 -34.66
N ILE D 73 8.87 18.74 -33.71
CA ILE D 73 8.59 18.46 -32.31
C ILE D 73 7.25 19.09 -31.91
N VAL D 74 7.06 20.36 -32.26
CA VAL D 74 5.85 21.07 -31.87
C VAL D 74 4.62 20.39 -32.48
N MET D 75 4.69 20.09 -33.78
CA MET D 75 3.51 19.56 -34.47
C MET D 75 3.19 18.15 -34.01
N VAL D 76 4.19 17.31 -33.79
CA VAL D 76 3.94 15.95 -33.31
C VAL D 76 3.31 15.99 -31.91
N THR D 77 3.84 16.84 -31.03
CA THR D 77 3.28 16.90 -29.68
C THR D 77 1.84 17.40 -29.70
N THR D 78 1.55 18.42 -30.51
CA THR D 78 0.18 18.95 -30.53
C THR D 78 -0.78 17.96 -31.17
N GLN D 79 -0.33 17.22 -32.21
CA GLN D 79 -1.18 16.18 -32.77
C GLN D 79 -1.50 15.11 -31.75
N LEU D 80 -0.51 14.67 -30.97
CA LEU D 80 -0.75 13.66 -29.96
C LEU D 80 -1.72 14.18 -28.89
N VAL D 81 -1.56 15.45 -28.48
CA VAL D 81 -2.44 16.01 -27.45
C VAL D 81 -3.88 16.08 -27.95
N ARG D 82 -4.09 16.58 -29.17
CA ARG D 82 -5.44 16.65 -29.72
C ARG D 82 -6.05 15.27 -29.85
N PHE D 83 -5.26 14.29 -30.32
CA PHE D 83 -5.76 12.93 -30.47
C PHE D 83 -6.20 12.35 -29.13
N GLY D 84 -5.37 12.51 -28.09
CA GLY D 84 -5.74 11.99 -26.79
C GLY D 84 -6.96 12.66 -26.20
N LEU D 85 -7.04 13.98 -26.35
CA LEU D 85 -8.18 14.72 -25.80
C LEU D 85 -9.47 14.33 -26.51
N SER D 86 -9.41 14.05 -27.81
CA SER D 86 -10.60 13.59 -28.52
C SER D 86 -10.96 12.16 -28.16
N ASN D 87 -9.96 11.30 -27.92
CA ASN D 87 -10.24 9.91 -27.57
C ASN D 87 -10.87 9.79 -26.19
N GLN D 88 -10.45 10.66 -25.26
CA GLN D 88 -10.97 10.60 -23.89
C GLN D 88 -12.50 10.65 -23.86
N LEU D 89 -13.11 11.50 -24.69
CA LEU D 89 -14.55 11.68 -24.64
C LEU D 89 -15.29 10.42 -25.10
N VAL D 90 -14.86 9.83 -26.21
CA VAL D 90 -15.50 8.62 -26.72
C VAL D 90 -15.33 7.47 -25.73
N VAL D 91 -14.12 7.31 -25.19
CA VAL D 91 -13.89 6.23 -24.23
C VAL D 91 -14.76 6.42 -23.00
N ALA D 92 -14.82 7.66 -22.49
CA ALA D 92 -15.63 7.93 -21.30
C ALA D 92 -17.10 7.65 -21.55
N PHE D 93 -17.63 8.07 -22.71
CA PHE D 93 -19.04 7.82 -22.98
C PHE D 93 -19.33 6.32 -23.04
N LYS D 94 -18.48 5.56 -23.75
CA LYS D 94 -18.71 4.12 -23.85
C LYS D 94 -18.63 3.44 -22.49
N GLU D 95 -17.62 3.79 -21.68
CA GLU D 95 -17.47 3.13 -20.40
C GLU D 95 -18.57 3.50 -19.42
N ASP D 96 -19.00 4.76 -19.41
CA ASP D 96 -20.10 5.15 -18.54
C ASP D 96 -21.39 4.46 -18.94
N ASN D 97 -21.66 4.34 -20.25
CA ASN D 97 -22.83 3.59 -20.68
C ASN D 97 -22.73 2.12 -20.28
N THR D 98 -21.54 1.55 -20.34
CA THR D 98 -21.36 0.17 -19.91
C THR D 98 -21.65 0.00 -18.42
N VAL D 99 -21.20 0.95 -17.59
CA VAL D 99 -21.47 0.88 -16.16
C VAL D 99 -22.97 1.00 -15.88
N ALA D 100 -23.63 1.93 -16.58
CA ALA D 100 -25.08 2.05 -16.44
C ALA D 100 -25.79 0.77 -16.86
N PHE D 101 -25.31 0.12 -17.93
CA PHE D 101 -25.90 -1.14 -18.36
C PHE D 101 -25.71 -2.23 -17.32
N LYS D 102 -24.53 -2.31 -16.71
CA LYS D 102 -24.30 -3.31 -15.67
C LYS D 102 -25.24 -3.09 -14.49
N HIS D 103 -25.44 -1.83 -14.08
CA HIS D 103 -26.38 -1.57 -13.00
C HIS D 103 -27.82 -1.88 -13.40
N LEU D 104 -28.16 -1.66 -14.67
CA LEU D 104 -29.53 -1.88 -15.11
C LEU D 104 -29.87 -3.36 -15.23
N PHE D 105 -28.95 -4.17 -15.74
CA PHE D 105 -29.30 -5.52 -16.16
C PHE D 105 -28.76 -6.63 -15.28
N LEU D 106 -27.81 -6.35 -14.39
CA LEU D 106 -27.24 -7.37 -13.53
C LEU D 106 -27.83 -7.25 -12.13
N LYS D 107 -28.42 -8.34 -11.64
CA LYS D 107 -29.09 -8.33 -10.35
C LYS D 107 -28.07 -8.25 -9.22
N GLY D 108 -28.30 -7.32 -8.29
CA GLY D 108 -27.44 -7.19 -7.14
C GLY D 108 -26.02 -6.75 -7.44
N TYR D 109 -25.80 -6.12 -8.59
CA TYR D 109 -24.46 -5.67 -8.95
C TYR D 109 -24.00 -4.57 -8.01
N SER D 110 -22.80 -4.74 -7.46
CA SER D 110 -22.28 -3.85 -6.43
C SER D 110 -21.57 -2.62 -6.98
N GLY D 111 -21.43 -2.52 -8.30
CA GLY D 111 -20.70 -1.41 -8.90
C GLY D 111 -19.23 -1.66 -9.13
N THR D 112 -18.72 -2.85 -8.81
CA THR D 112 -17.35 -3.22 -9.06
C THR D 112 -17.30 -4.67 -9.51
N ASP D 113 -16.48 -4.95 -10.52
CA ASP D 113 -16.41 -6.28 -11.10
C ASP D 113 -15.62 -7.24 -10.21
N GLU D 114 -15.98 -8.52 -10.29
CA GLU D 114 -15.22 -9.58 -9.65
C GLU D 114 -14.22 -10.12 -10.66
N ASP D 115 -13.04 -9.50 -10.68
CA ASP D 115 -11.94 -9.89 -11.58
C ASP D 115 -12.41 -9.66 -13.02
N ASP D 116 -12.33 -10.64 -13.90
CA ASP D 116 -12.67 -10.43 -15.30
C ASP D 116 -14.16 -10.57 -15.58
N TYR D 117 -14.97 -10.95 -14.59
CA TYR D 117 -16.41 -11.07 -14.73
C TYR D 117 -17.09 -10.13 -13.75
N SER D 118 -18.30 -9.70 -14.09
CA SER D 118 -18.98 -8.69 -13.28
C SER D 118 -19.40 -9.26 -11.93
N CYS D 119 -20.04 -10.43 -11.92
CA CYS D 119 -20.55 -11.01 -10.69
C CYS D 119 -20.70 -12.52 -10.88
N SER D 120 -21.08 -13.20 -9.80
CA SER D 120 -21.20 -14.65 -9.83
C SER D 120 -22.36 -15.08 -8.93
N VAL D 121 -22.84 -16.29 -9.19
CA VAL D 121 -23.88 -16.93 -8.39
C VAL D 121 -23.44 -18.34 -8.06
N TYR D 122 -23.82 -18.83 -6.89
CA TYR D 122 -23.46 -20.15 -6.43
C TYR D 122 -24.65 -21.08 -6.19
N THR D 123 -25.87 -20.60 -6.36
CA THR D 123 -27.07 -21.35 -6.02
C THR D 123 -27.93 -21.51 -7.26
N GLN D 124 -28.65 -22.63 -7.33
CA GLN D 124 -29.51 -22.92 -8.47
C GLN D 124 -30.60 -21.87 -8.63
N GLU D 125 -31.05 -21.26 -7.53
CA GLU D 125 -32.11 -20.26 -7.61
C GLU D 125 -31.56 -18.86 -7.94
N ASP D 126 -30.33 -18.56 -7.49
CA ASP D 126 -29.73 -17.27 -7.81
C ASP D 126 -29.55 -17.10 -9.31
N ALA D 127 -29.19 -18.17 -10.03
CA ALA D 127 -29.01 -18.08 -11.47
C ALA D 127 -30.33 -17.78 -12.17
N TYR D 128 -31.40 -18.47 -11.77
CA TYR D 128 -32.71 -18.19 -12.34
C TYR D 128 -33.14 -16.75 -12.07
N GLU D 129 -32.91 -16.28 -10.84
CA GLU D 129 -33.27 -14.91 -10.50
C GLU D 129 -32.50 -13.92 -11.35
N SER D 130 -31.20 -14.15 -11.56
CA SER D 130 -30.41 -13.24 -12.36
C SER D 130 -30.86 -13.23 -13.82
N ILE D 131 -31.14 -14.40 -14.40
CA ILE D 131 -31.58 -14.48 -15.79
C ILE D 131 -32.92 -13.77 -15.97
N PHE D 132 -33.89 -14.09 -15.11
CA PHE D 132 -35.20 -13.48 -15.23
C PHE D 132 -35.14 -11.98 -14.95
N PHE D 133 -34.24 -11.56 -14.07
CA PHE D 133 -34.05 -10.13 -13.82
C PHE D 133 -33.53 -9.44 -15.07
N ALA D 134 -32.55 -10.04 -15.75
CA ALA D 134 -32.04 -9.44 -16.97
C ALA D 134 -33.14 -9.30 -18.01
N ILE D 135 -33.94 -10.35 -18.20
CA ILE D 135 -35.00 -10.29 -19.21
C ILE D 135 -36.05 -9.24 -18.83
N ASN D 136 -36.48 -9.24 -17.55
CA ASN D 136 -37.52 -8.31 -17.12
C ASN D 136 -37.04 -6.86 -17.19
N GLN D 137 -35.78 -6.61 -16.84
CA GLN D 137 -35.22 -5.28 -16.97
C GLN D 137 -35.15 -4.85 -18.43
N TYR D 138 -34.87 -5.79 -19.34
CA TYR D 138 -34.95 -5.44 -20.76
C TYR D 138 -36.37 -5.06 -21.15
N HIS D 139 -37.37 -5.76 -20.62
CA HIS D 139 -38.76 -5.46 -20.98
C HIS D 139 -39.17 -4.07 -20.55
N GLN D 140 -38.70 -3.61 -19.39
CA GLN D 140 -39.12 -2.34 -18.80
C GLN D 140 -38.17 -1.19 -19.08
N LEU D 141 -37.29 -1.30 -20.07
CA LEU D 141 -36.17 -0.37 -20.23
C LEU D 141 -36.62 1.09 -20.26
N LYS D 142 -37.69 1.38 -20.98
CA LYS D 142 -38.09 2.78 -21.16
C LYS D 142 -38.48 3.44 -19.85
N ASP D 143 -38.91 2.67 -18.85
CA ASP D 143 -39.34 3.21 -17.57
C ASP D 143 -38.24 3.28 -16.52
N ILE D 144 -37.04 2.75 -16.80
CA ILE D 144 -36.02 2.65 -15.76
C ILE D 144 -34.78 3.45 -16.11
N THR D 145 -34.50 3.62 -17.40
CA THR D 145 -33.23 4.22 -17.82
C THR D 145 -33.24 5.73 -17.64
N LEU D 146 -32.08 6.26 -17.24
CA LEU D 146 -31.89 7.70 -17.13
C LEU D 146 -31.28 8.32 -18.38
N GLY D 147 -30.77 7.52 -19.31
CA GLY D 147 -30.09 8.04 -20.49
C GLY D 147 -31.01 8.25 -21.68
N THR D 148 -30.41 8.77 -22.74
CA THR D 148 -31.09 8.90 -24.04
C THR D 148 -30.85 7.60 -24.79
N LEU D 149 -31.68 6.60 -24.50
CA LEU D 149 -31.43 5.22 -24.87
C LEU D 149 -32.71 4.57 -25.37
N GLY D 150 -32.55 3.60 -26.28
CA GLY D 150 -33.70 2.94 -26.85
C GLY D 150 -33.32 1.62 -27.47
N TYR D 151 -34.35 0.92 -27.97
CA TYR D 151 -34.14 -0.39 -28.57
C TYR D 151 -33.57 -0.28 -29.97
N GLY D 152 -32.72 -1.24 -30.33
CA GLY D 152 -32.16 -1.34 -31.67
C GLY D 152 -32.60 -2.59 -32.39
N GLU D 153 -32.64 -2.51 -33.72
CA GLU D 153 -32.97 -3.68 -34.53
C GLU D 153 -31.79 -4.65 -34.58
N ASN D 154 -32.09 -5.94 -34.51
CA ASN D 154 -31.07 -6.98 -34.59
C ASN D 154 -30.77 -7.33 -36.05
N GLU D 155 -29.93 -8.34 -36.25
CA GLU D 155 -29.55 -8.75 -37.60
C GLU D 155 -30.75 -9.24 -38.39
N ASP D 156 -31.72 -9.88 -37.74
CA ASP D 156 -32.94 -10.33 -38.39
C ASP D 156 -33.95 -9.20 -38.60
N ASN D 157 -33.55 -7.96 -38.33
CA ASN D 157 -34.39 -6.76 -38.43
C ASN D 157 -35.53 -6.75 -37.41
N ARG D 158 -35.58 -7.75 -36.53
CA ARG D 158 -36.54 -7.75 -35.43
C ARG D 158 -36.01 -6.94 -34.25
N ILE D 159 -36.93 -6.35 -33.50
CA ILE D 159 -36.62 -5.72 -32.22
C ILE D 159 -37.04 -6.69 -31.13
N GLY D 160 -36.06 -7.20 -30.38
CA GLY D 160 -36.36 -8.23 -29.40
C GLY D 160 -35.10 -8.76 -28.76
N LEU D 161 -35.29 -9.82 -27.97
CA LEU D 161 -34.26 -10.40 -27.12
C LEU D 161 -34.00 -11.85 -27.53
N LYS D 162 -32.73 -12.20 -27.73
CA LYS D 162 -32.33 -13.56 -28.04
C LYS D 162 -31.54 -14.15 -26.88
N VAL D 163 -31.94 -15.34 -26.44
CA VAL D 163 -31.26 -16.08 -25.39
C VAL D 163 -30.98 -17.50 -25.86
N CYS D 164 -29.76 -17.98 -25.62
CA CYS D 164 -29.30 -19.27 -26.12
C CYS D 164 -28.76 -20.12 -24.97
N LYS D 165 -28.94 -21.43 -25.09
CA LYS D 165 -28.44 -22.41 -24.13
C LYS D 165 -27.42 -23.33 -24.81
N GLN D 166 -26.47 -23.83 -24.01
CA GLN D 166 -25.49 -24.83 -24.54
C GLN D 166 -25.38 -25.94 -23.50
N HIS D 167 -25.95 -27.12 -23.79
CA HIS D 167 -25.91 -28.27 -22.86
C HIS D 167 -25.14 -29.43 -23.49
N TYR D 168 -24.77 -30.44 -22.69
CA TYR D 168 -24.13 -31.66 -23.27
C TYR D 168 -25.21 -32.40 -24.06
N LYS D 169 -24.84 -33.25 -25.02
CA LYS D 169 -25.85 -33.80 -25.96
C LYS D 169 -26.76 -34.90 -25.38
N LYS D 170 -26.55 -35.38 -24.16
CA LYS D 170 -27.38 -36.51 -23.69
C LYS D 170 -27.83 -36.30 -22.24
N GLY D 171 -29.15 -36.34 -22.00
CA GLY D 171 -29.69 -36.15 -20.65
C GLY D 171 -31.14 -35.70 -20.68
N PRO D 175 -31.30 -39.48 -13.90
CA PRO D 175 -30.03 -39.96 -13.34
C PRO D 175 -28.96 -38.87 -13.42
N SER D 176 -28.16 -38.72 -12.35
CA SER D 176 -27.06 -37.71 -12.35
C SER D 176 -25.98 -38.09 -11.35
N ASN D 177 -24.71 -37.83 -11.67
CA ASN D 177 -23.59 -38.06 -10.72
C ASN D 177 -23.25 -39.56 -10.56
N GLU D 178 -24.23 -40.46 -10.67
CA GLU D 178 -23.88 -41.86 -10.42
C GLU D 178 -23.67 -42.63 -11.71
N THR D 179 -24.48 -42.34 -12.75
CA THR D 179 -24.49 -43.11 -13.98
C THR D 179 -24.56 -42.23 -15.23
N LEU D 180 -23.94 -41.05 -15.19
CA LEU D 180 -24.07 -40.04 -16.25
C LEU D 180 -23.97 -40.63 -17.66
N ASN D 181 -24.85 -40.17 -18.53
CA ASN D 181 -24.85 -40.52 -19.95
C ASN D 181 -24.27 -39.40 -20.81
N ILE D 182 -23.52 -38.48 -20.23
CA ILE D 182 -23.11 -37.24 -20.89
C ILE D 182 -22.18 -37.56 -22.06
N ASP D 183 -22.56 -37.10 -23.26
CA ASP D 183 -21.73 -37.24 -24.45
C ASP D 183 -20.73 -36.09 -24.57
N ASN D 184 -19.80 -36.25 -25.51
CA ASN D 184 -18.71 -35.29 -25.66
C ASN D 184 -19.19 -33.96 -26.24
N ASP D 185 -20.01 -34.00 -27.29
CA ASP D 185 -20.37 -32.78 -28.01
C ASP D 185 -21.60 -32.12 -27.40
N VAL D 186 -21.85 -30.88 -27.83
CA VAL D 186 -22.84 -30.01 -27.21
C VAL D 186 -24.04 -29.83 -28.12
N GLU D 187 -25.18 -29.53 -27.51
CA GLU D 187 -26.40 -29.13 -28.22
C GLU D 187 -26.71 -27.67 -27.93
N LEU D 188 -26.97 -26.90 -28.98
CA LEU D 188 -27.20 -25.46 -28.88
C LEU D 188 -28.66 -25.16 -29.20
N ASP D 189 -29.34 -24.46 -28.29
CA ASP D 189 -30.75 -24.12 -28.45
C ASP D 189 -30.95 -22.64 -28.17
N CYS D 190 -31.69 -21.96 -29.04
CA CYS D 190 -31.95 -20.53 -28.93
C CYS D 190 -33.44 -20.24 -29.11
N VAL D 191 -33.91 -19.17 -28.49
CA VAL D 191 -35.27 -18.67 -28.66
C VAL D 191 -35.22 -17.15 -28.78
N GLN D 192 -36.10 -16.60 -29.62
CA GLN D 192 -36.21 -15.16 -29.82
C GLN D 192 -37.46 -14.65 -29.14
N LEU D 193 -37.31 -13.65 -28.28
CA LEU D 193 -38.41 -13.04 -27.53
C LEU D 193 -38.56 -11.59 -27.96
N ASP D 194 -39.65 -11.28 -28.66
CA ASP D 194 -39.92 -9.93 -29.09
C ASP D 194 -40.66 -9.15 -28.01
N LEU D 195 -40.73 -7.83 -28.19
CA LEU D 195 -41.33 -6.96 -27.19
C LEU D 195 -42.80 -7.30 -26.97
N GLN D 196 -43.54 -7.65 -28.03
CA GLN D 196 -44.93 -8.01 -27.86
C GLN D 196 -45.08 -9.38 -27.20
N ASP D 197 -44.05 -10.21 -27.21
CA ASP D 197 -44.09 -11.48 -26.48
C ASP D 197 -43.87 -11.25 -24.98
N LEU D 198 -42.88 -10.43 -24.64
CA LEU D 198 -42.62 -10.12 -23.24
C LEU D 198 -43.78 -9.36 -22.60
N SER D 199 -44.56 -8.66 -23.43
CA SER D 199 -45.66 -7.80 -22.90
C SER D 199 -46.86 -8.62 -22.43
N LYS D 200 -47.07 -9.81 -23.00
CA LYS D 200 -48.28 -10.62 -22.68
C LYS D 200 -48.60 -10.51 -21.19
N LYS D 201 -49.83 -10.09 -20.85
CA LYS D 201 -50.25 -9.94 -19.44
C LYS D 201 -49.58 -11.02 -18.59
N PRO D 202 -49.81 -12.32 -18.85
CA PRO D 202 -49.11 -13.38 -18.13
C PRO D 202 -47.88 -13.75 -18.97
N PRO D 203 -46.65 -13.35 -18.56
CA PRO D 203 -45.45 -13.61 -19.37
C PRO D 203 -45.17 -15.11 -19.49
N ASP D 204 -46.03 -15.83 -20.22
CA ASP D 204 -45.85 -17.30 -20.40
C ASP D 204 -44.37 -17.67 -20.56
N TRP D 205 -43.61 -16.89 -21.33
CA TRP D 205 -42.21 -17.23 -21.60
C TRP D 205 -41.50 -17.70 -20.33
N LYS D 206 -41.86 -17.11 -19.18
CA LYS D 206 -41.23 -17.48 -17.93
C LYS D 206 -41.55 -18.91 -17.51
N ASN D 207 -42.70 -19.43 -17.96
CA ASN D 207 -43.10 -20.80 -17.67
C ASN D 207 -42.72 -21.78 -18.80
N SER D 208 -42.05 -21.30 -19.84
CA SER D 208 -41.77 -22.13 -20.99
C SER D 208 -40.83 -23.27 -20.64
N SER D 209 -40.91 -24.35 -21.43
CA SER D 209 -39.99 -25.48 -21.29
C SER D 209 -38.55 -25.08 -21.56
N PHE D 210 -38.32 -23.96 -22.26
CA PHE D 210 -36.97 -23.54 -22.60
C PHE D 210 -36.11 -23.31 -21.36
N PHE D 211 -36.72 -22.82 -20.28
CA PHE D 211 -35.92 -22.39 -19.09
C PHE D 211 -35.67 -23.53 -18.12
N ARG D 212 -35.69 -24.79 -18.55
CA ARG D 212 -35.26 -25.90 -17.67
C ARG D 212 -33.75 -25.99 -17.90
N LEU D 213 -32.93 -25.55 -16.95
CA LEU D 213 -31.47 -25.43 -17.23
C LEU D 213 -30.63 -26.66 -16.85
N GLU D 214 -31.18 -27.70 -16.25
CA GLU D 214 -30.40 -28.92 -16.01
C GLU D 214 -28.91 -28.59 -15.83
N PHE D 215 -28.61 -27.91 -14.73
CA PHE D 215 -27.31 -27.28 -14.55
C PHE D 215 -26.13 -28.25 -14.56
N TYR D 216 -26.37 -29.55 -14.39
CA TYR D 216 -25.25 -30.50 -14.44
C TYR D 216 -24.76 -30.73 -15.86
N ARG D 217 -25.57 -30.44 -16.87
CA ARG D 217 -25.15 -30.51 -18.27
C ARG D 217 -24.83 -29.13 -18.85
N LEU D 218 -25.16 -28.05 -18.14
CA LEU D 218 -25.13 -26.72 -18.71
C LEU D 218 -23.69 -26.24 -18.90
N LEU D 219 -23.41 -25.72 -20.09
CA LEU D 219 -22.16 -25.02 -20.33
C LEU D 219 -22.32 -23.52 -20.11
N GLN D 220 -23.33 -22.90 -20.71
CA GLN D 220 -23.53 -21.48 -20.58
C GLN D 220 -24.93 -21.11 -21.03
N VAL D 221 -25.37 -19.93 -20.61
CA VAL D 221 -26.57 -19.27 -21.13
C VAL D 221 -26.16 -17.87 -21.57
N GLU D 222 -26.57 -17.48 -22.77
CA GLU D 222 -26.22 -16.18 -23.34
C GLU D 222 -27.46 -15.37 -23.65
N ILE D 223 -27.49 -14.13 -23.16
CA ILE D 223 -28.56 -13.17 -23.48
C ILE D 223 -27.95 -12.03 -24.28
N SER D 224 -28.55 -11.71 -25.42
CA SER D 224 -27.99 -10.71 -26.33
C SER D 224 -29.09 -9.81 -26.85
N PHE D 225 -28.77 -8.52 -26.99
CA PHE D 225 -29.72 -7.53 -27.47
C PHE D 225 -28.97 -6.29 -27.95
N HIS D 226 -29.66 -5.45 -28.71
CA HIS D 226 -29.11 -4.22 -29.26
C HIS D 226 -29.82 -3.00 -28.69
N LEU D 227 -29.06 -1.95 -28.41
CA LEU D 227 -29.59 -0.69 -27.90
C LEU D 227 -29.04 0.48 -28.71
N LYS D 228 -29.93 1.44 -29.02
CA LYS D 228 -29.53 2.69 -29.63
C LYS D 228 -29.23 3.73 -28.56
N GLY D 229 -28.27 4.60 -28.84
CA GLY D 229 -27.92 5.67 -27.92
C GLY D 229 -27.51 6.93 -28.66
N ILE D 230 -27.45 8.02 -27.91
CA ILE D 230 -27.05 9.32 -28.44
C ILE D 230 -26.12 9.97 -27.43
N ASP D 231 -24.97 10.49 -27.89
CA ASP D 231 -24.08 11.29 -27.07
C ASP D 231 -24.56 12.73 -27.07
N LEU D 232 -25.64 12.97 -26.32
CA LEU D 232 -26.30 14.27 -26.33
C LEU D 232 -25.46 15.37 -25.72
N GLN D 233 -24.42 15.04 -24.94
CA GLN D 233 -23.59 16.06 -24.32
C GLN D 233 -22.89 16.93 -25.36
N THR D 234 -22.66 16.40 -26.56
CA THR D 234 -22.00 17.14 -27.63
C THR D 234 -22.87 18.24 -28.24
N ILE D 235 -24.15 18.30 -27.88
CA ILE D 235 -25.08 19.22 -28.54
C ILE D 235 -24.66 20.67 -28.35
N HIS D 236 -23.93 20.98 -27.28
CA HIS D 236 -23.57 22.37 -27.01
C HIS D 236 -22.65 22.96 -28.06
N SER D 237 -21.98 22.11 -28.86
CA SER D 237 -21.11 22.59 -29.93
C SER D 237 -21.87 23.00 -31.18
N ARG D 238 -23.19 22.82 -31.21
CA ARG D 238 -24.02 23.07 -32.39
C ARG D 238 -23.68 22.10 -33.51
N GLU D 239 -22.82 21.13 -33.24
CA GLU D 239 -22.61 20.03 -34.16
C GLU D 239 -23.70 18.97 -33.99
N LEU D 240 -23.95 18.22 -35.06
CA LEU D 240 -24.91 17.13 -34.99
C LEU D 240 -24.38 16.06 -34.04
N PRO D 241 -25.17 15.62 -33.06
CA PRO D 241 -24.65 14.69 -32.06
C PRO D 241 -24.36 13.30 -32.62
N ASP D 242 -23.38 12.64 -32.02
CA ASP D 242 -23.00 11.28 -32.42
C ASP D 242 -23.97 10.26 -31.83
N CYS D 243 -24.64 9.50 -32.70
CA CYS D 243 -25.43 8.38 -32.25
C CYS D 243 -24.56 7.14 -32.05
N TYR D 244 -25.08 6.18 -31.30
CA TYR D 244 -24.38 4.93 -31.01
C TYR D 244 -25.34 3.76 -31.11
N VAL D 245 -24.78 2.59 -31.40
CA VAL D 245 -25.49 1.32 -31.30
C VAL D 245 -24.67 0.40 -30.41
N PHE D 246 -25.31 -0.12 -29.36
CA PHE D 246 -24.63 -1.01 -28.41
C PHE D 246 -25.08 -2.43 -28.65
N GLN D 247 -24.13 -3.33 -28.87
CA GLN D 247 -24.40 -4.76 -28.95
C GLN D 247 -24.03 -5.36 -27.60
N ASN D 248 -25.03 -5.78 -26.84
CA ASN D 248 -24.85 -6.22 -25.46
C ASN D 248 -25.08 -7.71 -25.35
N THR D 249 -24.18 -8.40 -24.64
CA THR D 249 -24.30 -9.82 -24.36
C THR D 249 -24.07 -10.05 -22.88
N ILE D 250 -24.92 -10.90 -22.28
CA ILE D 250 -24.73 -11.37 -20.92
C ILE D 250 -24.48 -12.87 -20.98
N ILE D 251 -23.35 -13.31 -20.44
CA ILE D 251 -22.94 -14.70 -20.47
C ILE D 251 -23.01 -15.24 -19.04
N PHE D 252 -23.82 -16.28 -18.84
CA PHE D 252 -23.89 -16.99 -17.57
C PHE D 252 -23.05 -18.26 -17.73
N ASP D 253 -21.80 -18.19 -17.28
CA ASP D 253 -20.78 -19.15 -17.68
C ASP D 253 -20.42 -20.06 -16.51
N ASN D 254 -20.50 -21.37 -16.75
CA ASN D 254 -20.00 -22.38 -15.82
C ASN D 254 -19.25 -23.47 -16.59
N LYS D 255 -18.31 -23.05 -17.44
CA LYS D 255 -17.45 -24.02 -18.11
C LYS D 255 -16.67 -24.87 -17.10
N ALA D 256 -16.30 -24.28 -15.97
CA ALA D 256 -15.53 -24.99 -14.97
C ALA D 256 -16.31 -26.10 -14.28
N HIS D 257 -17.65 -26.00 -14.24
CA HIS D 257 -18.51 -26.95 -13.54
C HIS D 257 -18.11 -27.10 -12.07
N SER D 258 -17.55 -26.06 -11.47
CA SER D 258 -17.08 -26.10 -10.09
C SER D 258 -18.12 -25.58 -9.10
N GLY D 259 -19.37 -25.44 -9.52
CA GLY D 259 -20.42 -24.95 -8.66
C GLY D 259 -20.62 -23.46 -8.62
N LYS D 260 -19.84 -22.71 -9.40
CA LYS D 260 -20.03 -21.27 -9.53
C LYS D 260 -20.30 -20.92 -11.00
N ILE D 261 -21.28 -20.05 -11.22
CA ILE D 261 -21.55 -19.47 -12.53
C ILE D 261 -20.99 -18.06 -12.55
N LYS D 262 -20.09 -17.79 -13.50
CA LYS D 262 -19.55 -16.45 -13.70
C LYS D 262 -20.41 -15.69 -14.69
N ILE D 263 -20.72 -14.45 -14.37
CA ILE D 263 -21.63 -13.63 -15.17
C ILE D 263 -20.81 -12.54 -15.83
N TYR D 264 -20.73 -12.57 -17.16
CA TYR D 264 -19.99 -11.60 -17.95
C TYR D 264 -20.96 -10.66 -18.66
N PHE D 265 -20.67 -9.36 -18.59
CA PHE D 265 -21.38 -8.37 -19.39
C PHE D 265 -20.41 -7.70 -20.34
N ASP D 266 -20.75 -7.68 -21.63
CA ASP D 266 -19.92 -7.08 -22.66
C ASP D 266 -20.77 -6.17 -23.52
N SER D 267 -20.20 -5.04 -23.95
CA SER D 267 -20.89 -4.08 -24.79
C SER D 267 -19.97 -3.65 -25.93
N ASP D 268 -20.45 -3.77 -27.16
CA ASP D 268 -19.72 -3.35 -28.35
C ASP D 268 -20.47 -2.20 -28.99
N ALA D 269 -19.83 -1.03 -29.05
CA ALA D 269 -20.46 0.21 -29.50
C ALA D 269 -19.95 0.62 -30.87
N LYS D 270 -20.89 0.91 -31.78
CA LYS D 270 -20.57 1.43 -33.10
C LYS D 270 -21.30 2.76 -33.31
N ILE D 271 -20.69 3.63 -34.13
CA ILE D 271 -21.25 4.97 -34.33
C ILE D 271 -22.52 4.93 -35.19
N GLU D 272 -22.55 4.10 -36.23
CA GLU D 272 -23.67 4.00 -37.18
C GLU D 272 -23.95 5.40 -37.74
N GLU D 273 -25.18 5.89 -37.72
CA GLU D 273 -25.52 7.16 -38.35
C GLU D 273 -26.68 7.83 -37.62
N CYS D 274 -26.59 9.16 -37.49
CA CYS D 274 -27.65 9.97 -36.90
C CYS D 274 -28.70 10.32 -37.97
N LYS D 275 -29.41 9.27 -38.41
CA LYS D 275 -30.12 9.34 -39.68
C LYS D 275 -31.48 10.03 -39.62
N ASP D 276 -32.10 10.02 -38.44
CA ASP D 276 -33.43 10.68 -38.27
C ASP D 276 -33.46 11.40 -36.91
N LEU D 277 -33.17 12.70 -36.88
CA LEU D 277 -33.25 13.50 -35.63
C LEU D 277 -33.61 14.93 -36.00
N ASN D 278 -34.34 15.63 -35.12
CA ASN D 278 -34.82 17.01 -35.46
C ASN D 278 -34.05 18.03 -34.62
N ILE D 279 -32.92 17.64 -34.03
CA ILE D 279 -32.13 18.54 -33.16
C ILE D 279 -31.54 19.67 -34.02
N PHE D 280 -32.03 20.90 -33.87
CA PHE D 280 -31.57 22.04 -34.69
C PHE D 280 -30.11 22.34 -34.38
N GLY D 281 -29.35 22.80 -35.38
CA GLY D 281 -27.91 23.09 -35.18
C GLY D 281 -27.14 22.97 -36.47
N SER D 282 -25.96 22.31 -36.43
CA SER D 282 -25.12 22.14 -37.65
C SER D 282 -24.48 20.74 -37.65
N THR D 283 -24.07 20.25 -38.83
CA THR D 283 -23.44 18.92 -38.93
C THR D 283 -21.96 19.02 -38.59
N GLN D 284 -21.22 17.91 -38.65
CA GLN D 284 -19.79 17.96 -38.25
C GLN D 284 -18.91 17.48 -39.40
N LYS D 285 -18.29 18.43 -40.12
CA LYS D 285 -17.37 18.08 -41.24
C LYS D 285 -15.98 18.66 -40.93
N ASN D 286 -15.61 18.66 -39.66
CA ASN D 286 -14.28 19.19 -39.25
C ASN D 286 -13.20 18.22 -39.71
N ALA D 287 -13.60 17.05 -40.21
CA ALA D 287 -12.62 16.08 -40.75
C ALA D 287 -11.61 16.79 -41.66
N GLN D 288 -12.12 17.65 -42.56
CA GLN D 288 -11.22 18.44 -43.43
C GLN D 288 -10.10 19.01 -42.56
N TYR D 289 -10.45 19.72 -41.49
CA TYR D 289 -9.42 20.36 -40.64
C TYR D 289 -8.45 19.30 -40.09
N VAL D 290 -8.99 18.26 -39.47
CA VAL D 290 -8.13 17.20 -38.85
C VAL D 290 -7.32 16.49 -39.95
N LEU D 291 -7.93 16.26 -41.11
CA LEU D 291 -7.23 15.51 -42.19
C LEU D 291 -6.09 16.36 -42.77
N VAL D 292 -6.23 17.69 -42.73
CA VAL D 292 -5.20 18.59 -43.33
C VAL D 292 -4.04 18.72 -42.35
N PHE D 293 -4.31 18.69 -41.04
CA PHE D 293 -3.21 18.71 -40.10
C PHE D 293 -2.42 17.40 -40.14
N ASP D 294 -3.11 16.27 -40.28
CA ASP D 294 -2.40 15.00 -40.43
C ASP D 294 -1.58 14.96 -41.71
N ALA D 295 -2.12 15.53 -42.79
CA ALA D 295 -1.35 15.63 -44.03
C ALA D 295 -0.11 16.50 -43.83
N PHE D 296 -0.24 17.61 -43.11
CA PHE D 296 0.92 18.46 -42.83
C PHE D 296 1.97 17.70 -42.02
N VAL D 297 1.53 16.95 -41.01
CA VAL D 297 2.45 16.18 -40.19
C VAL D 297 3.18 15.14 -41.04
N ILE D 298 2.44 14.45 -41.91
CA ILE D 298 3.05 13.45 -42.79
C ILE D 298 4.10 14.09 -43.69
N VAL D 299 3.76 15.25 -44.28
CA VAL D 299 4.69 15.92 -45.17
C VAL D 299 5.96 16.34 -44.45
N ILE D 300 5.81 16.91 -43.25
CA ILE D 300 6.98 17.37 -42.50
C ILE D 300 7.87 16.20 -42.09
N CYS D 301 7.26 15.10 -41.63
CA CYS D 301 8.05 13.93 -41.26
C CYS D 301 8.77 13.34 -42.47
N LEU D 302 8.11 13.35 -43.64
CA LEU D 302 8.74 12.87 -44.86
C LEU D 302 9.96 13.71 -45.21
N ALA D 303 9.82 15.04 -45.11
CA ALA D 303 10.95 15.92 -45.40
C ALA D 303 12.10 15.67 -44.43
N SER D 304 11.78 15.53 -43.14
CA SER D 304 12.82 15.26 -42.15
C SER D 304 13.54 13.94 -42.43
N LEU D 305 12.78 12.91 -42.80
CA LEU D 305 13.38 11.62 -43.12
C LEU D 305 14.31 11.72 -44.33
N ILE D 306 13.87 12.42 -45.37
CA ILE D 306 14.69 12.57 -46.57
C ILE D 306 16.00 13.30 -46.23
N LEU D 307 15.89 14.38 -45.46
CA LEU D 307 17.09 15.14 -45.10
C LEU D 307 18.04 14.34 -44.23
N CYS D 308 17.52 13.55 -43.29
CA CYS D 308 18.39 12.75 -42.43
C CYS D 308 19.10 11.66 -43.22
N THR D 309 18.39 11.01 -44.14
CA THR D 309 19.04 10.01 -44.98
C THR D 309 20.10 10.65 -45.87
N ARG D 310 19.83 11.85 -46.39
CA ARG D 310 20.84 12.56 -47.17
C ARG D 310 22.07 12.88 -46.33
N SER D 311 21.86 13.30 -45.09
CA SER D 311 22.99 13.58 -44.21
C SER D 311 23.81 12.32 -43.96
N ILE D 312 23.14 11.17 -43.78
CA ILE D 312 23.86 9.92 -43.57
C ILE D 312 24.68 9.55 -44.81
N VAL D 313 24.09 9.73 -46.00
CA VAL D 313 24.80 9.45 -47.24
C VAL D 313 26.04 10.33 -47.36
N LEU D 314 25.90 11.62 -47.05
CA LEU D 314 27.04 12.53 -47.13
C LEU D 314 28.12 12.15 -46.12
N ALA D 315 27.73 11.74 -44.92
CA ALA D 315 28.70 11.30 -43.93
C ALA D 315 29.44 10.06 -44.40
N LEU D 316 28.73 9.12 -45.03
CA LEU D 316 29.39 7.93 -45.57
C LEU D 316 30.35 8.29 -46.71
N ARG D 317 29.99 9.24 -47.56
CA ARG D 317 30.92 9.69 -48.59
C ARG D 317 32.15 10.32 -47.98
N LEU D 318 31.98 11.10 -46.92
CA LEU D 318 33.12 11.65 -46.19
C LEU D 318 33.99 10.54 -45.63
N ARG D 319 33.38 9.49 -45.08
CA ARG D 319 34.14 8.39 -44.52
C ARG D 319 34.97 7.69 -45.58
N LYS D 320 34.36 7.43 -46.74
CA LYS D 320 35.09 6.76 -47.82
C LYS D 320 36.20 7.65 -48.37
N ARG D 321 35.95 8.96 -48.44
CA ARG D 321 36.99 9.89 -48.86
C ARG D 321 38.16 9.90 -47.89
N PHE D 322 37.87 9.84 -46.58
CA PHE D 322 38.92 9.75 -45.57
C PHE D 322 39.69 8.44 -45.71
N LEU D 323 38.98 7.34 -45.94
CA LEU D 323 39.65 6.05 -46.09
C LEU D 323 40.57 6.04 -47.32
N ASN D 324 40.13 6.68 -48.41
CA ASN D 324 40.93 6.68 -49.63
C ASN D 324 42.05 7.71 -49.61
N PHE D 325 41.93 8.76 -48.80
CA PHE D 325 42.87 9.87 -48.90
C PHE D 325 44.27 9.48 -48.43
N PHE D 326 44.37 8.88 -47.24
CA PHE D 326 45.67 8.63 -46.65
C PHE D 326 45.61 7.43 -45.73
N LEU D 327 46.76 6.80 -45.55
CA LEU D 327 46.91 5.68 -44.62
C LEU D 327 46.68 6.14 -43.19
N ASP D 338 40.41 10.22 -35.48
CA ASP D 338 39.19 9.86 -36.20
C ASP D 338 38.78 8.42 -35.90
N GLN D 339 37.54 8.09 -36.26
CA GLN D 339 36.99 6.76 -35.97
C GLN D 339 36.07 6.37 -37.12
N TRP D 340 35.87 5.06 -37.27
CA TRP D 340 34.98 4.55 -38.31
C TRP D 340 33.56 5.06 -38.18
N GLU D 341 33.13 5.43 -36.97
CA GLU D 341 31.75 5.82 -36.72
C GLU D 341 31.51 7.27 -37.17
N PHE D 342 31.47 7.45 -38.50
CA PHE D 342 31.04 8.70 -39.08
C PHE D 342 29.54 8.90 -38.99
N ILE D 343 28.78 7.81 -38.85
CA ILE D 343 27.33 7.88 -38.79
C ILE D 343 26.90 8.44 -37.44
N ASN D 344 26.15 9.54 -37.47
CA ASN D 344 25.58 10.11 -36.26
C ASN D 344 24.41 9.24 -35.82
N GLY D 345 24.52 8.63 -34.64
CA GLY D 345 23.49 7.73 -34.15
C GLY D 345 22.16 8.39 -33.89
N TRP D 346 22.14 9.70 -33.67
CA TRP D 346 20.88 10.40 -33.47
C TRP D 346 20.03 10.42 -34.74
N TYR D 347 20.67 10.36 -35.91
CA TYR D 347 19.93 10.32 -37.16
C TYR D 347 19.08 9.06 -37.28
N VAL D 348 19.59 7.92 -36.81
CA VAL D 348 18.84 6.67 -36.88
C VAL D 348 17.55 6.78 -36.06
N LEU D 349 17.66 7.34 -34.85
CA LEU D 349 16.49 7.53 -34.00
C LEU D 349 15.47 8.46 -34.66
N VAL D 350 15.94 9.51 -35.33
CA VAL D 350 15.06 10.44 -36.02
C VAL D 350 14.33 9.72 -37.16
N ILE D 351 15.05 8.89 -37.92
CA ILE D 351 14.43 8.15 -39.02
C ILE D 351 13.37 7.20 -38.50
N ILE D 352 13.67 6.48 -37.42
CA ILE D 352 12.69 5.57 -36.83
C ILE D 352 11.45 6.34 -36.38
N SER D 353 11.66 7.49 -35.72
CA SER D 353 10.54 8.26 -35.23
C SER D 353 9.69 8.81 -36.37
N ASP D 354 10.34 9.24 -37.46
CA ASP D 354 9.60 9.76 -38.61
C ASP D 354 8.78 8.65 -39.28
N LEU D 355 9.36 7.46 -39.42
CA LEU D 355 8.61 6.34 -40.00
C LEU D 355 7.40 6.01 -39.14
N MET D 356 7.59 5.91 -37.82
CA MET D 356 6.47 5.60 -36.94
C MET D 356 5.41 6.69 -36.97
N THR D 357 5.81 7.97 -37.00
CA THR D 357 4.85 9.05 -37.07
C THR D 357 4.05 9.00 -38.37
N ILE D 358 4.72 8.74 -39.49
CA ILE D 358 4.03 8.66 -40.77
C ILE D 358 2.98 7.56 -40.75
N ILE D 359 3.39 6.36 -40.34
CA ILE D 359 2.45 5.23 -40.39
C ILE D 359 1.32 5.42 -39.38
N GLY D 360 1.62 5.98 -38.21
CA GLY D 360 0.58 6.26 -37.23
C GLY D 360 -0.41 7.31 -37.70
N SER D 361 0.07 8.32 -38.42
CA SER D 361 -0.84 9.32 -38.98
C SER D 361 -1.72 8.71 -40.07
N ILE D 362 -1.15 7.82 -40.90
CA ILE D 362 -1.96 7.12 -41.89
C ILE D 362 -3.03 6.29 -41.20
N LEU D 363 -2.66 5.57 -40.14
CA LEU D 363 -3.63 4.77 -39.40
C LEU D 363 -4.72 5.65 -38.81
N LYS D 364 -4.36 6.81 -38.25
CA LYS D 364 -5.35 7.71 -37.68
C LYS D 364 -6.32 8.22 -38.75
N MET D 365 -5.78 8.60 -39.91
CA MET D 365 -6.65 9.06 -40.99
C MET D 365 -7.58 7.94 -41.45
N GLU D 366 -7.07 6.71 -41.52
CA GLU D 366 -7.92 5.57 -41.89
C GLU D 366 -9.04 5.37 -40.87
N ILE D 367 -8.70 5.43 -39.58
CA ILE D 367 -9.70 5.22 -38.53
C ILE D 367 -10.77 6.30 -38.60
N LYS D 368 -10.38 7.55 -38.81
CA LYS D 368 -11.36 8.63 -38.89
C LYS D 368 -12.21 8.51 -40.16
N ALA D 369 -11.60 8.13 -41.27
CA ALA D 369 -12.34 8.01 -42.52
C ALA D 369 -13.36 6.89 -42.46
N LYS D 370 -13.00 5.77 -41.82
CA LYS D 370 -13.92 4.65 -41.66
C LYS D 370 -14.75 4.74 -40.39
N ASN D 371 -14.60 5.82 -39.63
CA ASN D 371 -15.44 6.11 -38.46
C ASN D 371 -15.35 5.00 -37.41
N LEU D 372 -14.14 4.47 -37.23
CA LEU D 372 -13.90 3.46 -36.21
C LEU D 372 -13.70 4.12 -34.84
N THR D 373 -13.71 3.28 -33.79
CA THR D 373 -13.54 3.76 -32.43
C THR D 373 -12.51 2.95 -31.65
N ASN D 374 -11.66 2.18 -32.33
CA ASN D 374 -10.58 1.44 -31.71
C ASN D 374 -9.25 2.09 -32.08
N TYR D 375 -8.43 2.39 -31.07
CA TYR D 375 -7.26 3.22 -31.26
C TYR D 375 -5.94 2.60 -30.81
N ASP D 376 -5.89 1.30 -30.51
CA ASP D 376 -4.73 0.74 -29.84
C ASP D 376 -3.45 0.87 -30.66
N LEU D 377 -3.48 0.39 -31.92
CA LEU D 377 -2.25 0.35 -32.70
C LEU D 377 -1.79 1.75 -33.10
N CYS D 378 -2.73 2.60 -33.50
CA CYS D 378 -2.39 3.98 -33.82
C CYS D 378 -1.85 4.71 -32.60
N SER D 379 -2.45 4.49 -31.43
CA SER D 379 -1.94 5.09 -30.21
C SER D 379 -0.53 4.62 -29.92
N ILE D 380 -0.25 3.33 -30.10
CA ILE D 380 1.09 2.83 -29.85
C ILE D 380 2.09 3.50 -30.78
N PHE D 381 1.77 3.57 -32.07
CA PHE D 381 2.71 4.15 -33.03
C PHE D 381 2.97 5.61 -32.72
N LEU D 382 1.90 6.40 -32.53
CA LEU D 382 2.06 7.82 -32.28
C LEU D 382 2.76 8.10 -30.96
N GLY D 383 2.43 7.34 -29.92
CA GLY D 383 3.05 7.56 -28.62
C GLY D 383 4.52 7.22 -28.62
N THR D 384 4.89 6.10 -29.24
CA THR D 384 6.31 5.75 -29.33
C THR D 384 7.05 6.77 -30.18
N SER D 385 6.43 7.24 -31.25
CA SER D 385 7.05 8.29 -32.05
C SER D 385 7.29 9.55 -31.22
N THR D 386 6.31 9.96 -30.43
CA THR D 386 6.47 11.15 -29.60
C THR D 386 7.56 10.94 -28.55
N LEU D 387 7.58 9.76 -27.92
CA LEU D 387 8.61 9.46 -26.93
C LEU D 387 9.99 9.57 -27.54
N LEU D 388 10.19 8.97 -28.72
CA LEU D 388 11.50 9.06 -29.36
C LEU D 388 11.81 10.48 -29.84
N VAL D 389 10.79 11.27 -30.19
CA VAL D 389 11.00 12.65 -30.60
C VAL D 389 11.52 13.48 -29.44
N TRP D 390 10.96 13.28 -28.24
CA TRP D 390 11.41 14.07 -27.10
C TRP D 390 12.76 13.60 -26.59
N VAL D 391 13.07 12.31 -26.71
CA VAL D 391 14.39 11.82 -26.36
C VAL D 391 15.45 12.45 -27.26
N GLY D 392 15.12 12.67 -28.53
CA GLY D 392 16.05 13.27 -29.48
C GLY D 392 16.40 14.72 -29.20
N VAL D 393 15.72 15.37 -28.26
CA VAL D 393 16.08 16.74 -27.88
C VAL D 393 17.43 16.75 -27.18
N ILE D 394 17.81 15.64 -26.54
CA ILE D 394 19.08 15.55 -25.84
C ILE D 394 20.25 15.82 -26.79
N ARG D 395 20.07 15.54 -28.08
CA ARG D 395 21.12 15.85 -29.06
C ARG D 395 21.48 17.33 -29.03
N TYR D 396 20.50 18.20 -28.83
CA TYR D 396 20.75 19.64 -28.79
C TYR D 396 21.35 20.09 -27.47
N LEU D 397 21.16 19.34 -26.39
CA LEU D 397 21.84 19.62 -25.13
C LEU D 397 23.30 19.21 -25.17
N GLY D 398 23.63 18.18 -25.97
CA GLY D 398 25.00 17.72 -26.10
C GLY D 398 25.95 18.74 -26.71
N TYR D 399 25.42 19.80 -27.32
CA TYR D 399 26.25 20.87 -27.86
C TYR D 399 26.81 21.79 -26.79
N PHE D 400 26.60 21.48 -25.52
CA PHE D 400 27.10 22.28 -24.41
C PHE D 400 27.91 21.38 -23.49
N GLN D 401 29.08 21.87 -23.06
CA GLN D 401 30.04 21.04 -22.34
C GLN D 401 29.46 20.49 -21.04
N ALA D 402 28.78 21.34 -20.26
CA ALA D 402 28.32 20.91 -18.95
C ALA D 402 27.34 19.75 -19.03
N TYR D 403 26.60 19.65 -20.14
CA TYR D 403 25.63 18.58 -20.33
C TYR D 403 26.23 17.35 -21.02
N ASN D 404 27.26 17.56 -21.84
CA ASN D 404 27.80 16.46 -22.64
C ASN D 404 28.41 15.36 -21.77
N VAL D 405 29.04 15.73 -20.66
CA VAL D 405 29.72 14.74 -19.84
C VAL D 405 28.75 13.72 -19.26
N LEU D 406 27.53 14.17 -18.91
CA LEU D 406 26.54 13.24 -18.36
C LEU D 406 26.01 12.30 -19.43
N ILE D 407 25.82 12.80 -20.66
CA ILE D 407 25.41 11.96 -21.77
C ILE D 407 26.48 10.90 -22.03
N LEU D 408 27.74 11.32 -22.05
CA LEU D 408 28.83 10.37 -22.25
C LEU D 408 28.90 9.36 -21.10
N THR D 409 28.59 9.80 -19.88
CA THR D 409 28.55 8.88 -18.75
C THR D 409 27.46 7.82 -18.95
N MET D 410 26.28 8.22 -19.40
CA MET D 410 25.22 7.25 -19.65
C MET D 410 25.60 6.29 -20.77
N GLN D 411 26.21 6.81 -21.84
CA GLN D 411 26.64 5.97 -22.95
C GLN D 411 27.68 4.95 -22.50
N ALA D 412 28.63 5.38 -21.66
CA ALA D 412 29.62 4.44 -21.14
C ALA D 412 29.00 3.46 -20.15
N SER D 413 27.94 3.87 -19.45
CA SER D 413 27.34 3.04 -18.43
C SER D 413 26.54 1.88 -19.03
N LEU D 414 25.77 2.15 -20.09
CA LEU D 414 24.81 1.16 -20.59
C LEU D 414 25.41 -0.23 -20.88
N PRO D 415 26.52 -0.38 -21.61
CA PRO D 415 26.97 -1.74 -21.97
C PRO D 415 27.34 -2.62 -20.79
N LYS D 416 28.08 -2.09 -19.82
CA LYS D 416 28.53 -2.92 -18.70
C LYS D 416 27.38 -3.23 -17.75
N VAL D 417 26.43 -2.31 -17.63
CA VAL D 417 25.22 -2.59 -16.86
C VAL D 417 24.42 -3.71 -17.52
N LEU D 418 24.31 -3.71 -18.84
CA LEU D 418 23.62 -4.80 -19.52
C LEU D 418 24.38 -6.12 -19.40
N ARG D 419 25.71 -6.08 -19.44
CA ARG D 419 26.48 -7.31 -19.29
C ARG D 419 26.39 -7.86 -17.87
N PHE D 420 26.17 -7.01 -16.88
CA PHE D 420 25.87 -7.50 -15.54
C PHE D 420 24.42 -7.98 -15.43
N CYS D 421 23.49 -7.34 -16.15
CA CYS D 421 22.13 -7.84 -16.22
C CYS D 421 22.08 -9.25 -16.78
N ALA D 422 23.02 -9.57 -17.68
CA ALA D 422 23.08 -10.91 -18.23
C ALA D 422 23.33 -11.95 -17.14
N CYS D 423 24.22 -11.64 -16.19
CA CYS D 423 24.48 -12.56 -15.09
C CYS D 423 23.31 -12.57 -14.10
N ALA D 424 22.77 -11.39 -13.79
CA ALA D 424 21.67 -11.32 -12.82
C ALA D 424 20.42 -12.03 -13.33
N GLY D 425 20.22 -12.08 -14.65
CA GLY D 425 19.01 -12.65 -15.20
C GLY D 425 18.89 -14.15 -14.99
N MET D 426 20.01 -14.86 -14.87
CA MET D 426 19.92 -16.30 -14.64
C MET D 426 19.45 -16.61 -13.23
N ILE D 427 19.97 -15.89 -12.24
CA ILE D 427 19.46 -16.00 -10.88
C ILE D 427 17.99 -15.61 -10.84
N TYR D 428 17.64 -14.54 -11.56
CA TYR D 428 16.25 -14.11 -11.63
C TYR D 428 15.35 -15.19 -12.21
N LEU D 429 15.79 -15.86 -13.28
CA LEU D 429 14.99 -16.92 -13.89
C LEU D 429 14.84 -18.12 -12.95
N GLY D 430 15.93 -18.53 -12.32
CA GLY D 430 15.83 -19.64 -11.38
C GLY D 430 14.86 -19.36 -10.25
N TYR D 431 14.95 -18.15 -9.67
CA TYR D 431 14.03 -17.78 -8.62
C TYR D 431 12.60 -17.69 -9.12
N THR D 432 12.39 -17.22 -10.35
CA THR D 432 11.04 -17.15 -10.91
C THR D 432 10.44 -18.54 -11.02
N PHE D 433 11.19 -19.48 -11.58
CA PHE D 433 10.68 -20.85 -11.72
C PHE D 433 10.40 -21.49 -10.37
N CYS D 434 11.34 -21.33 -9.43
CA CYS D 434 11.15 -21.95 -8.12
C CYS D 434 9.97 -21.37 -7.36
N GLY D 435 9.81 -20.04 -7.40
CA GLY D 435 8.69 -19.42 -6.73
C GLY D 435 7.36 -19.79 -7.37
N TRP D 436 7.32 -19.89 -8.70
CA TRP D 436 6.10 -20.31 -9.37
C TRP D 436 5.73 -21.73 -8.97
N ILE D 437 6.72 -22.64 -8.97
CA ILE D 437 6.41 -24.04 -8.70
C ILE D 437 6.01 -24.24 -7.23
N VAL D 438 6.65 -23.52 -6.31
CA VAL D 438 6.42 -23.78 -4.89
C VAL D 438 5.31 -22.90 -4.33
N LEU D 439 5.47 -21.59 -4.43
CA LEU D 439 4.55 -20.66 -3.76
C LEU D 439 3.27 -20.40 -4.54
N GLY D 440 3.21 -20.81 -5.81
CA GLY D 440 2.06 -20.57 -6.64
C GLY D 440 0.74 -21.09 -6.12
N PRO D 441 0.66 -22.34 -5.66
CA PRO D 441 -0.60 -22.83 -5.07
C PRO D 441 -1.00 -22.15 -3.78
N TYR D 442 -0.12 -21.35 -3.16
CA TYR D 442 -0.42 -20.76 -1.87
C TYR D 442 -0.31 -19.25 -1.84
N HIS D 443 -0.07 -18.58 -2.97
CA HIS D 443 0.19 -17.15 -2.96
C HIS D 443 -0.36 -16.54 -4.23
N ASP D 444 -1.17 -15.49 -4.09
CA ASP D 444 -1.78 -14.85 -5.26
C ASP D 444 -0.74 -14.19 -6.15
N LYS D 445 0.37 -13.74 -5.58
CA LYS D 445 1.41 -13.07 -6.36
C LYS D 445 2.28 -14.05 -7.12
N PHE D 446 2.13 -15.35 -6.91
CA PHE D 446 2.96 -16.35 -7.57
C PHE D 446 2.13 -17.33 -8.41
N GLU D 447 0.87 -16.99 -8.71
CA GLU D 447 -0.02 -17.95 -9.38
C GLU D 447 0.53 -18.37 -10.74
N ASN D 448 1.02 -17.42 -11.54
CA ASN D 448 1.54 -17.72 -12.85
C ASN D 448 2.84 -16.96 -13.07
N LEU D 449 3.60 -17.41 -14.06
CA LEU D 449 5.01 -17.02 -14.21
C LEU D 449 5.19 -15.51 -14.41
N ASN D 450 4.32 -14.89 -15.20
CA ASN D 450 4.48 -13.45 -15.44
C ASN D 450 4.19 -12.65 -14.18
N THR D 451 3.19 -13.08 -13.40
CA THR D 451 2.94 -12.46 -12.11
C THR D 451 4.13 -12.65 -11.17
N VAL D 452 4.76 -13.84 -11.22
CA VAL D 452 5.95 -14.08 -10.42
C VAL D 452 7.06 -13.11 -10.80
N ALA D 453 7.28 -12.93 -12.11
CA ALA D 453 8.34 -12.05 -12.56
C ALA D 453 8.09 -10.60 -12.16
N GLU D 454 6.85 -10.13 -12.29
CA GLU D 454 6.54 -8.76 -11.91
C GLU D 454 6.60 -8.58 -10.39
N CYS D 455 6.18 -9.59 -9.64
CA CYS D 455 6.29 -9.54 -8.19
C CYS D 455 7.75 -9.45 -7.76
N LEU D 456 8.60 -10.27 -8.35
CA LEU D 456 10.03 -10.23 -8.01
C LEU D 456 10.65 -8.89 -8.41
N PHE D 457 10.27 -8.35 -9.57
CA PHE D 457 10.81 -7.06 -10.00
C PHE D 457 10.39 -5.95 -9.04
N SER D 458 9.13 -5.96 -8.61
CA SER D 458 8.68 -4.99 -7.62
C SER D 458 9.40 -5.20 -6.29
N LEU D 459 9.64 -6.47 -5.93
CA LEU D 459 10.28 -6.80 -4.65
C LEU D 459 11.72 -6.32 -4.61
N VAL D 460 12.43 -6.38 -5.74
CA VAL D 460 13.79 -5.85 -5.79
C VAL D 460 13.79 -4.36 -5.49
N ASN D 461 12.73 -3.65 -5.87
CA ASN D 461 12.59 -2.23 -5.62
C ASN D 461 11.88 -1.94 -4.31
N GLY D 462 11.73 -2.93 -3.43
CA GLY D 462 11.21 -2.72 -2.09
C GLY D 462 9.72 -2.53 -1.98
N ASP D 463 8.96 -2.80 -3.04
CA ASP D 463 7.53 -2.53 -3.01
C ASP D 463 6.74 -3.69 -2.42
N ASP D 464 5.81 -3.37 -1.53
CA ASP D 464 4.82 -4.33 -1.00
C ASP D 464 5.47 -5.54 -0.35
N MET D 465 6.58 -5.32 0.36
CA MET D 465 7.36 -6.43 0.90
C MET D 465 6.64 -7.13 2.05
N PHE D 466 6.12 -6.36 3.01
CA PHE D 466 5.49 -6.96 4.18
C PHE D 466 4.23 -7.72 3.81
N ALA D 467 3.43 -7.17 2.89
CA ALA D 467 2.25 -7.88 2.42
C ALA D 467 2.64 -9.17 1.71
N THR D 468 3.73 -9.14 0.95
CA THR D 468 4.23 -10.36 0.31
C THR D 468 4.60 -11.41 1.35
N PHE D 469 5.25 -11.00 2.44
CA PHE D 469 5.57 -11.94 3.51
C PHE D 469 4.31 -12.48 4.17
N ALA D 470 3.33 -11.61 4.44
CA ALA D 470 2.16 -12.00 5.21
C ALA D 470 1.11 -12.75 4.40
N GLN D 471 1.17 -12.69 3.07
CA GLN D 471 0.09 -13.19 2.23
C GLN D 471 0.01 -14.70 2.14
N ILE D 472 0.99 -15.43 2.67
CA ILE D 472 1.05 -16.88 2.55
C ILE D 472 0.73 -17.50 3.91
N GLN D 473 -0.27 -18.37 3.93
CA GLN D 473 -0.72 -18.97 5.19
C GLN D 473 0.27 -19.98 5.72
N GLN D 474 0.25 -20.16 7.04
CA GLN D 474 1.04 -21.17 7.73
C GLN D 474 0.32 -22.51 7.82
N LYS D 475 -0.65 -22.76 6.93
CA LYS D 475 -1.38 -24.02 6.94
C LYS D 475 -0.42 -25.19 6.71
N SER D 476 0.48 -25.06 5.75
CA SER D 476 1.55 -26.02 5.52
C SER D 476 2.86 -25.43 6.05
N ILE D 477 3.44 -26.08 7.06
CA ILE D 477 4.62 -25.53 7.71
C ILE D 477 5.83 -25.60 6.80
N LEU D 478 5.94 -26.67 6.00
CA LEU D 478 7.08 -26.82 5.10
C LEU D 478 7.12 -25.71 4.07
N VAL D 479 5.95 -25.41 3.47
CA VAL D 479 5.88 -24.36 2.45
C VAL D 479 6.14 -23.00 3.08
N TRP D 480 5.68 -22.79 4.31
CA TRP D 480 5.90 -21.51 4.99
C TRP D 480 7.39 -21.29 5.26
N LEU D 481 8.07 -22.32 5.78
CA LEU D 481 9.51 -22.21 6.01
C LEU D 481 10.25 -21.97 4.71
N PHE D 482 9.88 -22.69 3.65
CA PHE D 482 10.52 -22.49 2.36
C PHE D 482 10.27 -21.08 1.84
N SER D 483 9.06 -20.55 2.03
CA SER D 483 8.77 -19.19 1.59
C SER D 483 9.62 -18.18 2.34
N ARG D 484 9.84 -18.39 3.63
CA ARG D 484 10.68 -17.47 4.38
C ARG D 484 12.12 -17.51 3.86
N LEU D 485 12.66 -18.71 3.69
CA LEU D 485 14.02 -18.84 3.16
C LEU D 485 14.13 -18.19 1.79
N TYR D 486 13.17 -18.48 0.91
CA TYR D 486 13.16 -17.98 -0.46
C TYR D 486 13.12 -16.45 -0.49
N LEU D 487 12.16 -15.86 0.22
CA LEU D 487 12.02 -14.41 0.21
C LEU D 487 13.22 -13.72 0.81
N TYR D 488 13.72 -14.21 1.95
CA TYR D 488 14.88 -13.58 2.56
C TYR D 488 16.09 -13.64 1.63
N SER D 489 16.35 -14.81 1.03
CA SER D 489 17.52 -14.95 0.17
C SER D 489 17.40 -14.02 -1.05
N PHE D 490 16.25 -14.05 -1.73
CA PHE D 490 16.10 -13.22 -2.92
C PHE D 490 16.23 -11.74 -2.61
N ILE D 491 15.47 -11.25 -1.63
CA ILE D 491 15.47 -9.83 -1.33
C ILE D 491 16.86 -9.40 -0.91
N SER D 492 17.51 -10.16 -0.04
CA SER D 492 18.83 -9.80 0.43
C SER D 492 19.83 -9.75 -0.72
N LEU D 493 19.91 -10.82 -1.51
CA LEU D 493 20.88 -10.87 -2.58
C LEU D 493 20.68 -9.72 -3.56
N PHE D 494 19.46 -9.52 -4.03
CA PHE D 494 19.27 -8.54 -5.10
C PHE D 494 19.38 -7.11 -4.61
N ILE D 495 18.77 -6.79 -3.46
CA ILE D 495 18.83 -5.41 -2.99
C ILE D 495 20.22 -5.05 -2.51
N TYR D 496 20.85 -5.92 -1.71
CA TYR D 496 22.08 -5.53 -1.05
C TYR D 496 23.34 -5.91 -1.84
N MET D 497 23.22 -6.60 -2.96
CA MET D 497 24.47 -6.88 -3.70
C MET D 497 24.38 -6.44 -5.17
N ILE D 498 23.39 -6.91 -5.89
CA ILE D 498 23.25 -6.58 -7.35
C ILE D 498 23.00 -5.08 -7.54
N LEU D 499 22.10 -4.50 -6.78
CA LEU D 499 21.79 -3.08 -6.98
C LEU D 499 23.00 -2.25 -6.55
N SER D 500 23.77 -2.75 -5.59
CA SER D 500 24.97 -2.04 -5.11
C SER D 500 26.04 -2.07 -6.22
N LEU D 501 26.16 -3.18 -6.94
CA LEU D 501 27.12 -3.24 -8.08
C LEU D 501 26.61 -2.37 -9.23
N PHE D 502 25.29 -2.22 -9.39
CA PHE D 502 24.78 -1.28 -10.41
C PHE D 502 25.18 0.14 -10.04
N ILE D 503 25.14 0.50 -8.75
CA ILE D 503 25.58 1.87 -8.31
C ILE D 503 27.10 2.04 -8.53
N ALA D 504 27.91 1.02 -8.24
CA ALA D 504 29.36 1.08 -8.40
C ALA D 504 29.76 1.23 -9.86
N LEU D 505 29.10 0.51 -10.77
CA LEU D 505 29.40 0.65 -12.19
C LEU D 505 29.11 2.06 -12.68
N ILE D 506 27.97 2.63 -12.27
CA ILE D 506 27.62 3.99 -12.70
C ILE D 506 28.65 4.98 -12.20
N THR D 507 29.04 4.86 -10.93
CA THR D 507 30.02 5.77 -10.36
C THR D 507 31.37 5.66 -11.06
N ASP D 508 31.81 4.44 -11.36
CA ASP D 508 33.08 4.28 -12.06
C ASP D 508 33.02 4.85 -13.47
N SER D 509 31.89 4.70 -14.16
CA SER D 509 31.75 5.31 -15.48
C SER D 509 31.84 6.82 -15.40
N TYR D 510 31.18 7.41 -14.41
CA TYR D 510 31.24 8.86 -14.23
C TYR D 510 32.67 9.32 -13.95
N ASP D 511 33.38 8.59 -13.09
CA ASP D 511 34.76 8.98 -12.79
C ASP D 511 35.64 8.89 -14.03
N THR D 512 35.47 7.83 -14.83
CA THR D 512 36.28 7.69 -16.04
C THR D 512 36.02 8.84 -17.00
N ILE D 513 34.76 9.12 -17.29
CA ILE D 513 34.43 10.18 -18.24
C ILE D 513 34.92 11.54 -17.73
N LYS D 514 34.70 11.82 -16.44
CA LYS D 514 35.10 13.10 -15.89
C LYS D 514 36.61 13.29 -15.93
N LYS D 515 37.37 12.25 -15.56
CA LYS D 515 38.82 12.40 -15.60
C LYS D 515 39.33 12.50 -17.04
N PHE D 516 38.67 11.85 -17.99
CA PHE D 516 39.05 12.03 -19.39
C PHE D 516 38.80 13.47 -19.85
N GLN D 517 37.65 14.03 -19.47
CA GLN D 517 37.32 15.38 -19.90
C GLN D 517 38.21 16.41 -19.22
N GLN D 518 38.57 16.18 -17.95
CA GLN D 518 39.39 17.15 -17.23
C GLN D 518 40.85 17.07 -17.66
N ASN D 519 41.43 15.87 -17.68
CA ASN D 519 42.85 15.75 -17.99
C ASN D 519 43.13 15.91 -19.48
N GLY D 520 42.20 15.53 -20.33
CA GLY D 520 42.39 15.60 -21.77
C GLY D 520 43.21 14.44 -22.30
C1 A1IV3 E . 21.60 -13.51 1.23
C3 A1IV3 E . 22.42 -11.60 2.37
C5 A1IV3 E . 23.74 -10.05 1.10
C6 A1IV3 E . 23.57 -9.10 2.08
C7 A1IV3 E . 22.83 -9.38 3.20
C8 A1IV3 E . 22.25 -10.63 3.37
C10 A1IV3 E . 20.39 -10.21 4.73
C11 A1IV3 E . 19.59 -10.41 6.02
C13 A1IV3 E . 19.15 -11.70 7.28
C14 A1IV3 E . 17.70 -12.32 6.77
C15 A1IV3 E . 16.84 -12.69 7.94
C16 A1IV3 E . 16.51 -11.38 8.82
C23 A1IV3 E . 19.88 -7.38 8.16
C24 A1IV3 E . 20.65 -6.91 7.11
C25 A1IV3 E . 20.10 -6.01 6.22
C26 A1IV3 E . 18.80 -5.58 6.39
C27 A1IV3 E . 18.04 -6.04 7.44
C28 A1IV3 E . 18.58 -6.95 8.34
C17 A1IV3 E . 17.90 -10.71 9.38
C18 A1IV3 E . 18.95 -10.45 8.31
C29 A1IV3 E . 20.75 -11.92 6.51
C30 A1IV3 E . 21.37 -11.98 5.12
C4 A1IV3 E . 23.17 -11.31 1.25
N12 A1IV3 E . 19.67 -11.49 6.47
N19 A1IV3 E . 20.14 -10.16 9.02
N9 A1IV3 E . 21.48 -10.84 4.59
O2 A1IV3 E . 21.86 -12.88 2.45
O21 A1IV3 E . 22.03 -8.41 9.31
O22 A1IV3 E . 20.28 -8.18 10.67
S20 A1IV3 E . 20.59 -8.55 9.31
C1 A1IV3 F . 19.54 7.28 14.66
C3 A1IV3 F . 20.07 8.68 12.81
C5 A1IV3 F . 21.78 7.92 11.31
C6 A1IV3 F . 21.37 8.82 10.37
C7 A1IV3 F . 20.30 9.65 10.63
C8 A1IV3 F . 19.64 9.60 11.85
C10 A1IV3 F . 17.47 10.34 11.34
C11 A1IV3 F . 16.31 11.32 11.53
C13 A1IV3 F . 15.46 12.35 12.80
C14 A1IV3 F . 14.21 11.40 13.34
C15 A1IV3 F . 13.00 12.24 13.68
C16 A1IV3 F . 12.49 13.02 12.36
C23 A1IV3 F . 16.07 13.53 8.53
C24 A1IV3 F . 17.14 12.79 8.09
C25 A1IV3 F . 16.94 11.79 7.15
C26 A1IV3 F . 15.67 11.58 6.67
C27 A1IV3 F . 14.60 12.33 7.10
C28 A1IV3 F . 14.80 13.32 8.04
C17 A1IV3 F . 13.67 14.00 11.77
C18 A1IV3 F . 15.00 13.30 11.56
C29 A1IV3 F . 17.21 12.10 13.09
C30 A1IV3 F . 18.20 10.97 13.17
C4 A1IV3 F . 21.14 7.84 12.54
N12 A1IV3 F . 16.20 11.74 12.62
N19 A1IV3 F . 15.93 14.35 11.34
N9 A1IV3 F . 18.53 10.51 12.04
O2 A1IV3 F . 19.46 8.54 14.06
O21 A1IV3 F . 17.71 15.26 9.70
O22 A1IV3 F . 15.64 16.02 9.39
S20 A1IV3 F . 16.35 14.82 9.77
C1 A1IV3 G . 14.44 20.12 -5.99
C3 A1IV3 G . 15.57 18.57 -7.38
C5 A1IV3 G . 17.62 17.65 -6.56
C6 A1IV3 G . 17.55 16.65 -7.50
C7 A1IV3 G . 16.50 16.60 -8.39
C8 A1IV3 G . 15.51 17.56 -8.35
C10 A1IV3 G . 13.63 16.44 -9.20
C11 A1IV3 G . 12.52 16.29 -10.25
C13 A1IV3 G . 11.35 17.29 -11.30
C14 A1IV3 G . 9.96 17.39 -10.41
C15 A1IV3 G . 8.74 17.36 -11.31
C16 A1IV3 G . 8.69 15.99 -12.13
C23 A1IV3 G . 13.29 13.45 -12.51
C24 A1IV3 G . 14.42 13.33 -11.72
C25 A1IV3 G . 14.47 12.34 -10.76
C26 A1IV3 G . 13.40 11.48 -10.61
C27 A1IV3 G . 12.28 11.59 -11.42
C28 A1IV3 G . 12.23 12.58 -12.38
C17 A1IV3 G . 10.04 15.81 -13.05
C18 A1IV3 G . 11.34 15.99 -12.29
C29 A1IV3 G . 12.91 18.09 -10.95
C30 A1IV3 G . 13.80 18.42 -9.76
C4 A1IV3 G . 16.64 18.61 -6.50
N12 A1IV3 G . 12.09 17.31 -10.65
N19 A1IV3 G . 12.34 16.10 -13.29
N9 A1IV3 G . 14.42 17.42 -9.31
O2 A1IV3 G . 14.59 19.58 -7.27
O21 A1IV3 G . 14.58 15.11 -14.14
O22 A1IV3 G . 12.74 14.21 -15.01
S20 A1IV3 G . 13.24 14.74 -13.76
C1 A1IV3 H . 16.48 -0.65 -19.42
C3 A1IV3 H . 17.91 -1.68 -17.84
C5 A1IV3 H . 19.57 -0.31 -16.78
C6 A1IV3 H . 19.74 -1.26 -15.80
C7 A1IV3 H . 19.01 -2.43 -15.83
C8 A1IV3 H . 18.09 -2.66 -16.85
C10 A1IV3 H . 16.52 -4.09 -15.84
C11 A1IV3 H . 15.77 -5.42 -15.77
C13 A1IV3 H . 15.03 -6.74 -16.83
C14 A1IV3 H . 13.43 -6.31 -17.01
C15 A1IV3 H . 12.57 -7.54 -17.06
C16 A1IV3 H . 12.71 -8.39 -15.69
C23 A1IV3 H . 17.08 -7.43 -12.92
C24 A1IV3 H . 17.89 -6.34 -12.72
C25 A1IV3 H . 17.60 -5.44 -11.72
C26 A1IV3 H . 16.51 -5.65 -10.92
C27 A1IV3 H . 15.69 -6.75 -11.11
C28 A1IV3 H . 15.99 -7.65 -12.11
C17 A1IV3 H . 14.26 -8.86 -15.47
C18 A1IV3 H . 15.27 -7.73 -15.56
C29 A1IV3 H . 16.46 -5.91 -17.55
C30 A1IV3 H . 16.94 -4.49 -17.82
C4 A1IV3 H . 18.65 -0.52 -17.80
N12 A1IV3 H . 15.55 -5.91 -16.81
N19 A1IV3 H . 16.54 -8.37 -15.63
N9 A1IV3 H . 17.36 -3.92 -16.78
O2 A1IV3 H . 16.99 -1.84 -18.88
O21 A1IV3 H . 18.87 -8.53 -14.54
O22 A1IV3 H . 17.35 -9.95 -13.75
S20 A1IV3 H . 17.46 -8.59 -14.23
#